data_8VC1
#
_entry.id   8VC1
#
_cell.length_a   1.00
_cell.length_b   1.00
_cell.length_c   1.00
_cell.angle_alpha   90.00
_cell.angle_beta   90.00
_cell.angle_gamma   90.00
#
_symmetry.space_group_name_H-M   'P 1'
#
loop_
_entity.id
_entity.type
_entity.pdbx_description
1 polymer 'Gustatory receptor'
2 non-polymer '(7R,17E,20E)-4-HYDROXY-N,N,N-TRIMETHYL-9-OXO-7-[(PALMITOYLOXY)METHYL]-3,5,8-TRIOXA-4-PHOSPHAHEXACOSA-17,20-DIEN-1-AMINIUM 4-OXIDE'
3 non-polymer '(7S)-4-HYDROXY-N,N,N-TRIMETHYL-9-OXO-7-[(PALMITOYLOXY)METHYL]-3,5,8-TRIOXA-4-PHOSPHAHEXACOSAN-1-AMINIUM 4-OXIDE'
4 non-polymer (3beta,14beta,17beta,25R)-3-[4-methoxy-3-(methoxymethyl)butoxy]spirost-5-en
#
_entity_poly.entity_id   1
_entity_poly.type   'polypeptide(L)'
_entity_poly.pdbx_seq_one_letter_code
;MGWSHPQFEKGGGSGGGSGGSAWSHPQFEKAALEVLFQGPGTMPPSPDLRADEPKTPCLVGGAHAFILKISSFCGLAPLR
FEPRSQEYAVTISKGKCFYSYILVTFLVICTIYGLVAEIGVGVEKSVRMSSRMSQVVSACDILVVAVTAGVGVYGAPARM
RTMLSYMENIVAVDRELGRHHSAATERKLCALLLLILLSFTILLVDDFCFYAMQAGKTGRQWEIVTNYAGFYFLWYIVMV
LELQFAFTALSLRARLKLFNEALNVTASQVCKPVKKPKNSQLSVYATSVRPVSCKRENVIVETIRVRDKDDAFVMMKTAD
GVPCLQVPPCEAVGRLSRMRCTLCEVTRHIADGYGLPLVIILMSTLLHLIVTPYFLIMEIIVSTHRLHFLVLQFLWCTTH
LIRMLVVVEPCHYTMREGKRTEDIVCRLMTLAPHGGVLSSKLEVLSRLLMLQNISYSPLGMCTLDRPLIVTVLGAVTTYL
VILIQFQRYDS
;
_entity_poly.pdbx_strand_id   A,B,C,D
#
# COMPACT_ATOMS: atom_id res chain seq x y z
N CYS A 58 -35.66 7.12 -21.35
CA CYS A 58 -34.21 7.18 -21.33
C CYS A 58 -33.64 7.27 -22.73
N LEU A 59 -32.57 8.03 -22.90
CA LEU A 59 -31.89 8.19 -24.17
C LEU A 59 -30.39 8.04 -24.00
N VAL A 60 -29.74 7.55 -25.06
CA VAL A 60 -28.29 7.35 -25.03
C VAL A 60 -27.77 7.62 -26.43
N GLY A 61 -26.51 8.08 -26.51
CA GLY A 61 -25.89 8.45 -27.76
C GLY A 61 -24.44 8.02 -27.83
N GLY A 62 -23.82 8.35 -28.96
CA GLY A 62 -22.40 8.19 -29.24
C GLY A 62 -21.91 6.76 -29.23
N ALA A 63 -20.62 6.61 -28.90
CA ALA A 63 -19.98 5.29 -28.85
C ALA A 63 -20.53 4.41 -27.73
N HIS A 64 -21.05 5.00 -26.66
CA HIS A 64 -21.79 4.21 -25.68
C HIS A 64 -23.05 3.59 -26.28
N ALA A 65 -23.86 4.38 -26.97
CA ALA A 65 -25.00 3.82 -27.68
C ALA A 65 -24.61 2.83 -28.77
N PHE A 66 -23.48 3.04 -29.42
CA PHE A 66 -23.03 2.14 -30.47
C PHE A 66 -22.59 0.78 -29.93
N ILE A 67 -21.82 0.75 -28.85
CA ILE A 67 -21.44 -0.51 -28.22
C ILE A 67 -22.63 -1.24 -27.63
N LEU A 68 -23.70 -0.53 -27.26
CA LEU A 68 -24.92 -1.21 -26.81
C LEU A 68 -25.63 -1.92 -27.94
N LYS A 69 -25.61 -1.36 -29.14
CA LYS A 69 -26.08 -2.09 -30.32
C LYS A 69 -25.30 -3.37 -30.54
N ILE A 70 -23.97 -3.26 -30.59
CA ILE A 70 -23.11 -4.44 -30.72
C ILE A 70 -23.37 -5.45 -29.60
N SER A 71 -23.41 -4.96 -28.37
CA SER A 71 -23.66 -5.84 -27.23
C SER A 71 -25.03 -6.50 -27.25
N SER A 72 -26.02 -5.91 -27.91
CA SER A 72 -27.34 -6.52 -27.94
C SER A 72 -27.31 -7.90 -28.59
N PHE A 73 -26.58 -8.05 -29.70
CA PHE A 73 -26.52 -9.33 -30.38
C PHE A 73 -25.82 -10.39 -29.53
N CYS A 74 -24.79 -10.00 -28.78
CA CYS A 74 -24.15 -10.86 -27.78
C CYS A 74 -25.04 -11.20 -26.60
N GLY A 75 -26.18 -10.55 -26.44
CA GLY A 75 -26.96 -10.66 -25.24
C GLY A 75 -26.43 -9.96 -24.02
N LEU A 76 -25.50 -9.03 -24.18
CA LEU A 76 -24.97 -8.23 -23.09
C LEU A 76 -25.79 -6.97 -22.83
N ALA A 77 -26.70 -6.63 -23.73
CA ALA A 77 -27.57 -5.46 -23.59
C ALA A 77 -28.95 -5.76 -24.14
N PRO A 78 -29.76 -6.50 -23.38
CA PRO A 78 -31.09 -6.87 -23.87
C PRO A 78 -32.06 -5.71 -23.96
N LEU A 79 -31.85 -4.85 -24.94
CA LEU A 79 -32.53 -3.56 -25.06
C LEU A 79 -33.23 -3.49 -26.41
N ARG A 80 -34.36 -2.78 -26.45
CA ARG A 80 -34.85 -2.18 -27.67
C ARG A 80 -34.26 -0.79 -27.88
N PHE A 81 -34.15 -0.40 -29.15
CA PHE A 81 -33.62 0.90 -29.55
C PHE A 81 -34.57 1.57 -30.52
N GLU A 82 -34.76 2.88 -30.34
CA GLU A 82 -35.74 3.66 -31.09
C GLU A 82 -35.07 4.94 -31.56
N PRO A 83 -34.70 5.04 -32.84
CA PRO A 83 -33.77 6.10 -33.27
C PRO A 83 -34.40 7.46 -33.24
N ARG A 84 -33.76 8.39 -32.53
CA ARG A 84 -34.07 9.81 -32.59
C ARG A 84 -33.04 10.53 -33.45
N SER A 85 -32.93 11.86 -33.30
CA SER A 85 -32.06 12.65 -34.15
C SER A 85 -30.58 12.32 -33.91
N GLN A 86 -30.18 12.27 -32.65
CA GLN A 86 -28.80 11.99 -32.27
C GLN A 86 -28.72 10.91 -31.20
N GLU A 87 -29.85 10.30 -30.86
CA GLU A 87 -29.94 9.43 -29.70
C GLU A 87 -30.94 8.32 -30.02
N TYR A 88 -30.88 7.27 -29.22
CA TYR A 88 -31.92 6.24 -29.21
C TYR A 88 -32.66 6.29 -27.87
N ALA A 89 -33.97 6.18 -27.95
CA ALA A 89 -34.77 5.80 -26.79
C ALA A 89 -34.63 4.30 -26.52
N VAL A 90 -34.59 3.94 -25.25
CA VAL A 90 -34.15 2.61 -24.83
C VAL A 90 -35.06 2.12 -23.71
N THR A 91 -35.42 0.84 -23.78
CA THR A 91 -36.12 0.17 -22.70
C THR A 91 -35.71 -1.29 -22.69
N ILE A 92 -35.88 -1.94 -21.54
CA ILE A 92 -35.57 -3.36 -21.46
C ILE A 92 -36.52 -4.15 -22.34
N SER A 93 -36.02 -5.22 -22.96
CA SER A 93 -36.86 -6.19 -23.65
C SER A 93 -36.65 -7.55 -23.02
N LYS A 94 -37.72 -8.11 -22.46
CA LYS A 94 -37.65 -9.44 -21.87
C LYS A 94 -37.39 -10.52 -22.91
N GLY A 95 -37.91 -10.33 -24.12
CA GLY A 95 -37.58 -11.24 -25.22
C GLY A 95 -36.11 -11.31 -25.57
N LYS A 96 -35.40 -10.18 -25.54
CA LYS A 96 -33.95 -10.24 -25.72
C LYS A 96 -33.22 -10.83 -24.51
N CYS A 97 -33.75 -10.64 -23.31
CA CYS A 97 -33.20 -11.36 -22.16
C CYS A 97 -33.35 -12.86 -22.34
N PHE A 98 -34.52 -13.31 -22.77
CA PHE A 98 -34.74 -14.73 -23.07
C PHE A 98 -33.79 -15.25 -24.15
N TYR A 99 -33.72 -14.55 -25.29
CA TYR A 99 -32.73 -14.87 -26.31
C TYR A 99 -31.31 -14.90 -25.76
N SER A 100 -30.95 -13.90 -24.96
CA SER A 100 -29.61 -13.80 -24.41
C SER A 100 -29.28 -14.97 -23.49
N TYR A 101 -30.22 -15.36 -22.63
CA TYR A 101 -29.99 -16.49 -21.74
C TYR A 101 -29.83 -17.79 -22.53
N ILE A 102 -30.63 -17.99 -23.57
CA ILE A 102 -30.46 -19.16 -24.44
C ILE A 102 -29.09 -19.17 -25.10
N LEU A 103 -28.75 -18.07 -25.78
CA LEU A 103 -27.52 -18.02 -26.57
C LEU A 103 -26.29 -18.41 -25.77
N VAL A 104 -26.08 -17.77 -24.63
CA VAL A 104 -24.90 -18.08 -23.84
C VAL A 104 -24.97 -19.49 -23.25
N THR A 105 -26.16 -19.95 -22.87
CA THR A 105 -26.27 -21.29 -22.33
C THR A 105 -25.96 -22.36 -23.38
N PHE A 106 -26.49 -22.18 -24.59
CA PHE A 106 -26.12 -22.99 -25.74
C PHE A 106 -24.62 -23.00 -25.99
N LEU A 107 -24.01 -21.82 -26.07
CA LEU A 107 -22.57 -21.73 -26.33
C LEU A 107 -21.73 -22.34 -25.22
N VAL A 108 -22.16 -22.22 -23.97
CA VAL A 108 -21.45 -22.87 -22.88
C VAL A 108 -21.58 -24.39 -22.93
N ILE A 109 -22.77 -24.90 -23.22
CA ILE A 109 -22.93 -26.34 -23.41
C ILE A 109 -22.03 -26.84 -24.54
N CYS A 110 -22.09 -26.20 -25.70
CA CYS A 110 -21.24 -26.59 -26.81
C CYS A 110 -19.75 -26.50 -26.48
N THR A 111 -19.37 -25.49 -25.69
CA THR A 111 -17.96 -25.35 -25.30
C THR A 111 -17.51 -26.42 -24.32
N ILE A 112 -18.32 -26.73 -23.31
CA ILE A 112 -17.95 -27.78 -22.37
C ILE A 112 -17.90 -29.15 -23.03
N TYR A 113 -18.93 -29.50 -23.80
CA TYR A 113 -18.90 -30.77 -24.52
C TYR A 113 -17.81 -30.81 -25.59
N GLY A 114 -17.48 -29.68 -26.19
CA GLY A 114 -16.32 -29.62 -27.07
C GLY A 114 -15.01 -29.85 -26.33
N LEU A 115 -14.90 -29.30 -25.12
CA LEU A 115 -13.75 -29.56 -24.26
C LEU A 115 -13.66 -31.04 -23.87
N VAL A 116 -14.78 -31.62 -23.44
CA VAL A 116 -14.84 -33.05 -23.12
C VAL A 116 -14.40 -33.89 -24.32
N ALA A 117 -14.86 -33.55 -25.51
CA ALA A 117 -14.46 -34.30 -26.70
C ALA A 117 -12.95 -34.26 -26.93
N GLU A 118 -12.34 -33.09 -26.84
CA GLU A 118 -10.91 -32.99 -27.08
C GLU A 118 -10.07 -33.61 -25.97
N ILE A 119 -10.52 -33.56 -24.71
CA ILE A 119 -9.90 -34.38 -23.68
C ILE A 119 -10.06 -35.86 -24.00
N GLY A 120 -11.22 -36.24 -24.54
CA GLY A 120 -11.44 -37.63 -24.90
C GLY A 120 -10.56 -38.11 -26.04
N VAL A 121 -10.21 -37.22 -26.97
CA VAL A 121 -9.19 -37.54 -27.96
C VAL A 121 -7.80 -37.61 -27.34
N GLY A 122 -7.63 -37.09 -26.13
CA GLY A 122 -6.41 -37.31 -25.37
C GLY A 122 -5.41 -36.17 -25.54
N VAL A 123 -4.16 -36.53 -25.83
CA VAL A 123 -3.08 -35.56 -25.97
C VAL A 123 -2.37 -35.65 -27.31
N GLU A 124 -2.61 -36.69 -28.11
CA GLU A 124 -1.92 -36.83 -29.39
C GLU A 124 -2.48 -35.90 -30.44
N LYS A 125 -3.78 -36.04 -30.74
CA LYS A 125 -4.42 -35.26 -31.80
C LYS A 125 -5.06 -33.98 -31.29
N SER A 126 -5.22 -33.84 -29.98
CA SER A 126 -5.84 -32.65 -29.37
C SER A 126 -4.85 -31.49 -29.38
N VAL A 127 -4.94 -30.67 -30.43
CA VAL A 127 -3.87 -29.72 -30.77
C VAL A 127 -3.65 -28.72 -29.65
N ARG A 128 -4.70 -28.39 -28.90
CA ARG A 128 -4.60 -27.50 -27.75
C ARG A 128 -4.09 -28.20 -26.50
N MET A 129 -3.81 -29.50 -26.58
CA MET A 129 -3.74 -30.37 -25.41
C MET A 129 -2.59 -31.37 -25.58
N SER A 130 -1.41 -30.87 -25.95
CA SER A 130 -0.30 -31.74 -26.32
C SER A 130 0.23 -32.54 -25.14
N SER A 131 -0.37 -32.40 -23.95
CA SER A 131 0.07 -33.11 -22.76
C SER A 131 -1.07 -33.11 -21.75
N ARG A 132 -0.91 -33.93 -20.72
CA ARG A 132 -1.88 -33.96 -19.62
C ARG A 132 -2.02 -32.60 -18.95
N MET A 133 -0.90 -31.94 -18.68
CA MET A 133 -0.90 -30.60 -18.13
C MET A 133 -1.49 -29.58 -19.11
N SER A 134 -1.26 -29.76 -20.42
CA SER A 134 -1.85 -28.90 -21.45
C SER A 134 -3.37 -29.04 -21.52
N GLN A 135 -3.89 -30.23 -21.23
CA GLN A 135 -5.33 -30.41 -21.02
C GLN A 135 -5.86 -29.55 -19.88
N VAL A 136 -5.20 -29.58 -18.72
CA VAL A 136 -5.65 -28.80 -17.57
C VAL A 136 -5.61 -27.31 -17.86
N VAL A 137 -4.54 -26.83 -18.48
CA VAL A 137 -4.44 -25.42 -18.87
C VAL A 137 -5.58 -25.03 -19.81
N SER A 138 -5.80 -25.81 -20.86
CA SER A 138 -6.88 -25.50 -21.80
C SER A 138 -8.25 -25.51 -21.15
N ALA A 139 -8.49 -26.45 -20.23
CA ALA A 139 -9.75 -26.48 -19.50
C ALA A 139 -9.96 -25.24 -18.63
N CYS A 140 -8.93 -24.78 -17.92
CA CYS A 140 -9.08 -23.57 -17.12
C CYS A 140 -9.24 -22.31 -17.97
N ASP A 141 -8.47 -22.20 -19.05
CA ASP A 141 -8.67 -21.13 -20.03
C ASP A 141 -10.12 -21.04 -20.50
N ILE A 142 -10.65 -22.17 -20.98
CA ILE A 142 -12.05 -22.23 -21.39
C ILE A 142 -12.99 -21.95 -20.23
N LEU A 143 -12.68 -22.46 -19.05
CA LEU A 143 -13.54 -22.28 -17.89
C LEU A 143 -13.70 -20.81 -17.48
N VAL A 144 -12.59 -20.07 -17.40
CA VAL A 144 -12.69 -18.66 -17.00
C VAL A 144 -13.41 -17.81 -18.03
N VAL A 145 -13.24 -18.11 -19.32
CA VAL A 145 -14.00 -17.43 -20.37
C VAL A 145 -15.48 -17.77 -20.29
N ALA A 146 -15.81 -19.03 -20.10
CA ALA A 146 -17.21 -19.42 -19.94
C ALA A 146 -17.84 -18.80 -18.70
N VAL A 147 -17.08 -18.69 -17.62
CA VAL A 147 -17.57 -18.01 -16.42
C VAL A 147 -17.70 -16.50 -16.64
N THR A 148 -16.71 -15.88 -17.29
CA THR A 148 -16.79 -14.45 -17.56
C THR A 148 -17.94 -14.10 -18.49
N ALA A 149 -18.10 -14.85 -19.58
CA ALA A 149 -19.23 -14.64 -20.47
C ALA A 149 -20.56 -14.97 -19.82
N GLY A 150 -20.60 -16.00 -18.98
CA GLY A 150 -21.78 -16.31 -18.21
C GLY A 150 -22.25 -15.22 -17.28
N VAL A 151 -21.36 -14.76 -16.40
CA VAL A 151 -21.69 -13.64 -15.51
C VAL A 151 -22.04 -12.40 -16.31
N GLY A 152 -21.30 -12.17 -17.40
CA GLY A 152 -21.62 -11.07 -18.30
C GLY A 152 -23.05 -11.08 -18.82
N VAL A 153 -23.48 -12.21 -19.35
CA VAL A 153 -24.77 -12.30 -20.03
C VAL A 153 -25.92 -12.54 -19.06
N TYR A 154 -25.75 -13.42 -18.07
CA TYR A 154 -26.82 -13.61 -17.11
C TYR A 154 -27.06 -12.39 -16.22
N GLY A 155 -26.02 -11.64 -15.90
CA GLY A 155 -26.15 -10.37 -15.19
C GLY A 155 -26.62 -9.18 -16.00
N ALA A 156 -26.68 -9.29 -17.32
CA ALA A 156 -26.91 -8.13 -18.17
C ALA A 156 -28.26 -7.45 -17.99
N PRO A 157 -29.36 -8.15 -17.75
CA PRO A 157 -30.64 -7.46 -17.57
C PRO A 157 -30.67 -6.56 -16.34
N ALA A 158 -30.17 -7.06 -15.21
CA ALA A 158 -30.08 -6.24 -14.01
C ALA A 158 -29.14 -5.06 -14.20
N ARG A 159 -28.07 -5.26 -14.94
CA ARG A 159 -27.13 -4.19 -15.27
C ARG A 159 -27.75 -3.11 -16.17
N MET A 160 -28.57 -3.50 -17.14
CA MET A 160 -29.29 -2.52 -17.95
C MET A 160 -30.37 -1.79 -17.15
N ARG A 161 -31.06 -2.50 -16.25
CA ARG A 161 -32.00 -1.82 -15.36
C ARG A 161 -31.31 -0.74 -14.53
N THR A 162 -30.10 -1.03 -14.05
CA THR A 162 -29.27 -0.04 -13.38
C THR A 162 -28.88 1.13 -14.29
N MET A 163 -28.44 0.82 -15.52
CA MET A 163 -28.07 1.87 -16.47
C MET A 163 -29.23 2.81 -16.77
N LEU A 164 -30.39 2.25 -17.07
CA LEU A 164 -31.55 3.09 -17.34
C LEU A 164 -32.03 3.83 -16.10
N SER A 165 -31.74 3.31 -14.92
CA SER A 165 -32.05 4.04 -13.70
C SER A 165 -31.19 5.30 -13.55
N TYR A 166 -29.87 5.17 -13.61
CA TYR A 166 -29.02 6.35 -13.45
C TYR A 166 -28.97 7.28 -14.65
N MET A 167 -29.16 6.78 -15.87
CA MET A 167 -29.05 7.67 -17.03
C MET A 167 -30.07 8.79 -17.01
N GLU A 168 -31.20 8.61 -16.33
CA GLU A 168 -32.16 9.69 -16.18
C GLU A 168 -31.61 10.86 -15.36
N ASN A 169 -30.67 10.60 -14.46
CA ASN A 169 -30.02 11.67 -13.71
C ASN A 169 -28.89 12.33 -14.50
N ILE A 170 -28.14 11.54 -15.25
CA ILE A 170 -27.12 12.07 -16.15
C ILE A 170 -27.71 13.04 -17.16
N VAL A 171 -28.92 12.76 -17.65
CA VAL A 171 -29.61 13.70 -18.53
C VAL A 171 -29.82 15.05 -17.86
N ALA A 172 -30.07 15.06 -16.55
CA ALA A 172 -30.20 16.33 -15.84
C ALA A 172 -28.87 17.07 -15.77
N VAL A 173 -27.78 16.35 -15.53
CA VAL A 173 -26.44 16.93 -15.57
C VAL A 173 -26.12 17.47 -16.96
N ASP A 174 -26.47 16.73 -17.99
CA ASP A 174 -26.26 17.20 -19.36
C ASP A 174 -26.96 18.51 -19.64
N ARG A 175 -28.21 18.66 -19.20
CA ARG A 175 -28.90 19.93 -19.39
C ARG A 175 -28.16 21.08 -18.70
N GLU A 176 -27.73 20.88 -17.45
CA GLU A 176 -27.05 21.95 -16.73
C GLU A 176 -25.74 22.32 -17.41
N LEU A 177 -24.99 21.33 -17.86
CA LEU A 177 -23.74 21.56 -18.57
C LEU A 177 -23.92 21.93 -20.03
N GLY A 178 -25.13 21.81 -20.57
CA GLY A 178 -25.34 21.98 -21.99
C GLY A 178 -24.68 20.92 -22.84
N ARG A 179 -24.59 19.69 -22.33
CA ARG A 179 -23.90 18.62 -23.05
C ARG A 179 -24.51 18.38 -24.42
N HIS A 180 -23.67 18.42 -25.44
CA HIS A 180 -24.01 17.97 -26.77
C HIS A 180 -22.87 17.09 -27.27
N HIS A 181 -23.23 16.06 -28.04
CA HIS A 181 -22.25 15.06 -28.46
C HIS A 181 -21.41 15.61 -29.61
N SER A 182 -20.10 15.73 -29.39
CA SER A 182 -19.19 16.10 -30.46
C SER A 182 -19.10 14.98 -31.48
N ALA A 183 -19.52 15.26 -32.71
CA ALA A 183 -19.43 14.26 -33.78
C ALA A 183 -18.01 13.78 -33.97
N ALA A 184 -17.05 14.73 -33.99
CA ALA A 184 -15.64 14.36 -34.11
C ALA A 184 -15.16 13.50 -32.94
N THR A 185 -15.63 13.77 -31.74
CA THR A 185 -15.20 12.98 -30.58
C THR A 185 -15.82 11.59 -30.58
N GLU A 186 -17.12 11.50 -30.85
CA GLU A 186 -17.76 10.18 -30.93
C GLU A 186 -17.20 9.38 -32.10
N ARG A 187 -16.86 10.04 -33.19
CA ARG A 187 -16.19 9.36 -34.29
C ARG A 187 -14.83 8.80 -33.86
N LYS A 188 -14.11 9.56 -33.04
CA LYS A 188 -12.88 9.01 -32.46
C LYS A 188 -13.16 7.76 -31.62
N LEU A 189 -14.11 7.85 -30.69
CA LEU A 189 -14.38 6.71 -29.81
C LEU A 189 -15.09 5.56 -30.54
N CYS A 190 -15.96 5.87 -31.49
CA CYS A 190 -16.54 4.81 -32.33
C CYS A 190 -15.51 4.15 -33.23
N ALA A 191 -14.57 4.92 -33.78
CA ALA A 191 -13.45 4.32 -34.51
C ALA A 191 -12.57 3.47 -33.62
N LEU A 192 -12.42 3.87 -32.35
CA LEU A 192 -11.66 3.07 -31.40
C LEU A 192 -12.37 1.77 -31.02
N LEU A 193 -13.69 1.80 -30.87
CA LEU A 193 -14.46 0.57 -30.77
C LEU A 193 -14.21 -0.34 -31.97
N LEU A 194 -14.39 0.18 -33.17
CA LEU A 194 -14.13 -0.62 -34.37
C LEU A 194 -12.70 -1.11 -34.45
N LEU A 195 -11.72 -0.24 -34.14
CA LEU A 195 -10.33 -0.64 -34.20
C LEU A 195 -10.04 -1.80 -33.26
N ILE A 196 -10.40 -1.66 -31.99
CA ILE A 196 -10.09 -2.70 -31.00
C ILE A 196 -10.89 -3.97 -31.26
N LEU A 197 -12.19 -3.83 -31.48
CA LEU A 197 -13.06 -4.99 -31.65
C LEU A 197 -12.83 -5.73 -32.96
N LEU A 198 -12.66 -5.00 -34.06
CA LEU A 198 -12.41 -5.63 -35.34
C LEU A 198 -11.04 -6.31 -35.39
N SER A 199 -10.02 -5.67 -34.83
CA SER A 199 -8.71 -6.29 -34.71
C SER A 199 -8.74 -7.59 -33.92
N PHE A 200 -9.49 -7.64 -32.82
CA PHE A 200 -9.66 -8.86 -32.05
C PHE A 200 -10.43 -9.93 -32.82
N THR A 201 -11.53 -9.55 -33.46
CA THR A 201 -12.28 -10.47 -34.30
C THR A 201 -11.40 -11.09 -35.38
N ILE A 202 -10.55 -10.29 -36.01
CA ILE A 202 -9.61 -10.78 -37.02
C ILE A 202 -8.61 -11.77 -36.42
N LEU A 203 -8.13 -11.50 -35.20
CA LEU A 203 -7.27 -12.45 -34.50
C LEU A 203 -7.96 -13.77 -34.18
N LEU A 204 -9.21 -13.73 -33.73
CA LEU A 204 -9.96 -14.95 -33.48
C LEU A 204 -10.09 -15.80 -34.73
N VAL A 205 -10.41 -15.18 -35.86
CA VAL A 205 -10.53 -15.91 -37.11
C VAL A 205 -9.20 -16.56 -37.51
N ASP A 206 -8.09 -15.82 -37.43
CA ASP A 206 -6.81 -16.41 -37.75
C ASP A 206 -6.46 -17.58 -36.84
N ASP A 207 -6.64 -17.41 -35.54
CA ASP A 207 -6.39 -18.49 -34.59
C ASP A 207 -7.23 -19.73 -34.93
N PHE A 208 -8.52 -19.54 -35.17
CA PHE A 208 -9.40 -20.65 -35.51
C PHE A 208 -9.03 -21.28 -36.84
N CYS A 209 -8.80 -20.47 -37.87
CA CYS A 209 -8.38 -21.00 -39.16
C CYS A 209 -7.07 -21.76 -39.07
N PHE A 210 -6.11 -21.24 -38.31
CA PHE A 210 -4.84 -21.93 -38.12
C PHE A 210 -5.01 -23.32 -37.51
N TYR A 211 -5.66 -23.41 -36.36
CA TYR A 211 -5.82 -24.71 -35.72
C TYR A 211 -6.70 -25.65 -36.51
N ALA A 212 -7.71 -25.14 -37.20
CA ALA A 212 -8.51 -25.97 -38.08
C ALA A 212 -7.70 -26.51 -39.25
N MET A 213 -6.85 -25.67 -39.85
CA MET A 213 -5.97 -26.15 -40.92
C MET A 213 -4.89 -27.08 -40.38
N GLN A 214 -4.37 -26.79 -39.19
CA GLN A 214 -3.41 -27.72 -38.57
C GLN A 214 -4.03 -29.11 -38.40
N ALA A 215 -5.29 -29.17 -37.97
CA ALA A 215 -6.03 -30.43 -37.96
C ALA A 215 -6.52 -30.83 -39.35
N GLY A 216 -6.79 -29.84 -40.22
CA GLY A 216 -7.22 -30.13 -41.57
C GLY A 216 -6.19 -30.88 -42.38
N LYS A 217 -4.92 -30.70 -42.05
CA LYS A 217 -3.87 -31.52 -42.62
C LYS A 217 -4.05 -33.00 -42.32
N THR A 218 -4.88 -33.36 -41.34
CA THR A 218 -5.22 -34.76 -41.09
C THR A 218 -6.72 -35.00 -41.12
N GLY A 219 -7.47 -34.18 -41.86
CA GLY A 219 -8.87 -34.40 -42.12
C GLY A 219 -9.81 -34.19 -40.96
N ARG A 220 -9.33 -33.73 -39.80
CA ARG A 220 -10.11 -33.69 -38.57
C ARG A 220 -10.69 -32.31 -38.31
N GLN A 221 -10.63 -31.42 -39.29
CA GLN A 221 -11.00 -30.02 -39.11
C GLN A 221 -12.47 -29.83 -38.71
N TRP A 222 -13.37 -30.63 -39.27
CA TRP A 222 -14.78 -30.46 -38.94
C TRP A 222 -15.06 -30.77 -37.48
N GLU A 223 -14.35 -31.74 -36.90
CA GLU A 223 -14.46 -32.00 -35.47
C GLU A 223 -13.91 -30.85 -34.63
N ILE A 224 -12.74 -30.32 -35.01
CA ILE A 224 -12.21 -29.11 -34.37
C ILE A 224 -13.20 -27.95 -34.44
N VAL A 225 -13.82 -27.74 -35.60
CA VAL A 225 -14.87 -26.71 -35.70
C VAL A 225 -15.98 -26.95 -34.69
N THR A 226 -16.53 -28.16 -34.65
CA THR A 226 -17.59 -28.46 -33.70
C THR A 226 -17.14 -28.32 -32.25
N ASN A 227 -15.86 -28.56 -31.98
CA ASN A 227 -15.39 -28.55 -30.60
C ASN A 227 -14.89 -27.21 -30.09
N TYR A 228 -14.56 -26.26 -30.98
CA TYR A 228 -14.03 -24.97 -30.54
C TYR A 228 -14.77 -23.73 -31.03
N ALA A 229 -15.68 -23.83 -31.99
CA ALA A 229 -16.42 -22.66 -32.45
C ALA A 229 -17.12 -21.92 -31.32
N GLY A 230 -17.71 -22.66 -30.38
CA GLY A 230 -18.34 -22.03 -29.23
C GLY A 230 -17.39 -21.20 -28.38
N PHE A 231 -16.17 -21.68 -28.20
CA PHE A 231 -15.19 -20.97 -27.38
C PHE A 231 -14.78 -19.63 -27.98
N TYR A 232 -14.62 -19.56 -29.30
CA TYR A 232 -14.32 -18.28 -29.95
C TYR A 232 -15.46 -17.27 -29.86
N PHE A 233 -16.71 -17.72 -29.87
CA PHE A 233 -17.81 -16.79 -29.64
C PHE A 233 -17.85 -16.26 -28.20
N LEU A 234 -17.57 -17.12 -27.23
CA LEU A 234 -17.42 -16.64 -25.86
C LEU A 234 -16.25 -15.69 -25.67
N TRP A 235 -15.17 -15.85 -26.44
CA TRP A 235 -14.10 -14.86 -26.43
C TRP A 235 -14.59 -13.49 -26.90
N TYR A 236 -15.34 -13.46 -28.00
CA TYR A 236 -15.92 -12.21 -28.50
C TYR A 236 -16.83 -11.53 -27.48
N ILE A 237 -17.66 -12.31 -26.79
CA ILE A 237 -18.52 -11.77 -25.74
C ILE A 237 -17.73 -11.14 -24.59
N VAL A 238 -16.60 -11.73 -24.22
CA VAL A 238 -15.79 -11.15 -23.16
C VAL A 238 -15.17 -9.82 -23.55
N MET A 239 -14.66 -9.68 -24.77
CA MET A 239 -14.17 -8.38 -25.21
C MET A 239 -15.27 -7.34 -25.31
N VAL A 240 -16.43 -7.67 -25.85
CA VAL A 240 -17.52 -6.71 -25.94
C VAL A 240 -17.96 -6.24 -24.56
N LEU A 241 -17.93 -7.12 -23.57
CA LEU A 241 -18.20 -6.72 -22.20
C LEU A 241 -17.17 -5.73 -21.68
N GLU A 242 -15.90 -5.94 -21.99
CA GLU A 242 -14.84 -5.01 -21.59
C GLU A 242 -14.98 -3.66 -22.26
N LEU A 243 -15.32 -3.64 -23.54
CA LEU A 243 -15.60 -2.42 -24.27
C LEU A 243 -16.86 -1.72 -23.82
N GLN A 244 -17.87 -2.49 -23.40
CA GLN A 244 -19.09 -1.93 -22.86
C GLN A 244 -18.86 -1.16 -21.56
N PHE A 245 -18.00 -1.68 -20.68
CA PHE A 245 -17.55 -0.93 -19.52
C PHE A 245 -16.77 0.32 -19.90
N ALA A 246 -15.72 0.17 -20.68
CA ALA A 246 -14.81 1.28 -20.97
C ALA A 246 -15.55 2.47 -21.53
N PHE A 247 -16.40 2.26 -22.52
CA PHE A 247 -17.15 3.34 -23.14
C PHE A 247 -18.34 3.79 -22.32
N THR A 248 -18.75 3.03 -21.31
CA THR A 248 -19.62 3.56 -20.27
C THR A 248 -18.87 4.48 -19.31
N ALA A 249 -17.70 4.04 -18.84
CA ALA A 249 -16.86 4.86 -17.98
C ALA A 249 -16.32 6.13 -18.65
N LEU A 250 -15.87 6.02 -19.89
CA LEU A 250 -15.46 7.19 -20.66
C LEU A 250 -16.60 8.15 -20.93
N SER A 251 -17.82 7.65 -21.07
CA SER A 251 -19.00 8.49 -21.18
C SER A 251 -19.27 9.32 -19.94
N LEU A 252 -18.95 8.79 -18.75
CA LEU A 252 -19.01 9.60 -17.53
C LEU A 252 -17.83 10.56 -17.41
N ARG A 253 -16.63 10.09 -17.71
CA ARG A 253 -15.44 10.91 -17.66
C ARG A 253 -15.58 12.17 -18.53
N ALA A 254 -16.26 12.05 -19.66
CA ALA A 254 -16.55 13.22 -20.48
C ALA A 254 -17.41 14.25 -19.77
N ARG A 255 -18.26 13.82 -18.84
CA ARG A 255 -19.09 14.75 -18.09
C ARG A 255 -18.40 15.38 -16.88
N LEU A 256 -17.51 14.65 -16.21
CA LEU A 256 -16.60 15.29 -15.26
C LEU A 256 -15.70 16.30 -15.94
N LYS A 257 -15.14 15.93 -17.08
CA LYS A 257 -14.31 16.85 -17.85
C LYS A 257 -15.07 18.11 -18.21
N LEU A 258 -16.33 17.97 -18.61
CA LEU A 258 -17.19 19.10 -18.91
C LEU A 258 -17.65 19.87 -17.66
N PHE A 259 -17.87 19.17 -16.54
CA PHE A 259 -18.13 19.83 -15.27
C PHE A 259 -16.97 20.69 -14.77
N ASN A 260 -15.74 20.20 -14.91
CA ASN A 260 -14.55 20.98 -14.60
C ASN A 260 -14.40 22.25 -15.44
N GLU A 261 -14.83 22.23 -16.70
CA GLU A 261 -14.75 23.45 -17.51
C GLU A 261 -15.76 24.50 -17.06
N ALA A 262 -16.95 24.08 -16.63
CA ALA A 262 -17.88 25.02 -16.03
C ALA A 262 -17.36 25.65 -14.75
N LEU A 263 -16.56 24.90 -13.99
CA LEU A 263 -15.94 25.39 -12.78
C LEU A 263 -14.75 26.31 -13.03
N ASN A 264 -13.97 26.09 -14.09
CA ASN A 264 -12.99 27.08 -14.52
C ASN A 264 -13.62 28.41 -14.94
N VAL A 265 -14.68 28.38 -15.73
CA VAL A 265 -15.32 29.62 -16.14
C VAL A 265 -16.00 30.31 -14.97
N THR A 266 -16.39 29.55 -13.95
CA THR A 266 -16.77 30.15 -12.67
C THR A 266 -15.61 30.96 -12.09
N ALA A 267 -14.40 30.38 -12.10
CA ALA A 267 -13.22 31.09 -11.60
C ALA A 267 -12.89 32.32 -12.43
N SER A 268 -12.94 32.22 -13.76
CA SER A 268 -12.65 33.38 -14.59
C SER A 268 -13.65 34.51 -14.37
N GLN A 269 -14.92 34.19 -14.16
CA GLN A 269 -15.89 35.25 -13.89
C GLN A 269 -15.63 35.92 -12.53
N VAL A 270 -15.30 35.14 -11.50
CA VAL A 270 -14.92 35.76 -10.23
C VAL A 270 -13.53 36.37 -10.33
N CYS A 271 -12.64 35.76 -11.11
CA CYS A 271 -11.32 36.33 -11.30
C CYS A 271 -11.38 37.62 -12.09
N LYS A 272 -12.21 37.67 -13.13
CA LYS A 272 -12.21 38.76 -14.09
C LYS A 272 -13.64 39.18 -14.39
N PRO A 273 -14.39 39.64 -13.37
CA PRO A 273 -15.80 40.02 -13.55
C PRO A 273 -15.97 41.22 -14.47
N ALA A 312 -32.04 29.79 -15.30
CA ALA A 312 -31.32 29.21 -16.42
C ALA A 312 -30.47 28.02 -15.98
N PHE A 313 -30.09 27.19 -16.94
CA PHE A 313 -29.05 26.20 -16.71
C PHE A 313 -27.66 26.84 -16.61
N VAL A 314 -26.78 26.18 -15.86
CA VAL A 314 -25.55 26.80 -15.34
C VAL A 314 -24.72 27.43 -16.45
N MET A 315 -24.47 26.70 -17.53
CA MET A 315 -23.48 27.10 -18.53
C MET A 315 -24.07 27.05 -19.94
N MET A 316 -23.62 27.99 -20.78
CA MET A 316 -24.02 28.05 -22.18
C MET A 316 -22.80 28.39 -23.04
N LYS A 317 -22.95 28.16 -24.35
CA LYS A 317 -22.02 28.67 -25.32
C LYS A 317 -22.31 30.14 -25.60
N THR A 318 -21.24 30.93 -25.81
CA THR A 318 -21.41 32.28 -26.34
C THR A 318 -21.82 32.24 -27.80
N ALA A 319 -22.07 33.42 -28.37
CA ALA A 319 -22.26 33.54 -29.82
C ALA A 319 -21.05 33.05 -30.60
N ASP A 320 -19.87 33.04 -29.98
CA ASP A 320 -18.67 32.44 -30.56
C ASP A 320 -18.53 30.97 -30.19
N GLY A 321 -19.43 30.44 -29.37
CA GLY A 321 -19.34 29.07 -28.92
C GLY A 321 -18.42 28.80 -27.76
N VAL A 322 -17.78 29.82 -27.19
CA VAL A 322 -16.95 29.65 -25.99
C VAL A 322 -17.87 29.39 -24.81
N PRO A 323 -17.46 28.61 -23.81
CA PRO A 323 -18.29 28.45 -22.62
C PRO A 323 -18.43 29.76 -21.86
N CYS A 324 -19.64 30.03 -21.38
CA CYS A 324 -19.92 31.21 -20.58
C CYS A 324 -21.03 30.90 -19.59
N LEU A 325 -21.04 31.65 -18.49
CA LEU A 325 -21.85 31.35 -17.33
C LEU A 325 -23.08 32.24 -17.29
N GLN A 326 -24.27 31.64 -17.18
CA GLN A 326 -25.53 32.37 -17.23
C GLN A 326 -26.03 32.79 -15.84
N VAL A 327 -25.32 32.41 -14.79
CA VAL A 327 -25.74 32.67 -13.41
C VAL A 327 -24.55 33.15 -12.61
N PRO A 328 -24.80 33.83 -11.49
CA PRO A 328 -23.70 34.26 -10.64
C PRO A 328 -22.89 33.07 -10.16
N PRO A 329 -21.59 33.26 -9.96
CA PRO A 329 -20.74 32.19 -9.43
C PRO A 329 -21.22 31.58 -8.12
N CYS A 330 -21.84 32.38 -7.26
CA CYS A 330 -22.42 31.85 -6.02
C CYS A 330 -23.44 30.76 -6.28
N GLU A 331 -24.31 30.94 -7.27
CA GLU A 331 -25.30 29.92 -7.62
C GLU A 331 -24.67 28.75 -8.36
N ALA A 332 -23.78 29.04 -9.30
CA ALA A 332 -23.11 28.01 -10.08
C ALA A 332 -22.37 27.00 -9.22
N VAL A 333 -21.59 27.47 -8.24
CA VAL A 333 -20.85 26.55 -7.39
C VAL A 333 -21.79 25.66 -6.58
N GLY A 334 -22.93 26.19 -6.16
CA GLY A 334 -23.90 25.38 -5.45
C GLY A 334 -24.53 24.33 -6.35
N ARG A 335 -24.85 24.72 -7.58
CA ARG A 335 -25.42 23.81 -8.57
C ARG A 335 -24.44 22.73 -8.99
N LEU A 336 -23.18 23.12 -9.21
CA LEU A 336 -22.12 22.18 -9.53
C LEU A 336 -21.80 21.21 -8.41
N SER A 337 -21.87 21.66 -7.15
CA SER A 337 -21.70 20.74 -6.02
C SER A 337 -22.73 19.63 -6.02
N ARG A 338 -23.99 19.94 -6.32
CA ARG A 338 -25.01 18.91 -6.47
C ARG A 338 -24.72 17.95 -7.61
N MET A 339 -24.27 18.48 -8.74
CA MET A 339 -23.91 17.64 -9.88
C MET A 339 -22.71 16.76 -9.61
N ARG A 340 -21.73 17.27 -8.86
CA ARG A 340 -20.60 16.47 -8.41
C ARG A 340 -21.02 15.26 -7.58
N CYS A 341 -22.02 15.43 -6.71
CA CYS A 341 -22.56 14.30 -5.96
C CYS A 341 -23.24 13.27 -6.87
N THR A 342 -24.03 13.74 -7.83
CA THR A 342 -24.69 12.85 -8.78
C THR A 342 -23.72 12.03 -9.61
N LEU A 343 -22.64 12.63 -10.10
CA LEU A 343 -21.65 11.90 -10.87
C LEU A 343 -20.95 10.82 -10.04
N CYS A 344 -20.66 11.10 -8.77
CA CYS A 344 -20.08 10.08 -7.90
C CYS A 344 -21.02 8.91 -7.66
N GLU A 345 -22.32 9.17 -7.59
CA GLU A 345 -23.30 8.10 -7.44
C GLU A 345 -23.36 7.20 -8.66
N VAL A 346 -23.35 7.79 -9.85
CA VAL A 346 -23.33 7.04 -11.10
C VAL A 346 -22.08 6.16 -11.20
N THR A 347 -20.94 6.66 -10.75
CA THR A 347 -19.71 5.87 -10.70
C THR A 347 -19.88 4.58 -9.90
N ARG A 348 -20.61 4.64 -8.79
CA ARG A 348 -20.78 3.47 -7.93
C ARG A 348 -21.74 2.44 -8.52
N HIS A 349 -22.76 2.88 -9.26
CA HIS A 349 -23.57 1.95 -10.03
C HIS A 349 -22.80 1.24 -11.14
N ILE A 350 -21.94 1.95 -11.86
CA ILE A 350 -21.13 1.30 -12.89
C ILE A 350 -20.17 0.29 -12.28
N ALA A 351 -19.47 0.67 -11.22
CA ALA A 351 -18.54 -0.23 -10.56
C ALA A 351 -19.22 -1.44 -9.94
N ASP A 352 -20.45 -1.29 -9.44
CA ASP A 352 -21.20 -2.45 -8.94
C ASP A 352 -21.64 -3.37 -10.07
N GLY A 353 -22.20 -2.82 -11.13
CA GLY A 353 -22.73 -3.65 -12.20
C GLY A 353 -21.67 -4.45 -12.94
N TYR A 354 -20.53 -3.84 -13.22
CA TYR A 354 -19.42 -4.51 -13.89
C TYR A 354 -18.37 -5.07 -12.94
N GLY A 355 -18.58 -4.94 -11.64
CA GLY A 355 -17.54 -5.30 -10.68
C GLY A 355 -17.11 -6.75 -10.76
N LEU A 356 -18.08 -7.68 -10.70
CA LEU A 356 -17.75 -9.10 -10.79
C LEU A 356 -17.17 -9.52 -12.13
N PRO A 357 -17.74 -9.14 -13.27
CA PRO A 357 -17.01 -9.33 -14.54
C PRO A 357 -15.56 -8.91 -14.52
N LEU A 358 -15.29 -7.70 -14.04
CA LEU A 358 -13.94 -7.14 -14.09
C LEU A 358 -12.94 -7.92 -13.25
N VAL A 359 -13.37 -8.49 -12.13
CA VAL A 359 -12.47 -9.33 -11.33
C VAL A 359 -12.10 -10.62 -12.07
N ILE A 360 -13.07 -11.27 -12.70
CA ILE A 360 -12.75 -12.49 -13.44
C ILE A 360 -11.93 -12.18 -14.68
N ILE A 361 -12.18 -11.02 -15.30
CA ILE A 361 -11.34 -10.53 -16.39
C ILE A 361 -9.91 -10.28 -15.94
N LEU A 362 -9.72 -9.72 -14.74
CA LEU A 362 -8.36 -9.49 -14.24
C LEU A 362 -7.61 -10.79 -13.93
N MET A 363 -8.26 -11.74 -13.26
CA MET A 363 -7.60 -13.03 -13.02
C MET A 363 -7.23 -13.73 -14.33
N SER A 364 -8.17 -13.83 -15.27
CA SER A 364 -7.87 -14.49 -16.54
C SER A 364 -6.81 -13.74 -17.34
N THR A 365 -6.75 -12.41 -17.22
CA THR A 365 -5.63 -11.69 -17.81
C THR A 365 -4.32 -12.13 -17.19
N LEU A 366 -4.26 -12.15 -15.86
CA LEU A 366 -3.07 -12.61 -15.15
C LEU A 366 -2.71 -14.05 -15.50
N LEU A 367 -3.69 -14.95 -15.52
CA LEU A 367 -3.46 -16.32 -15.94
C LEU A 367 -2.86 -16.41 -17.34
N HIS A 368 -3.50 -15.75 -18.30
CA HIS A 368 -3.07 -15.81 -19.68
C HIS A 368 -1.74 -15.12 -19.94
N LEU A 369 -1.41 -14.08 -19.16
CA LEU A 369 -0.10 -13.47 -19.29
C LEU A 369 1.02 -14.31 -18.70
N ILE A 370 0.70 -15.28 -17.85
CA ILE A 370 1.68 -16.30 -17.47
C ILE A 370 1.72 -17.45 -18.47
N VAL A 371 0.57 -18.03 -18.74
CA VAL A 371 0.48 -19.23 -19.56
C VAL A 371 0.97 -18.97 -20.98
N THR A 372 0.58 -17.85 -21.58
CA THR A 372 0.90 -17.63 -22.98
C THR A 372 2.37 -17.33 -23.25
N PRO A 373 3.03 -16.45 -22.50
CA PRO A 373 4.49 -16.31 -22.68
C PRO A 373 5.28 -17.56 -22.35
N TYR A 374 4.86 -18.34 -21.37
CA TYR A 374 5.54 -19.58 -21.03
C TYR A 374 5.63 -20.52 -22.21
N PHE A 375 4.48 -20.88 -22.78
CA PHE A 375 4.48 -21.82 -23.90
C PHE A 375 5.07 -21.20 -25.15
N LEU A 376 5.01 -19.88 -25.28
CA LEU A 376 5.78 -19.19 -26.31
C LEU A 376 7.28 -19.39 -26.13
N ILE A 377 7.78 -19.21 -24.91
CA ILE A 377 9.20 -19.37 -24.64
C ILE A 377 9.65 -20.82 -24.83
N MET A 378 8.84 -21.78 -24.38
CA MET A 378 9.16 -23.18 -24.64
C MET A 378 9.22 -23.47 -26.13
N GLU A 379 8.31 -22.88 -26.91
CA GLU A 379 8.24 -23.12 -28.34
C GLU A 379 9.19 -22.27 -29.16
N ILE A 380 9.75 -21.20 -28.60
CA ILE A 380 10.82 -20.48 -29.28
C ILE A 380 12.20 -21.07 -29.01
N ILE A 381 12.35 -21.82 -27.93
CA ILE A 381 13.57 -22.58 -27.70
C ILE A 381 13.57 -23.86 -28.51
N VAL A 382 12.45 -24.59 -28.50
CA VAL A 382 12.31 -25.88 -29.16
C VAL A 382 11.28 -25.77 -30.28
N SER A 383 11.67 -26.25 -31.47
CA SER A 383 10.83 -26.21 -32.66
C SER A 383 10.45 -24.79 -33.07
N THR A 384 11.43 -23.88 -33.04
CA THR A 384 11.21 -22.49 -33.40
C THR A 384 10.81 -22.31 -34.86
N HIS A 385 10.73 -23.40 -35.63
CA HIS A 385 10.26 -23.33 -37.01
C HIS A 385 8.76 -23.12 -37.15
N ARG A 386 7.98 -23.34 -36.08
CA ARG A 386 6.52 -23.16 -36.13
C ARG A 386 6.15 -21.67 -36.10
N LEU A 387 6.69 -20.94 -37.08
CA LEU A 387 6.64 -19.48 -37.08
C LEU A 387 5.21 -18.94 -36.97
N HIS A 388 4.25 -19.58 -37.64
CA HIS A 388 2.86 -19.13 -37.58
C HIS A 388 2.27 -19.27 -36.18
N PHE A 389 2.61 -20.34 -35.46
CA PHE A 389 2.22 -20.48 -34.06
C PHE A 389 2.82 -19.37 -33.20
N LEU A 390 4.12 -19.12 -33.35
CA LEU A 390 4.79 -18.11 -32.55
C LEU A 390 4.22 -16.72 -32.80
N VAL A 391 3.92 -16.39 -34.05
CA VAL A 391 3.27 -15.12 -34.36
C VAL A 391 1.94 -14.98 -33.65
N LEU A 392 1.08 -16.00 -33.76
CA LEU A 392 -0.23 -15.94 -33.08
C LEU A 392 -0.11 -15.80 -31.58
N GLN A 393 0.76 -16.60 -30.94
CA GLN A 393 0.93 -16.50 -29.50
C GLN A 393 1.48 -15.15 -29.06
N PHE A 394 2.31 -14.51 -29.87
CA PHE A 394 2.73 -13.15 -29.55
C PHE A 394 1.57 -12.16 -29.63
N LEU A 395 0.79 -12.24 -30.69
CA LEU A 395 -0.39 -11.40 -30.82
C LEU A 395 -1.42 -11.63 -29.71
N TRP A 396 -1.49 -12.83 -29.16
CA TRP A 396 -2.29 -13.07 -27.97
C TRP A 396 -1.72 -12.40 -26.72
N CYS A 397 -0.41 -12.53 -26.49
CA CYS A 397 0.21 -11.80 -25.38
C CYS A 397 -0.06 -10.31 -25.46
N THR A 398 0.12 -9.72 -26.63
CA THR A 398 -0.24 -8.33 -26.86
C THR A 398 -1.71 -8.05 -26.52
N THR A 399 -2.60 -8.92 -26.96
CA THR A 399 -4.03 -8.73 -26.72
C THR A 399 -4.41 -8.82 -25.25
N HIS A 400 -3.79 -9.70 -24.48
CA HIS A 400 -4.08 -9.79 -23.06
C HIS A 400 -3.59 -8.58 -22.27
N LEU A 401 -2.55 -7.90 -22.75
CA LEU A 401 -2.19 -6.60 -22.19
C LEU A 401 -3.19 -5.50 -22.56
N ILE A 402 -3.56 -5.40 -23.83
CA ILE A 402 -4.54 -4.42 -24.26
C ILE A 402 -5.86 -4.58 -23.51
N ARG A 403 -6.33 -5.81 -23.37
CA ARG A 403 -7.56 -6.05 -22.62
C ARG A 403 -7.47 -5.55 -21.19
N MET A 404 -6.29 -5.55 -20.58
CA MET A 404 -6.12 -4.95 -19.27
C MET A 404 -6.14 -3.43 -19.33
N LEU A 405 -5.45 -2.84 -20.30
CA LEU A 405 -5.47 -1.39 -20.47
C LEU A 405 -6.85 -0.83 -20.78
N VAL A 406 -7.61 -1.54 -21.62
CA VAL A 406 -8.98 -1.16 -21.91
C VAL A 406 -9.81 -1.03 -20.64
N VAL A 407 -9.50 -1.81 -19.62
CA VAL A 407 -10.20 -1.75 -18.35
C VAL A 407 -9.63 -0.69 -17.41
N VAL A 408 -8.31 -0.66 -17.19
CA VAL A 408 -7.78 0.25 -16.18
C VAL A 408 -7.60 1.69 -16.66
N GLU A 409 -7.43 1.92 -17.95
CA GLU A 409 -7.18 3.28 -18.43
C GLU A 409 -8.39 4.21 -18.39
N PRO A 410 -9.59 3.78 -18.78
CA PRO A 410 -10.77 4.62 -18.58
C PRO A 410 -10.99 5.06 -17.15
N CYS A 411 -10.62 4.22 -16.18
CA CYS A 411 -10.74 4.56 -14.78
C CYS A 411 -9.68 5.56 -14.34
N HIS A 412 -8.43 5.34 -14.72
CA HIS A 412 -7.37 6.32 -14.46
C HIS A 412 -7.69 7.69 -15.04
N TYR A 413 -8.16 7.76 -16.27
CA TYR A 413 -8.51 9.04 -16.84
C TYR A 413 -9.64 9.71 -16.07
N THR A 414 -10.50 8.94 -15.42
CA THR A 414 -11.52 9.50 -14.54
C THR A 414 -10.95 10.02 -13.22
N MET A 415 -9.95 9.35 -12.65
CA MET A 415 -9.24 9.88 -11.49
C MET A 415 -8.60 11.24 -11.77
N ARG A 416 -7.94 11.36 -12.92
CA ARG A 416 -7.28 12.62 -13.30
C ARG A 416 -8.22 13.81 -13.38
N GLU A 417 -9.44 13.59 -13.86
CA GLU A 417 -10.42 14.68 -13.83
C GLU A 417 -10.83 15.07 -12.42
N GLY A 418 -10.88 14.12 -11.48
CA GLY A 418 -11.12 14.49 -10.11
C GLY A 418 -10.00 15.31 -9.47
N LYS A 419 -8.75 14.89 -9.70
CA LYS A 419 -7.60 15.68 -9.28
C LYS A 419 -7.60 17.08 -9.87
N ARG A 420 -8.00 17.21 -11.13
CA ARG A 420 -8.12 18.52 -11.75
C ARG A 420 -9.17 19.38 -11.07
N THR A 421 -10.25 18.77 -10.56
CA THR A 421 -11.22 19.53 -9.79
C THR A 421 -10.62 20.09 -8.51
N GLU A 422 -9.82 19.30 -7.79
CA GLU A 422 -9.19 19.76 -6.58
C GLU A 422 -8.23 20.92 -6.84
N ASP A 423 -7.49 20.86 -7.94
CA ASP A 423 -6.65 21.97 -8.36
C ASP A 423 -7.45 23.23 -8.65
N ILE A 424 -8.55 23.08 -9.37
CA ILE A 424 -9.41 24.23 -9.68
C ILE A 424 -10.05 24.82 -8.44
N VAL A 425 -10.56 23.98 -7.54
CA VAL A 425 -11.23 24.48 -6.34
C VAL A 425 -10.25 25.20 -5.42
N CYS A 426 -9.04 24.68 -5.27
CA CYS A 426 -8.03 25.39 -4.50
C CYS A 426 -7.77 26.77 -5.07
N ARG A 427 -7.47 26.85 -6.36
CA ARG A 427 -7.30 28.13 -7.04
C ARG A 427 -8.49 29.04 -6.85
N LEU A 428 -9.67 28.54 -7.17
CA LEU A 428 -10.91 29.31 -7.08
C LEU A 428 -11.20 29.86 -5.68
N MET A 429 -10.91 29.08 -4.63
CA MET A 429 -11.15 29.57 -3.27
C MET A 429 -10.05 30.43 -2.67
N THR A 430 -8.90 30.57 -3.32
CA THR A 430 -8.01 31.69 -2.98
C THR A 430 -8.46 32.98 -3.65
N LEU A 431 -9.13 32.87 -4.80
CA LEU A 431 -9.65 34.04 -5.49
C LEU A 431 -10.90 34.58 -4.83
N ALA A 432 -11.75 33.70 -4.32
CA ALA A 432 -13.00 34.11 -3.72
C ALA A 432 -12.76 35.01 -2.51
N PRO A 433 -13.53 36.08 -2.36
CA PRO A 433 -13.30 37.03 -1.27
C PRO A 433 -13.65 36.46 0.10
N HIS A 434 -12.98 37.03 1.11
CA HIS A 434 -13.16 36.64 2.50
C HIS A 434 -14.59 36.88 2.97
N GLY A 435 -15.17 35.85 3.60
CA GLY A 435 -16.48 35.94 4.23
C GLY A 435 -17.67 36.02 3.30
N GLY A 436 -17.47 35.95 2.00
CA GLY A 436 -18.58 35.98 1.07
C GLY A 436 -19.38 34.69 1.05
N VAL A 437 -20.47 34.74 0.29
CA VAL A 437 -21.30 33.57 0.05
C VAL A 437 -20.56 32.55 -0.80
N LEU A 438 -19.83 33.01 -1.81
CA LEU A 438 -19.08 32.13 -2.69
C LEU A 438 -18.09 31.28 -1.93
N SER A 439 -17.33 31.88 -1.03
CA SER A 439 -16.39 31.12 -0.22
C SER A 439 -17.07 30.14 0.73
N SER A 440 -18.28 30.44 1.18
CA SER A 440 -19.04 29.47 1.95
C SER A 440 -19.54 28.31 1.11
N LYS A 441 -19.87 28.55 -0.16
CA LYS A 441 -20.18 27.48 -1.09
C LYS A 441 -18.95 26.63 -1.44
N LEU A 442 -17.78 27.24 -1.51
CA LEU A 442 -16.53 26.52 -1.76
C LEU A 442 -15.99 25.76 -0.55
N GLU A 443 -16.32 26.21 0.67
CA GLU A 443 -16.10 25.38 1.85
C GLU A 443 -16.85 24.06 1.76
N VAL A 444 -18.08 24.08 1.27
CA VAL A 444 -18.85 22.85 1.08
C VAL A 444 -18.22 21.96 0.02
N LEU A 445 -17.99 22.49 -1.17
CA LEU A 445 -17.43 21.71 -2.26
C LEU A 445 -16.11 21.06 -1.89
N SER A 446 -15.22 21.79 -1.22
CA SER A 446 -13.96 21.21 -0.76
C SER A 446 -14.14 20.07 0.23
N ARG A 447 -15.17 20.13 1.07
CA ARG A 447 -15.49 18.95 1.88
C ARG A 447 -15.99 17.78 1.03
N LEU A 448 -16.79 18.04 0.02
CA LEU A 448 -17.19 16.97 -0.89
C LEU A 448 -16.00 16.30 -1.56
N LEU A 449 -14.99 17.06 -1.96
CA LEU A 449 -13.80 16.48 -2.57
C LEU A 449 -13.03 15.60 -1.60
N MET A 450 -12.99 15.97 -0.32
CA MET A 450 -12.31 15.17 0.68
C MET A 450 -13.12 13.93 1.06
N LEU A 451 -14.44 14.06 1.12
CA LEU A 451 -15.32 12.94 1.44
C LEU A 451 -15.55 12.01 0.26
N GLN A 452 -16.19 12.50 -0.80
CA GLN A 452 -16.49 11.69 -1.98
C GLN A 452 -15.35 11.77 -3.00
N ASN A 453 -14.53 10.75 -3.03
CA ASN A 453 -13.66 10.46 -4.16
C ASN A 453 -14.45 9.78 -5.27
N ILE A 454 -13.91 9.84 -6.48
CA ILE A 454 -14.45 9.09 -7.63
C ILE A 454 -13.46 7.99 -7.99
N SER A 455 -13.90 6.75 -7.86
CA SER A 455 -13.03 5.62 -8.12
C SER A 455 -13.87 4.39 -8.43
N TYR A 456 -13.22 3.43 -9.09
CA TYR A 456 -13.79 2.11 -9.34
C TYR A 456 -12.96 1.09 -8.58
N SER A 457 -13.59 0.36 -7.66
CA SER A 457 -12.93 -0.71 -6.91
C SER A 457 -13.76 -1.98 -6.98
N PRO A 458 -13.53 -2.82 -7.99
CA PRO A 458 -14.43 -3.95 -8.22
C PRO A 458 -14.44 -4.97 -7.09
N LEU A 459 -15.63 -5.19 -6.52
CA LEU A 459 -15.83 -6.01 -5.32
C LEU A 459 -14.95 -5.62 -4.14
N GLY A 460 -14.34 -4.44 -4.16
CA GLY A 460 -13.39 -4.05 -3.14
C GLY A 460 -12.03 -4.70 -3.20
N MET A 461 -11.78 -5.57 -4.18
CA MET A 461 -10.53 -6.31 -4.22
C MET A 461 -9.36 -5.40 -4.54
N CYS A 462 -9.59 -4.42 -5.39
CA CYS A 462 -8.52 -3.61 -5.95
C CYS A 462 -9.13 -2.33 -6.51
N THR A 463 -8.27 -1.38 -6.82
CA THR A 463 -8.67 -0.15 -7.49
C THR A 463 -8.14 -0.21 -8.91
N LEU A 464 -9.01 0.03 -9.88
CA LEU A 464 -8.64 0.11 -11.28
C LEU A 464 -7.88 1.40 -11.56
N ASP A 465 -6.57 1.26 -11.73
CA ASP A 465 -5.69 2.38 -12.05
C ASP A 465 -4.39 1.77 -12.53
N ARG A 466 -3.51 2.61 -13.08
CA ARG A 466 -2.26 2.11 -13.63
C ARG A 466 -1.34 1.41 -12.65
N PRO A 467 -1.36 1.68 -11.34
CA PRO A 467 -0.63 0.83 -10.41
C PRO A 467 -1.06 -0.63 -10.39
N LEU A 468 -2.27 -0.94 -10.84
CA LEU A 468 -2.68 -2.33 -10.98
C LEU A 468 -1.94 -3.05 -12.10
N ILE A 469 -1.56 -2.33 -13.15
CA ILE A 469 -0.68 -2.89 -14.17
C ILE A 469 0.65 -3.33 -13.57
N VAL A 470 1.29 -2.46 -12.80
CA VAL A 470 2.58 -2.79 -12.18
C VAL A 470 2.45 -4.00 -11.26
N THR A 471 1.36 -4.08 -10.53
CA THR A 471 1.11 -5.22 -9.65
C THR A 471 0.94 -6.51 -10.43
N VAL A 472 0.12 -6.50 -11.48
CA VAL A 472 -0.10 -7.67 -12.31
C VAL A 472 1.18 -8.11 -13.03
N LEU A 473 1.86 -7.17 -13.67
CA LEU A 473 3.07 -7.50 -14.40
C LEU A 473 4.22 -7.96 -13.51
N GLY A 474 4.32 -7.43 -12.29
CA GLY A 474 5.30 -7.94 -11.35
C GLY A 474 5.05 -9.38 -10.91
N ALA A 475 3.79 -9.74 -10.72
CA ALA A 475 3.43 -11.13 -10.46
C ALA A 475 3.74 -12.03 -11.66
N VAL A 476 3.26 -11.64 -12.84
CA VAL A 476 3.53 -12.38 -14.06
C VAL A 476 5.02 -12.69 -14.21
N THR A 477 5.87 -11.68 -14.08
CA THR A 477 7.31 -11.91 -14.22
C THR A 477 7.90 -12.70 -13.07
N THR A 478 7.35 -12.58 -11.87
CA THR A 478 7.76 -13.45 -10.77
C THR A 478 7.48 -14.92 -11.05
N TYR A 479 6.26 -15.25 -11.46
CA TYR A 479 5.93 -16.63 -11.81
C TYR A 479 6.72 -17.14 -13.01
N LEU A 480 6.86 -16.33 -14.05
CA LEU A 480 7.65 -16.74 -15.21
C LEU A 480 9.11 -16.98 -14.87
N VAL A 481 9.70 -16.12 -14.04
CA VAL A 481 11.07 -16.35 -13.61
C VAL A 481 11.18 -17.65 -12.82
N ILE A 482 10.19 -17.95 -11.99
CA ILE A 482 10.17 -19.24 -11.31
C ILE A 482 9.94 -20.38 -12.30
N LEU A 483 8.89 -20.27 -13.13
CA LEU A 483 8.55 -21.38 -14.02
C LEU A 483 9.59 -21.58 -15.11
N ILE A 484 10.09 -20.50 -15.72
CA ILE A 484 10.96 -20.66 -16.87
C ILE A 484 12.35 -21.12 -16.45
N GLN A 485 12.84 -20.64 -15.31
CA GLN A 485 14.24 -20.87 -14.98
C GLN A 485 14.54 -22.35 -14.77
N PHE A 486 13.51 -23.17 -14.57
CA PHE A 486 13.67 -24.62 -14.52
C PHE A 486 12.41 -25.35 -14.96
N CYS B 58 -28.02 -6.24 30.87
CA CYS B 58 -27.69 -6.35 29.46
C CYS B 58 -28.59 -7.38 28.77
N LEU B 59 -28.97 -7.10 27.54
CA LEU B 59 -29.80 -7.99 26.74
C LEU B 59 -29.23 -8.15 25.34
N VAL B 60 -29.46 -9.31 24.75
CA VAL B 60 -28.98 -9.61 23.41
C VAL B 60 -30.00 -10.49 22.71
N GLY B 61 -30.07 -10.38 21.39
CA GLY B 61 -31.04 -11.10 20.60
C GLY B 61 -30.45 -11.62 19.30
N GLY B 62 -31.31 -12.29 18.53
CA GLY B 62 -31.06 -12.75 17.18
C GLY B 62 -29.95 -13.79 17.06
N ALA B 63 -29.33 -13.80 15.88
CA ALA B 63 -28.23 -14.75 15.60
C ALA B 63 -27.00 -14.49 16.45
N HIS B 64 -26.78 -13.26 16.89
CA HIS B 64 -25.74 -13.00 17.87
C HIS B 64 -26.02 -13.71 19.19
N ALA B 65 -27.24 -13.57 19.72
CA ALA B 65 -27.61 -14.32 20.91
C ALA B 65 -27.60 -15.83 20.70
N PHE B 66 -27.92 -16.28 19.50
CA PHE B 66 -27.92 -17.72 19.20
C PHE B 66 -26.52 -18.31 19.17
N ILE B 67 -25.58 -17.64 18.52
CA ILE B 67 -24.19 -18.10 18.52
C ILE B 67 -23.56 -18.03 19.90
N LEU B 68 -24.05 -17.16 20.79
CA LEU B 68 -23.55 -17.16 22.16
C LEU B 68 -24.02 -18.38 22.94
N LYS B 69 -25.23 -18.85 22.68
CA LYS B 69 -25.66 -20.14 23.22
C LYS B 69 -24.75 -21.27 22.77
N ILE B 70 -24.53 -21.39 21.46
CA ILE B 70 -23.63 -22.40 20.93
C ILE B 70 -22.23 -22.25 21.52
N SER B 71 -21.71 -21.02 21.54
CA SER B 71 -20.38 -20.77 22.09
C SER B 71 -20.26 -21.09 23.57
N SER B 72 -21.37 -21.04 24.32
CA SER B 72 -21.28 -21.33 25.75
C SER B 72 -20.79 -22.74 26.02
N PHE B 73 -21.27 -23.72 25.25
CA PHE B 73 -20.85 -25.10 25.47
C PHE B 73 -19.38 -25.30 25.13
N CYS B 74 -18.88 -24.60 24.10
CA CYS B 74 -17.46 -24.56 23.77
C CYS B 74 -16.61 -23.85 24.83
N GLY B 75 -17.23 -23.14 25.77
CA GLY B 75 -16.50 -22.25 26.65
C GLY B 75 -16.01 -20.96 26.05
N LEU B 76 -16.54 -20.56 24.92
CA LEU B 76 -16.20 -19.30 24.29
C LEU B 76 -17.08 -18.15 24.78
N ALA B 77 -18.15 -18.46 25.50
CA ALA B 77 -19.06 -17.45 26.05
C ALA B 77 -19.55 -17.89 27.42
N PRO B 78 -18.72 -17.75 28.44
CA PRO B 78 -19.12 -18.20 29.78
C PRO B 78 -20.20 -17.35 30.42
N LEU B 79 -21.42 -17.49 29.92
CA LEU B 79 -22.53 -16.61 30.25
C LEU B 79 -23.68 -17.44 30.80
N ARG B 80 -24.46 -16.85 31.69
CA ARG B 80 -25.84 -17.26 31.92
C ARG B 80 -26.79 -16.53 30.98
N PHE B 81 -27.90 -17.18 30.67
CA PHE B 81 -28.94 -16.64 29.80
C PHE B 81 -30.31 -16.77 30.47
N GLU B 82 -31.11 -15.72 30.34
CA GLU B 82 -32.40 -15.60 31.03
C GLU B 82 -33.44 -15.14 30.03
N PRO B 83 -34.30 -16.04 29.54
CA PRO B 83 -35.10 -15.73 28.34
C PRO B 83 -36.17 -14.70 28.61
N ARG B 84 -36.16 -13.64 27.81
CA ARG B 84 -37.24 -12.67 27.75
C ARG B 84 -38.08 -12.91 26.50
N SER B 85 -38.86 -11.91 26.09
CA SER B 85 -39.79 -12.09 24.97
C SER B 85 -39.05 -12.30 23.65
N GLN B 86 -38.03 -11.48 23.37
CA GLN B 86 -37.26 -11.56 22.14
C GLN B 86 -35.77 -11.55 22.41
N GLU B 87 -35.38 -11.59 23.69
CA GLU B 87 -34.01 -11.34 24.09
C GLU B 87 -33.71 -12.20 25.31
N TYR B 88 -32.43 -12.37 25.59
CA TYR B 88 -31.96 -12.93 26.84
C TYR B 88 -31.24 -11.86 27.65
N ALA B 89 -31.52 -11.84 28.95
CA ALA B 89 -30.65 -11.17 29.91
C ALA B 89 -29.42 -12.02 30.16
N VAL B 90 -28.28 -11.36 30.32
CA VAL B 90 -26.98 -12.02 30.27
C VAL B 90 -26.09 -11.44 31.36
N THR B 91 -25.35 -12.32 32.03
CA THR B 91 -24.31 -11.92 32.95
C THR B 91 -23.20 -12.98 32.92
N ILE B 92 -22.01 -12.58 33.35
CA ILE B 92 -20.90 -13.52 33.41
C ILE B 92 -21.21 -14.58 34.46
N SER B 93 -20.78 -15.82 34.20
CA SER B 93 -20.80 -16.88 35.19
C SER B 93 -19.38 -17.39 35.39
N LYS B 94 -18.87 -17.24 36.60
CA LYS B 94 -17.53 -17.74 36.92
C LYS B 94 -17.45 -19.26 36.86
N GLY B 95 -18.54 -19.94 37.21
CA GLY B 95 -18.60 -21.38 37.03
C GLY B 95 -18.44 -21.86 35.60
N LYS B 96 -19.03 -21.15 34.63
CA LYS B 96 -18.77 -21.50 33.23
C LYS B 96 -17.36 -21.12 32.79
N CYS B 97 -16.78 -20.06 33.33
CA CYS B 97 -15.37 -19.79 33.09
C CYS B 97 -14.50 -20.94 33.59
N PHE B 98 -14.77 -21.41 34.80
CA PHE B 98 -14.06 -22.57 35.35
C PHE B 98 -14.23 -23.81 34.48
N TYR B 99 -15.47 -24.16 34.14
CA TYR B 99 -15.73 -25.24 33.18
C TYR B 99 -14.99 -25.03 31.86
N SER B 100 -15.04 -23.82 31.33
CA SER B 100 -14.41 -23.51 30.06
C SER B 100 -12.90 -23.69 30.11
N TYR B 101 -12.25 -23.22 31.18
CA TYR B 101 -10.82 -23.40 31.32
C TYR B 101 -10.42 -24.87 31.43
N ILE B 102 -11.20 -25.66 32.17
CA ILE B 102 -10.97 -27.10 32.23
C ILE B 102 -11.10 -27.75 30.86
N LEU B 103 -12.23 -27.52 30.20
CA LEU B 103 -12.52 -28.19 28.94
C LEU B 103 -11.41 -28.04 27.91
N VAL B 104 -11.01 -26.80 27.63
CA VAL B 104 -9.97 -26.59 26.63
C VAL B 104 -8.63 -27.12 27.10
N THR B 105 -8.33 -27.03 28.40
CA THR B 105 -7.05 -27.55 28.91
C THR B 105 -6.99 -29.07 28.78
N PHE B 106 -8.08 -29.75 29.14
CA PHE B 106 -8.22 -31.18 28.90
C PHE B 106 -8.05 -31.55 27.43
N LEU B 107 -8.75 -30.86 26.54
CA LEU B 107 -8.65 -31.16 25.11
C LEU B 107 -7.28 -30.88 24.53
N VAL B 108 -6.59 -29.85 25.04
CA VAL B 108 -5.22 -29.58 24.60
C VAL B 108 -4.25 -30.65 25.10
N ILE B 109 -4.38 -31.07 26.36
CA ILE B 109 -3.57 -32.19 26.85
C ILE B 109 -3.79 -33.45 26.02
N CYS B 110 -5.05 -33.83 25.82
CA CYS B 110 -5.35 -35.01 25.01
C CYS B 110 -4.83 -34.87 23.58
N THR B 111 -4.88 -33.66 23.02
CA THR B 111 -4.39 -33.45 21.66
C THR B 111 -2.87 -33.53 21.57
N ILE B 112 -2.15 -32.94 22.52
CA ILE B 112 -0.69 -33.00 22.50
C ILE B 112 -0.20 -34.43 22.75
N TYR B 113 -0.73 -35.10 23.77
CA TYR B 113 -0.36 -36.50 23.99
C TYR B 113 -0.81 -37.42 22.87
N GLY B 114 -1.93 -37.11 22.21
CA GLY B 114 -2.29 -37.84 21.01
C GLY B 114 -1.32 -37.63 19.86
N LEU B 115 -0.83 -36.39 19.71
CA LEU B 115 0.22 -36.09 18.75
C LEU B 115 1.52 -36.83 19.07
N VAL B 116 1.94 -36.80 20.33
CA VAL B 116 3.12 -37.53 20.77
C VAL B 116 2.98 -39.02 20.46
N ALA B 117 1.81 -39.59 20.72
CA ALA B 117 1.60 -41.01 20.43
C ALA B 117 1.77 -41.33 18.95
N GLU B 118 1.18 -40.53 18.06
CA GLU B 118 1.28 -40.80 16.63
C GLU B 118 2.67 -40.53 16.07
N ILE B 119 3.39 -39.54 16.60
CA ILE B 119 4.81 -39.43 16.29
C ILE B 119 5.56 -40.66 16.81
N GLY B 120 5.17 -41.17 17.97
CA GLY B 120 5.83 -42.36 18.50
C GLY B 120 5.57 -43.61 17.68
N VAL B 121 4.40 -43.72 17.04
CA VAL B 121 4.18 -44.77 16.06
C VAL B 121 4.98 -44.53 14.79
N GLY B 122 5.51 -43.32 14.58
CA GLY B 122 6.47 -43.08 13.52
C GLY B 122 5.81 -42.53 12.26
N VAL B 123 6.15 -43.13 11.12
CA VAL B 123 5.64 -42.69 9.83
C VAL B 123 4.95 -43.80 9.05
N GLU B 124 5.06 -45.06 9.47
CA GLU B 124 4.44 -46.16 8.74
C GLU B 124 2.94 -46.22 8.98
N LYS B 125 2.52 -46.36 10.23
CA LYS B 125 1.11 -46.52 10.57
C LYS B 125 0.42 -45.20 10.90
N SER B 126 1.20 -44.13 11.13
CA SER B 126 0.66 -42.81 11.48
C SER B 126 0.10 -42.15 10.23
N VAL B 127 -1.21 -42.32 10.02
CA VAL B 127 -1.83 -42.06 8.73
C VAL B 127 -1.70 -40.58 8.36
N ARG B 128 -1.66 -39.69 9.35
CA ARG B 128 -1.45 -38.28 9.12
C ARG B 128 0.02 -37.92 8.90
N MET B 129 0.92 -38.90 8.95
CA MET B 129 2.34 -38.65 9.19
C MET B 129 3.17 -39.59 8.34
N SER B 130 2.85 -39.66 7.04
CA SER B 130 3.47 -40.65 6.16
C SER B 130 4.96 -40.42 5.94
N SER B 131 5.53 -39.41 6.58
CA SER B 131 6.94 -39.08 6.43
C SER B 131 7.37 -38.22 7.62
N ARG B 132 8.68 -38.07 7.76
CA ARG B 132 9.23 -37.19 8.78
C ARG B 132 8.73 -35.75 8.63
N MET B 133 8.74 -35.24 7.40
CA MET B 133 8.20 -33.93 7.12
C MET B 133 6.68 -33.86 7.35
N SER B 134 5.96 -34.95 7.06
CA SER B 134 4.52 -35.03 7.33
C SER B 134 4.21 -34.99 8.82
N GLN B 135 5.09 -35.54 9.65
CA GLN B 135 5.02 -35.34 11.10
C GLN B 135 5.10 -33.87 11.48
N VAL B 136 6.08 -33.14 10.95
CA VAL B 136 6.23 -31.73 11.29
C VAL B 136 5.02 -30.91 10.85
N VAL B 137 4.53 -31.16 9.64
CA VAL B 137 3.32 -30.49 9.16
C VAL B 137 2.12 -30.76 10.08
N SER B 138 1.88 -32.01 10.41
CA SER B 138 0.76 -32.35 11.29
C SER B 138 0.90 -31.73 12.67
N ALA B 139 2.12 -31.70 13.21
CA ALA B 139 2.35 -31.03 14.50
C ALA B 139 2.06 -29.54 14.46
N CYS B 140 2.46 -28.83 13.41
CA CYS B 140 2.16 -27.40 13.30
C CYS B 140 0.68 -27.14 13.08
N ASP B 141 0.03 -27.94 12.22
CA ASP B 141 -1.42 -27.87 12.07
C ASP B 141 -2.14 -27.99 13.40
N ILE B 142 -1.84 -29.03 14.15
CA ILE B 142 -2.40 -29.20 15.49
C ILE B 142 -2.02 -28.06 16.42
N LEU B 143 -0.78 -27.60 16.35
CA LEU B 143 -0.31 -26.54 17.23
C LEU B 143 -1.07 -25.23 17.03
N VAL B 144 -1.25 -24.78 15.78
CA VAL B 144 -1.96 -23.52 15.57
C VAL B 144 -3.43 -23.60 15.95
N VAL B 145 -4.07 -24.75 15.76
CA VAL B 145 -5.44 -24.94 16.24
C VAL B 145 -5.51 -24.95 17.76
N ALA B 146 -4.58 -25.63 18.42
CA ALA B 146 -4.55 -25.62 19.88
C ALA B 146 -4.26 -24.23 20.43
N VAL B 147 -3.41 -23.47 19.76
CA VAL B 147 -3.16 -22.08 20.16
C VAL B 147 -4.38 -21.19 19.89
N THR B 148 -5.02 -21.35 18.73
CA THR B 148 -6.20 -20.56 18.41
C THR B 148 -7.36 -20.85 19.36
N ALA B 149 -7.63 -22.13 19.62
CA ALA B 149 -8.66 -22.49 20.58
C ALA B 149 -8.30 -22.09 22.00
N GLY B 150 -7.03 -22.19 22.36
CA GLY B 150 -6.55 -21.71 23.64
C GLY B 150 -6.77 -20.23 23.89
N VAL B 151 -6.27 -19.39 22.99
CA VAL B 151 -6.49 -17.95 23.10
C VAL B 151 -7.98 -17.63 23.06
N GLY B 152 -8.71 -18.34 22.21
CA GLY B 152 -10.16 -18.19 22.16
C GLY B 152 -10.84 -18.41 23.49
N VAL B 153 -10.55 -19.52 24.16
CA VAL B 153 -11.26 -19.90 25.36
C VAL B 153 -10.69 -19.24 26.61
N TYR B 154 -9.38 -19.15 26.75
CA TYR B 154 -8.83 -18.47 27.91
C TYR B 154 -9.11 -16.97 27.91
N GLY B 155 -9.16 -16.34 26.74
CA GLY B 155 -9.56 -14.94 26.61
C GLY B 155 -11.05 -14.66 26.69
N ALA B 156 -11.89 -15.68 26.68
CA ALA B 156 -13.33 -15.47 26.54
C ALA B 156 -13.98 -14.71 27.68
N PRO B 157 -13.60 -14.88 28.94
CA PRO B 157 -14.25 -14.12 30.01
C PRO B 157 -14.02 -12.62 29.92
N ALA B 158 -12.78 -12.21 29.64
CA ALA B 158 -12.49 -10.80 29.45
C ALA B 158 -13.21 -10.24 28.23
N ARG B 159 -13.33 -11.04 27.18
CA ARG B 159 -14.08 -10.64 25.99
C ARG B 159 -15.57 -10.48 26.24
N MET B 160 -16.16 -11.35 27.05
CA MET B 160 -17.56 -11.18 27.44
C MET B 160 -17.77 -9.98 28.35
N ARG B 161 -16.83 -9.72 29.27
CA ARG B 161 -16.91 -8.51 30.08
C ARG B 161 -16.90 -7.26 29.20
N THR B 162 -16.09 -7.25 28.15
CA THR B 162 -16.10 -6.19 27.16
C THR B 162 -17.44 -6.10 26.41
N MET B 163 -17.97 -7.23 25.97
CA MET B 163 -19.26 -7.25 25.27
C MET B 163 -20.38 -6.68 26.12
N LEU B 164 -20.49 -7.14 27.36
CA LEU B 164 -21.52 -6.62 28.25
C LEU B 164 -21.28 -5.17 28.62
N SER B 165 -20.04 -4.71 28.58
CA SER B 165 -19.77 -3.29 28.79
C SER B 165 -20.32 -2.43 27.65
N TYR B 166 -19.96 -2.72 26.41
CA TYR B 166 -20.45 -1.89 25.30
C TYR B 166 -21.90 -2.13 24.91
N MET B 167 -22.46 -3.32 25.13
CA MET B 167 -23.83 -3.55 24.71
C MET B 167 -24.83 -2.65 25.42
N GLU B 168 -24.50 -2.15 26.60
CA GLU B 168 -25.36 -1.19 27.27
C GLU B 168 -25.47 0.13 26.51
N ASN B 169 -24.45 0.50 25.74
CA ASN B 169 -24.51 1.69 24.91
C ASN B 169 -25.23 1.45 23.59
N ILE B 170 -25.03 0.27 23.00
CA ILE B 170 -25.78 -0.12 21.80
C ILE B 170 -27.28 -0.12 22.05
N VAL B 171 -27.72 -0.52 23.25
CA VAL B 171 -29.13 -0.43 23.60
C VAL B 171 -29.64 1.00 23.52
N ALA B 172 -28.80 1.98 23.87
CA ALA B 172 -29.21 3.37 23.73
C ALA B 172 -29.34 3.78 22.27
N VAL B 173 -28.43 3.31 21.42
CA VAL B 173 -28.54 3.53 19.98
C VAL B 173 -29.79 2.87 19.42
N ASP B 174 -30.09 1.65 19.86
CA ASP B 174 -31.29 0.97 19.43
C ASP B 174 -32.55 1.75 19.76
N ARG B 175 -32.64 2.31 20.96
CA ARG B 175 -33.81 3.14 21.28
C ARG B 175 -33.94 4.34 20.34
N GLU B 176 -32.83 5.04 20.08
CA GLU B 176 -32.91 6.21 19.20
C GLU B 176 -33.33 5.83 17.80
N LEU B 177 -32.78 4.73 17.28
CA LEU B 177 -33.13 4.23 15.97
C LEU B 177 -34.44 3.46 15.93
N GLY B 178 -35.02 3.14 17.08
CA GLY B 178 -36.16 2.25 17.12
C GLY B 178 -35.86 0.83 16.69
N ARG B 179 -34.66 0.35 16.95
CA ARG B 179 -34.26 -0.98 16.49
C ARG B 179 -35.18 -2.06 17.04
N HIS B 180 -35.72 -2.87 16.13
CA HIS B 180 -36.41 -4.09 16.47
C HIS B 180 -35.89 -5.19 15.55
N HIS B 181 -35.80 -6.41 16.09
CA HIS B 181 -35.18 -7.50 15.36
C HIS B 181 -36.15 -8.05 14.32
N SER B 182 -35.77 -7.97 13.05
CA SER B 182 -36.54 -8.60 11.99
C SER B 182 -36.46 -10.11 12.10
N ALA B 183 -37.60 -10.75 12.33
CA ALA B 183 -37.64 -12.20 12.41
C ALA B 183 -37.11 -12.85 11.14
N ALA B 184 -37.54 -12.33 9.98
CA ALA B 184 -37.04 -12.82 8.70
C ALA B 184 -35.53 -12.63 8.55
N THR B 185 -35.00 -11.52 9.04
CA THR B 185 -33.56 -11.29 8.92
C THR B 185 -32.76 -12.17 9.87
N GLU B 186 -33.18 -12.27 11.12
CA GLU B 186 -32.49 -13.16 12.06
C GLU B 186 -32.60 -14.61 11.63
N ARG B 187 -33.74 -14.99 11.05
CA ARG B 187 -33.88 -16.32 10.48
C ARG B 187 -32.89 -16.55 9.35
N LYS B 188 -32.65 -15.54 8.52
CA LYS B 188 -31.59 -15.64 7.52
C LYS B 188 -30.23 -15.86 8.17
N LEU B 189 -29.87 -15.01 9.15
CA LEU B 189 -28.54 -15.14 9.77
C LEU B 189 -28.43 -16.36 10.68
N CYS B 190 -29.51 -16.73 11.37
CA CYS B 190 -29.50 -17.99 12.12
C CYS B 190 -29.43 -19.21 11.22
N ALA B 191 -30.11 -19.18 10.08
CA ALA B 191 -29.95 -20.25 9.09
C ALA B 191 -28.54 -20.29 8.53
N LEU B 192 -27.89 -19.14 8.39
CA LEU B 192 -26.51 -19.09 7.92
C LEU B 192 -25.54 -19.63 8.97
N LEU B 193 -25.77 -19.34 10.25
CA LEU B 193 -25.04 -20.02 11.31
C LEU B 193 -25.18 -21.54 11.21
N LEU B 194 -26.41 -22.03 11.15
CA LEU B 194 -26.64 -23.46 11.01
C LEU B 194 -26.01 -24.02 9.73
N LEU B 195 -26.17 -23.32 8.61
CA LEU B 195 -25.60 -23.80 7.35
C LEU B 195 -24.09 -23.96 7.44
N ILE B 196 -23.39 -22.91 7.86
CA ILE B 196 -21.93 -22.95 7.90
C ILE B 196 -21.43 -23.91 8.97
N LEU B 197 -21.99 -23.82 10.18
CA LEU B 197 -21.51 -24.63 11.29
C LEU B 197 -21.86 -26.11 11.15
N LEU B 198 -23.07 -26.42 10.71
CA LEU B 198 -23.47 -27.81 10.52
C LEU B 198 -22.72 -28.47 9.37
N SER B 199 -22.53 -27.74 8.28
CA SER B 199 -21.71 -28.23 7.16
C SER B 199 -20.29 -28.56 7.60
N PHE B 200 -19.67 -27.70 8.41
CA PHE B 200 -18.33 -27.98 8.96
C PHE B 200 -18.32 -29.17 9.90
N THR B 201 -19.29 -29.23 10.81
CA THR B 201 -19.41 -30.39 11.70
C THR B 201 -19.54 -31.69 10.93
N ILE B 202 -20.31 -31.69 9.85
CA ILE B 202 -20.45 -32.86 8.99
C ILE B 202 -19.13 -33.23 8.32
N LEU B 203 -18.36 -32.23 7.89
CA LEU B 203 -17.02 -32.48 7.35
C LEU B 203 -16.06 -33.07 8.38
N LEU B 204 -16.08 -32.57 9.60
CA LEU B 204 -15.23 -33.14 10.65
C LEU B 204 -15.55 -34.60 10.91
N VAL B 205 -16.83 -34.95 10.96
CA VAL B 205 -17.23 -36.34 11.16
C VAL B 205 -16.75 -37.23 10.01
N ASP B 206 -16.94 -36.79 8.77
CA ASP B 206 -16.45 -37.58 7.64
C ASP B 206 -14.94 -37.77 7.67
N ASP B 207 -14.19 -36.70 7.91
CA ASP B 207 -12.74 -36.80 8.01
C ASP B 207 -12.34 -37.79 9.11
N PHE B 208 -12.94 -37.67 10.29
CA PHE B 208 -12.62 -38.58 11.39
C PHE B 208 -13.02 -40.01 11.08
N CYS B 209 -14.23 -40.22 10.58
CA CYS B 209 -14.67 -41.56 10.20
C CYS B 209 -13.77 -42.17 9.13
N PHE B 210 -13.37 -41.38 8.14
CA PHE B 210 -12.47 -41.87 7.10
C PHE B 210 -11.14 -42.37 7.67
N TYR B 211 -10.43 -41.52 8.41
CA TYR B 211 -9.14 -41.93 8.94
C TYR B 211 -9.25 -43.04 9.98
N ALA B 212 -10.32 -43.07 10.76
CA ALA B 212 -10.55 -44.18 11.67
C ALA B 212 -10.80 -45.48 10.92
N MET B 213 -11.58 -45.44 9.84
CA MET B 213 -11.78 -46.63 9.03
C MET B 213 -10.53 -47.01 8.27
N GLN B 214 -9.77 -46.02 7.79
CA GLN B 214 -8.49 -46.33 7.16
C GLN B 214 -7.58 -47.09 8.11
N ALA B 215 -7.53 -46.67 9.38
CA ALA B 215 -6.84 -47.44 10.41
C ALA B 215 -7.65 -48.65 10.86
N GLY B 216 -8.98 -48.57 10.81
CA GLY B 216 -9.82 -49.69 11.19
C GLY B 216 -9.63 -50.91 10.32
N LYS B 217 -9.22 -50.69 9.07
CA LYS B 217 -8.80 -51.80 8.21
C LYS B 217 -7.62 -52.57 8.79
N THR B 218 -6.89 -52.01 9.76
CA THR B 218 -5.85 -52.75 10.46
C THR B 218 -6.06 -52.76 11.97
N GLY B 219 -7.31 -52.64 12.42
CA GLY B 219 -7.67 -52.82 13.81
C GLY B 219 -7.24 -51.72 14.76
N ARG B 220 -6.63 -50.64 14.27
CA ARG B 220 -6.00 -49.63 15.12
C ARG B 220 -6.90 -48.42 15.34
N GLN B 221 -8.18 -48.53 14.98
CA GLN B 221 -9.09 -47.39 15.00
C GLN B 221 -9.29 -46.80 16.41
N TRP B 222 -9.35 -47.65 17.43
CA TRP B 222 -9.56 -47.13 18.78
C TRP B 222 -8.40 -46.25 19.25
N GLU B 223 -7.18 -46.58 18.84
CA GLU B 223 -6.04 -45.72 19.13
C GLU B 223 -6.10 -44.40 18.38
N ILE B 224 -6.46 -44.44 17.09
CA ILE B 224 -6.72 -43.23 16.32
C ILE B 224 -7.79 -42.37 16.98
N VAL B 225 -8.89 -42.97 17.44
CA VAL B 225 -9.91 -42.23 18.18
C VAL B 225 -9.31 -41.52 19.40
N THR B 226 -8.58 -42.26 20.23
CA THR B 226 -7.97 -41.65 21.40
C THR B 226 -6.96 -40.57 21.05
N ASN B 227 -6.31 -40.69 19.90
CA ASN B 227 -5.24 -39.76 19.56
C ASN B 227 -5.70 -38.53 18.77
N TYR B 228 -6.88 -38.55 18.14
CA TYR B 228 -7.33 -37.42 17.34
C TYR B 228 -8.69 -36.83 17.71
N ALA B 229 -9.49 -37.49 18.54
CA ALA B 229 -10.79 -36.93 18.91
C ALA B 229 -10.68 -35.53 19.50
N GLY B 230 -9.67 -35.29 20.33
CA GLY B 230 -9.45 -33.96 20.87
C GLY B 230 -9.21 -32.89 19.81
N PHE B 231 -8.46 -33.23 18.77
CA PHE B 231 -8.15 -32.26 17.72
C PHE B 231 -9.38 -31.82 16.93
N TYR B 232 -10.30 -32.74 16.65
CA TYR B 232 -11.54 -32.37 15.99
C TYR B 232 -12.45 -31.48 16.84
N PHE B 233 -12.46 -31.64 18.17
CA PHE B 233 -13.20 -30.71 19.01
C PHE B 233 -12.57 -29.32 19.03
N LEU B 234 -11.24 -29.24 19.05
CA LEU B 234 -10.58 -27.94 18.90
C LEU B 234 -10.83 -27.30 17.54
N TRP B 235 -11.00 -28.09 16.48
CA TRP B 235 -11.41 -27.53 15.21
C TRP B 235 -12.78 -26.86 15.29
N TYR B 236 -13.75 -27.54 15.92
CA TYR B 236 -15.08 -26.98 16.12
C TYR B 236 -15.06 -25.68 16.91
N ILE B 237 -14.25 -25.61 17.97
CA ILE B 237 -14.09 -24.39 18.75
C ILE B 237 -13.54 -23.23 17.92
N VAL B 238 -12.62 -23.49 17.00
CA VAL B 238 -12.07 -22.44 16.15
C VAL B 238 -13.11 -21.87 15.19
N MET B 239 -13.93 -22.72 14.57
CA MET B 239 -15.01 -22.20 13.74
C MET B 239 -16.05 -21.42 14.53
N VAL B 240 -16.47 -21.91 15.69
CA VAL B 240 -17.45 -21.18 16.49
C VAL B 240 -16.91 -19.82 16.90
N LEU B 241 -15.63 -19.72 17.17
CA LEU B 241 -15.02 -18.42 17.45
C LEU B 241 -15.09 -17.48 16.25
N GLU B 242 -14.85 -18.01 15.04
CA GLU B 242 -14.97 -17.20 13.84
C GLU B 242 -16.39 -16.75 13.56
N LEU B 243 -17.37 -17.62 13.80
CA LEU B 243 -18.77 -17.27 13.69
C LEU B 243 -19.23 -16.31 14.77
N GLN B 244 -18.67 -16.43 15.96
CA GLN B 244 -18.95 -15.50 17.05
C GLN B 244 -18.53 -14.07 16.74
N PHE B 245 -17.36 -13.90 16.12
CA PHE B 245 -16.97 -12.60 15.58
C PHE B 245 -17.90 -12.11 14.49
N ALA B 246 -18.09 -12.91 13.44
CA ALA B 246 -18.83 -12.46 12.28
C ALA B 246 -20.21 -11.95 12.64
N PHE B 247 -20.94 -12.71 13.43
CA PHE B 247 -22.29 -12.32 13.83
C PHE B 247 -22.31 -11.28 14.93
N THR B 248 -21.19 -11.04 15.60
CA THR B 248 -21.04 -9.82 16.39
C THR B 248 -20.82 -8.59 15.51
N ALA B 249 -19.93 -8.69 14.53
CA ALA B 249 -19.70 -7.61 13.58
C ALA B 249 -20.89 -7.29 12.69
N LEU B 250 -21.58 -8.31 12.18
CA LEU B 250 -22.80 -8.10 11.42
C LEU B 250 -23.92 -7.50 12.26
N SER B 251 -23.95 -7.80 13.55
CA SER B 251 -24.90 -7.17 14.46
C SER B 251 -24.66 -5.67 14.62
N LEU B 252 -23.41 -5.22 14.55
CA LEU B 252 -23.13 -3.78 14.50
C LEU B 252 -23.42 -3.18 13.13
N ARG B 253 -23.01 -3.86 12.07
CA ARG B 253 -23.28 -3.40 10.71
C ARG B 253 -24.76 -3.14 10.46
N ALA B 254 -25.62 -3.95 11.06
CA ALA B 254 -27.06 -3.71 10.98
C ALA B 254 -27.47 -2.39 11.60
N ARG B 255 -26.73 -1.92 12.61
CA ARG B 255 -27.05 -0.64 13.24
C ARG B 255 -26.47 0.57 12.50
N LEU B 256 -25.31 0.45 11.88
CA LEU B 256 -24.87 1.46 10.92
C LEU B 256 -25.82 1.57 9.74
N LYS B 257 -26.22 0.43 9.20
CA LYS B 257 -27.19 0.40 8.11
C LYS B 257 -28.48 1.10 8.50
N LEU B 258 -28.96 0.86 9.72
CA LEU B 258 -30.14 1.52 10.25
C LEU B 258 -29.91 3.00 10.59
N PHE B 259 -28.71 3.35 11.06
CA PHE B 259 -28.34 4.76 11.27
C PHE B 259 -28.31 5.56 9.96
N ASN B 260 -27.78 4.98 8.89
CA ASN B 260 -27.83 5.60 7.56
C ASN B 260 -29.23 5.84 7.03
N GLU B 261 -30.19 4.97 7.35
CA GLU B 261 -31.56 5.22 6.91
C GLU B 261 -32.21 6.39 7.66
N ALA B 262 -31.91 6.55 8.94
CA ALA B 262 -32.36 7.73 9.65
C ALA B 262 -31.77 9.02 9.08
N LEU B 263 -30.55 8.96 8.57
CA LEU B 263 -29.90 10.09 7.95
C LEU B 263 -30.42 10.41 6.54
N ASN B 264 -30.82 9.40 5.77
CA ASN B 264 -31.57 9.64 4.53
C ASN B 264 -32.91 10.33 4.77
N VAL B 265 -33.69 9.87 5.73
CA VAL B 265 -34.97 10.52 6.01
C VAL B 265 -34.79 11.90 6.59
N THR B 266 -33.66 12.16 7.23
CA THR B 266 -33.28 13.53 7.55
C THR B 266 -33.15 14.36 6.28
N ALA B 267 -32.48 13.82 5.26
CA ALA B 267 -32.34 14.53 3.99
C ALA B 267 -33.67 14.74 3.29
N SER B 268 -34.53 13.72 3.26
CA SER B 268 -35.83 13.88 2.62
C SER B 268 -36.69 14.93 3.31
N GLN B 269 -36.63 15.02 4.64
CA GLN B 269 -37.39 16.05 5.32
C GLN B 269 -36.86 17.45 5.02
N VAL B 270 -35.53 17.61 4.98
CA VAL B 270 -34.98 18.90 4.56
C VAL B 270 -35.13 19.10 3.06
N CYS B 271 -35.04 18.01 2.28
CA CYS B 271 -35.25 18.10 0.85
C CYS B 271 -36.70 18.44 0.52
N LYS B 272 -37.65 17.82 1.23
CA LYS B 272 -39.06 17.88 0.87
C LYS B 272 -39.89 18.12 2.12
N PRO B 273 -39.68 19.25 2.81
CA PRO B 273 -40.39 19.56 4.06
C PRO B 273 -41.89 19.74 3.85
N ALA B 312 -38.45 13.21 22.15
CA ALA B 312 -38.67 11.92 21.52
C ALA B 312 -37.34 11.33 21.04
N PHE B 313 -37.35 10.01 20.80
CA PHE B 313 -36.27 9.38 20.06
C PHE B 313 -36.32 9.72 18.57
N VAL B 314 -35.13 9.71 17.95
CA VAL B 314 -34.91 10.36 16.66
C VAL B 314 -35.91 9.89 15.60
N MET B 315 -36.09 8.59 15.45
CA MET B 315 -36.84 8.03 14.32
C MET B 315 -37.90 7.05 14.77
N MET B 316 -39.03 7.04 14.06
CA MET B 316 -40.13 6.12 14.30
C MET B 316 -40.66 5.59 12.97
N LYS B 317 -41.44 4.51 13.07
CA LYS B 317 -42.26 4.05 11.95
C LYS B 317 -43.51 4.90 11.84
N THR B 318 -43.95 5.15 10.61
CA THR B 318 -45.26 5.73 10.38
C THR B 318 -46.36 4.70 10.67
N ALA B 319 -47.62 5.13 10.57
CA ALA B 319 -48.74 4.19 10.61
C ALA B 319 -48.65 3.16 9.50
N ASP B 320 -47.95 3.45 8.41
CA ASP B 320 -47.65 2.48 7.36
C ASP B 320 -46.36 1.72 7.63
N GLY B 321 -45.64 2.06 8.69
CA GLY B 321 -44.38 1.42 8.99
C GLY B 321 -43.17 1.97 8.26
N VAL B 322 -43.32 3.00 7.43
CA VAL B 322 -42.19 3.64 6.77
C VAL B 322 -41.41 4.43 7.83
N PRO B 323 -40.09 4.55 7.71
CA PRO B 323 -39.35 5.41 8.64
C PRO B 323 -39.74 6.87 8.50
N CYS B 324 -39.87 7.53 9.65
CA CYS B 324 -40.22 8.95 9.68
C CYS B 324 -39.58 9.58 10.91
N LEU B 325 -39.34 10.88 10.81
CA LEU B 325 -38.51 11.60 11.78
C LEU B 325 -39.39 12.39 12.74
N GLN B 326 -39.17 12.21 14.04
CA GLN B 326 -40.00 12.82 15.07
C GLN B 326 -39.45 14.16 15.56
N VAL B 327 -38.30 14.57 15.06
CA VAL B 327 -37.62 15.79 15.52
C VAL B 327 -37.12 16.56 14.30
N PRO B 328 -36.87 17.86 14.47
CA PRO B 328 -36.31 18.64 13.37
C PRO B 328 -34.99 18.07 12.93
N PRO B 329 -34.67 18.18 11.63
CA PRO B 329 -33.36 17.73 11.13
C PRO B 329 -32.16 18.30 11.85
N CYS B 330 -32.25 19.55 12.32
CA CYS B 330 -31.18 20.15 13.11
C CYS B 330 -30.85 19.33 14.35
N GLU B 331 -31.87 18.84 15.06
CA GLU B 331 -31.64 18.02 16.25
C GLU B 331 -31.20 16.61 15.88
N ALA B 332 -31.84 16.02 14.87
CA ALA B 332 -31.52 14.68 14.43
C ALA B 332 -30.06 14.52 14.03
N VAL B 333 -29.52 15.45 13.25
CA VAL B 333 -28.13 15.35 12.82
C VAL B 333 -27.18 15.42 14.02
N GLY B 334 -27.52 16.24 15.01
CA GLY B 334 -26.72 16.29 16.22
C GLY B 334 -26.77 15.00 17.02
N ARG B 335 -27.96 14.43 17.12
CA ARG B 335 -28.17 13.16 17.83
C ARG B 335 -27.48 12.00 17.12
N LEU B 336 -27.60 11.96 15.79
CA LEU B 336 -26.92 10.95 14.98
C LEU B 336 -25.41 11.06 15.00
N SER B 337 -24.87 12.28 15.06
CA SER B 337 -23.43 12.44 15.22
C SER B 337 -22.90 11.80 16.50
N ARG B 338 -23.63 11.95 17.61
CA ARG B 338 -23.26 11.27 18.84
C ARG B 338 -23.33 9.75 18.70
N MET B 339 -24.36 9.24 18.05
CA MET B 339 -24.51 7.81 17.82
C MET B 339 -23.41 7.25 16.90
N ARG B 340 -23.02 8.02 15.90
CA ARG B 340 -21.89 7.66 15.03
C ARG B 340 -20.60 7.49 15.83
N CYS B 341 -20.34 8.34 16.80
CA CYS B 341 -19.19 8.17 17.68
C CYS B 341 -19.27 6.89 18.50
N THR B 342 -20.44 6.63 19.08
CA THR B 342 -20.65 5.41 19.87
C THR B 342 -20.44 4.12 19.07
N LEU B 343 -20.92 4.07 17.84
CA LEU B 343 -20.71 2.89 17.00
C LEU B 343 -19.24 2.66 16.67
N CYS B 344 -18.48 3.74 16.43
CA CYS B 344 -17.05 3.59 16.19
C CYS B 344 -16.31 3.07 17.42
N GLU B 345 -16.74 3.45 18.61
CA GLU B 345 -16.14 2.95 19.83
C GLU B 345 -16.38 1.46 20.01
N VAL B 346 -17.61 1.01 19.76
CA VAL B 346 -17.95 -0.40 19.82
C VAL B 346 -17.13 -1.23 18.84
N THR B 347 -16.89 -0.69 17.65
CA THR B 347 -16.02 -1.35 16.68
C THR B 347 -14.63 -1.64 17.23
N ARG B 348 -14.08 -0.72 18.00
CA ARG B 348 -12.73 -0.89 18.53
C ARG B 348 -12.65 -1.89 19.67
N HIS B 349 -13.70 -2.01 20.47
CA HIS B 349 -13.80 -3.11 21.44
C HIS B 349 -13.90 -4.48 20.78
N ILE B 350 -14.68 -4.62 19.72
CA ILE B 350 -14.75 -5.90 19.00
C ILE B 350 -13.41 -6.25 18.39
N ALA B 351 -12.77 -5.31 17.72
CA ALA B 351 -11.48 -5.57 17.09
C ALA B 351 -10.39 -5.88 18.10
N ASP B 352 -10.43 -5.27 19.28
CA ASP B 352 -9.48 -5.62 20.33
C ASP B 352 -9.73 -7.00 20.91
N GLY B 353 -10.99 -7.32 21.22
CA GLY B 353 -11.28 -8.60 21.85
C GLY B 353 -10.99 -9.80 20.98
N TYR B 354 -11.31 -9.72 19.70
CA TYR B 354 -11.07 -10.79 18.75
C TYR B 354 -9.79 -10.62 17.95
N GLY B 355 -9.02 -9.57 18.22
CA GLY B 355 -7.87 -9.25 17.39
C GLY B 355 -6.83 -10.36 17.33
N LEU B 356 -6.38 -10.83 18.50
CA LEU B 356 -5.40 -11.91 18.53
C LEU B 356 -5.90 -13.24 17.98
N PRO B 357 -7.08 -13.72 18.33
CA PRO B 357 -7.65 -14.85 17.59
C PRO B 357 -7.59 -14.72 16.08
N LEU B 358 -8.01 -13.58 15.55
CA LEU B 358 -8.12 -13.39 14.11
C LEU B 358 -6.76 -13.45 13.40
N VAL B 359 -5.70 -12.98 14.05
CA VAL B 359 -4.37 -13.08 13.47
C VAL B 359 -3.91 -14.53 13.37
N ILE B 360 -4.12 -15.33 14.42
CA ILE B 360 -3.73 -16.74 14.36
C ILE B 360 -4.61 -17.51 13.39
N ILE B 361 -5.89 -17.14 13.29
CA ILE B 361 -6.78 -17.68 12.27
C ILE B 361 -6.29 -17.34 10.86
N LEU B 362 -5.80 -16.13 10.63
CA LEU B 362 -5.30 -15.77 9.31
C LEU B 362 -4.02 -16.53 8.94
N MET B 363 -3.06 -16.62 9.85
CA MET B 363 -1.87 -17.41 9.57
C MET B 363 -2.18 -18.88 9.28
N SER B 364 -2.99 -19.51 10.14
CA SER B 364 -3.35 -20.90 9.90
C SER B 364 -4.17 -21.09 8.63
N THR B 365 -4.98 -20.11 8.25
CA THR B 365 -5.62 -20.17 6.94
C THR B 365 -4.57 -20.18 5.84
N LEU B 366 -3.63 -19.25 5.90
CA LEU B 366 -2.53 -19.19 4.93
C LEU B 366 -1.71 -20.47 4.89
N LEU B 367 -1.34 -20.98 6.07
CA LEU B 367 -0.64 -22.26 6.17
C LEU B 367 -1.41 -23.39 5.50
N HIS B 368 -2.68 -23.55 5.87
CA HIS B 368 -3.49 -24.64 5.35
C HIS B 368 -3.82 -24.50 3.88
N LEU B 369 -3.92 -23.29 3.36
CA LEU B 369 -4.12 -23.11 1.93
C LEU B 369 -2.87 -23.39 1.11
N ILE B 370 -1.69 -23.41 1.73
CA ILE B 370 -0.50 -23.94 1.07
C ILE B 370 -0.40 -25.46 1.24
N VAL B 371 -0.46 -25.92 2.48
CA VAL B 371 -0.23 -27.33 2.81
C VAL B 371 -1.27 -28.22 2.15
N THR B 372 -2.54 -27.84 2.20
CA THR B 372 -3.59 -28.73 1.72
C THR B 372 -3.63 -28.89 0.21
N PRO B 373 -3.55 -27.83 -0.59
CA PRO B 373 -3.43 -28.02 -2.04
C PRO B 373 -2.17 -28.75 -2.48
N TYR B 374 -1.05 -28.52 -1.79
CA TYR B 374 0.19 -29.21 -2.11
C TYR B 374 0.03 -30.72 -2.05
N PHE B 375 -0.39 -31.24 -0.90
CA PHE B 375 -0.51 -32.68 -0.75
C PHE B 375 -1.67 -33.24 -1.58
N LEU B 376 -2.66 -32.41 -1.86
CA LEU B 376 -3.67 -32.78 -2.86
C LEU B 376 -3.05 -32.96 -4.24
N ILE B 377 -2.21 -32.02 -4.67
CA ILE B 377 -1.59 -32.11 -5.98
C ILE B 377 -0.62 -33.29 -6.07
N MET B 378 0.16 -33.53 -5.01
CA MET B 378 1.01 -34.71 -4.99
C MET B 378 0.20 -35.98 -5.09
N GLU B 379 -0.96 -36.02 -4.43
CA GLU B 379 -1.80 -37.21 -4.42
C GLU B 379 -2.73 -37.33 -5.62
N ILE B 380 -2.94 -36.26 -6.38
CA ILE B 380 -3.65 -36.38 -7.64
C ILE B 380 -2.74 -36.76 -8.80
N ILE B 381 -1.44 -36.52 -8.67
CA ILE B 381 -0.48 -37.02 -9.65
C ILE B 381 -0.15 -38.48 -9.38
N VAL B 382 0.08 -38.83 -8.12
CA VAL B 382 0.48 -40.18 -7.71
C VAL B 382 -0.61 -40.78 -6.84
N SER B 383 -1.02 -42.01 -7.19
CA SER B 383 -2.07 -42.75 -6.49
C SER B 383 -3.41 -42.01 -6.51
N THR B 384 -3.78 -41.49 -7.68
CA THR B 384 -5.03 -40.77 -7.85
C THR B 384 -6.25 -41.65 -7.62
N HIS B 385 -6.06 -42.93 -7.34
CA HIS B 385 -7.17 -43.82 -7.01
C HIS B 385 -7.77 -43.60 -5.62
N ARG B 386 -7.07 -42.90 -4.73
CA ARG B 386 -7.57 -42.62 -3.38
C ARG B 386 -8.67 -41.55 -3.39
N LEU B 387 -9.71 -41.81 -4.18
CA LEU B 387 -10.71 -40.81 -4.50
C LEU B 387 -11.33 -40.19 -3.25
N HIS B 388 -11.59 -41.00 -2.21
CA HIS B 388 -12.19 -40.47 -0.98
C HIS B 388 -11.27 -39.49 -0.27
N PHE B 389 -9.96 -39.76 -0.26
CA PHE B 389 -9.00 -38.79 0.26
C PHE B 389 -9.01 -37.49 -0.53
N LEU B 390 -8.97 -37.59 -1.85
CA LEU B 390 -8.95 -36.38 -2.69
C LEU B 390 -10.21 -35.54 -2.51
N VAL B 391 -11.37 -36.18 -2.41
CA VAL B 391 -12.60 -35.47 -2.12
C VAL B 391 -12.52 -34.70 -0.81
N LEU B 392 -12.10 -35.37 0.26
CA LEU B 392 -11.99 -34.70 1.56
C LEU B 392 -11.01 -33.53 1.53
N GLN B 393 -9.83 -33.73 0.94
CA GLN B 393 -8.86 -32.64 0.88
C GLN B 393 -9.34 -31.46 0.03
N PHE B 394 -10.14 -31.70 -1.00
CA PHE B 394 -10.76 -30.59 -1.72
C PHE B 394 -11.76 -29.83 -0.85
N LEU B 395 -12.62 -30.55 -0.16
CA LEU B 395 -13.57 -29.93 0.75
C LEU B 395 -12.89 -29.17 1.89
N TRP B 396 -11.70 -29.60 2.31
CA TRP B 396 -10.90 -28.81 3.24
C TRP B 396 -10.36 -27.53 2.62
N CYS B 397 -9.81 -27.60 1.40
CA CYS B 397 -9.38 -26.37 0.71
C CYS B 397 -10.52 -25.37 0.59
N THR B 398 -11.69 -25.84 0.18
CA THR B 398 -12.88 -25.00 0.16
C THR B 398 -13.20 -24.39 1.53
N THR B 399 -13.11 -25.20 2.58
CA THR B 399 -13.42 -24.73 3.92
C THR B 399 -12.43 -23.68 4.43
N HIS B 400 -11.15 -23.83 4.12
CA HIS B 400 -10.17 -22.83 4.53
C HIS B 400 -10.34 -21.48 3.82
N LEU B 401 -10.89 -21.48 2.61
CA LEU B 401 -11.31 -20.24 1.97
C LEU B 401 -12.54 -19.63 2.65
N ILE B 402 -13.58 -20.42 2.87
CA ILE B 402 -14.78 -19.94 3.53
C ILE B 402 -14.47 -19.36 4.91
N ARG B 403 -13.65 -20.05 5.69
CA ARG B 403 -13.24 -19.53 6.99
C ARG B 403 -12.58 -18.16 6.90
N MET B 404 -11.87 -17.88 5.81
CA MET B 404 -11.34 -16.53 5.60
C MET B 404 -12.43 -15.53 5.23
N LEU B 405 -13.34 -15.90 4.34
CA LEU B 405 -14.44 -15.02 3.97
C LEU B 405 -15.37 -14.72 5.13
N VAL B 406 -15.65 -15.70 5.97
CA VAL B 406 -16.43 -15.49 7.18
C VAL B 406 -15.84 -14.38 8.05
N VAL B 407 -14.53 -14.24 8.04
CA VAL B 407 -13.86 -13.20 8.80
C VAL B 407 -13.80 -11.87 8.05
N VAL B 408 -13.36 -11.83 6.80
CA VAL B 408 -13.15 -10.55 6.13
C VAL B 408 -14.43 -9.94 5.56
N GLU B 409 -15.43 -10.73 5.23
CA GLU B 409 -16.64 -10.17 4.62
C GLU B 409 -17.53 -9.34 5.54
N PRO B 410 -17.78 -9.79 6.78
CA PRO B 410 -18.50 -8.93 7.72
C PRO B 410 -17.86 -7.58 7.95
N CYS B 411 -16.54 -7.50 7.87
CA CYS B 411 -15.82 -6.24 8.02
C CYS B 411 -15.96 -5.36 6.77
N HIS B 412 -15.77 -5.94 5.59
CA HIS B 412 -16.02 -5.21 4.35
C HIS B 412 -17.43 -4.64 4.27
N TYR B 413 -18.43 -5.43 4.61
CA TYR B 413 -19.79 -4.91 4.57
C TYR B 413 -19.98 -3.76 5.55
N THR B 414 -19.20 -3.73 6.63
CA THR B 414 -19.22 -2.59 7.55
C THR B 414 -18.53 -1.35 6.96
N MET B 415 -17.44 -1.52 6.23
CA MET B 415 -16.83 -0.41 5.50
C MET B 415 -17.80 0.24 4.52
N ARG B 416 -18.54 -0.58 3.75
CA ARG B 416 -19.48 -0.06 2.77
C ARG B 416 -20.57 0.81 3.37
N GLU B 417 -21.05 0.47 4.57
CA GLU B 417 -22.01 1.33 5.24
C GLU B 417 -21.40 2.66 5.65
N GLY B 418 -20.12 2.70 6.01
CA GLY B 418 -19.47 3.98 6.26
C GLY B 418 -19.33 4.84 5.02
N LYS B 419 -18.91 4.26 3.91
CA LYS B 419 -18.87 4.96 2.63
C LYS B 419 -20.24 5.50 2.24
N ARG B 420 -21.29 4.73 2.48
CA ARG B 420 -22.65 5.19 2.21
C ARG B 420 -23.02 6.40 3.08
N THR B 421 -22.51 6.47 4.30
CA THR B 421 -22.72 7.67 5.12
C THR B 421 -22.08 8.90 4.50
N GLU B 422 -20.85 8.76 3.99
CA GLU B 422 -20.18 9.89 3.35
C GLU B 422 -20.93 10.38 2.12
N ASP B 423 -21.46 9.46 1.33
CA ASP B 423 -22.31 9.81 0.21
C ASP B 423 -23.57 10.56 0.64
N ILE B 424 -24.23 10.08 1.68
CA ILE B 424 -25.42 10.74 2.19
C ILE B 424 -25.12 12.13 2.77
N VAL B 425 -24.05 12.25 3.54
CA VAL B 425 -23.71 13.53 4.15
C VAL B 425 -23.34 14.58 3.11
N CYS B 426 -22.59 14.18 2.08
CA CYS B 426 -22.31 15.11 0.99
C CYS B 426 -23.59 15.61 0.35
N ARG B 427 -24.46 14.70 -0.06
CA ARG B 427 -25.75 15.06 -0.62
C ARG B 427 -26.54 15.97 0.32
N LEU B 428 -26.70 15.54 1.57
CA LEU B 428 -27.44 16.28 2.57
C LEU B 428 -26.91 17.69 2.82
N MET B 429 -25.61 17.88 2.83
CA MET B 429 -25.05 19.22 3.05
C MET B 429 -24.96 20.11 1.82
N THR B 430 -25.23 19.61 0.62
CA THR B 430 -25.56 20.50 -0.49
C THR B 430 -27.01 20.96 -0.44
N LEU B 431 -27.89 20.15 0.14
CA LEU B 431 -29.29 20.51 0.29
C LEU B 431 -29.49 21.51 1.43
N ALA B 432 -28.74 21.37 2.50
CA ALA B 432 -28.91 22.23 3.65
C ALA B 432 -28.62 23.68 3.29
N PRO B 433 -29.43 24.62 3.78
CA PRO B 433 -29.27 26.02 3.40
C PRO B 433 -28.02 26.66 3.98
N HIS B 434 -27.56 27.70 3.29
CA HIS B 434 -26.37 28.45 3.68
C HIS B 434 -26.54 29.12 5.03
N GLY B 435 -25.54 28.94 5.90
CA GLY B 435 -25.48 29.60 7.19
C GLY B 435 -26.45 29.14 8.24
N GLY B 436 -27.27 28.13 7.96
CA GLY B 436 -28.19 27.61 8.94
C GLY B 436 -27.51 26.81 10.05
N VAL B 437 -28.33 26.44 11.02
CA VAL B 437 -27.89 25.55 12.10
C VAL B 437 -27.60 24.15 11.57
N LEU B 438 -28.44 23.67 10.67
CA LEU B 438 -28.28 22.33 10.10
C LEU B 438 -26.93 22.17 9.41
N SER B 439 -26.54 23.15 8.61
CA SER B 439 -25.24 23.09 7.95
C SER B 439 -24.08 23.18 8.93
N SER B 440 -24.26 23.86 10.06
CA SER B 440 -23.25 23.84 11.11
C SER B 440 -23.14 22.49 11.81
N LYS B 441 -24.27 21.79 11.96
CA LYS B 441 -24.26 20.42 12.45
C LYS B 441 -23.63 19.44 11.46
N LEU B 442 -23.81 19.67 10.16
CA LEU B 442 -23.20 18.85 9.13
C LEU B 442 -21.71 19.13 8.90
N GLU B 443 -21.26 20.35 9.19
CA GLU B 443 -19.82 20.62 9.30
C GLU B 443 -19.15 19.74 10.34
N VAL B 444 -19.80 19.53 11.48
CA VAL B 444 -19.28 18.65 12.51
C VAL B 444 -19.25 17.21 12.04
N LEU B 445 -20.39 16.69 11.58
CA LEU B 445 -20.48 15.30 11.17
C LEU B 445 -19.47 14.96 10.08
N SER B 446 -19.28 15.84 9.10
CA SER B 446 -18.28 15.62 8.08
C SER B 446 -16.85 15.59 8.60
N ARG B 447 -16.55 16.33 9.66
CA ARG B 447 -15.26 16.15 10.32
C ARG B 447 -15.16 14.80 11.02
N LEU B 448 -16.24 14.34 11.65
CA LEU B 448 -16.23 13.01 12.23
C LEU B 448 -15.95 11.92 11.21
N LEU B 449 -16.51 12.05 10.00
CA LEU B 449 -16.25 11.07 8.95
C LEU B 449 -14.80 11.07 8.51
N MET B 450 -14.16 12.24 8.48
CA MET B 450 -12.76 12.32 8.12
C MET B 450 -11.85 11.84 9.24
N LEU B 451 -12.21 12.13 10.49
CA LEU B 451 -11.42 11.69 11.63
C LEU B 451 -11.65 10.24 12.00
N GLN B 452 -12.87 9.89 12.41
CA GLN B 452 -13.22 8.52 12.80
C GLN B 452 -13.70 7.71 11.61
N ASN B 453 -12.83 6.88 11.07
CA ASN B 453 -13.21 5.77 10.21
C ASN B 453 -13.70 4.61 11.06
N ILE B 454 -14.45 3.70 10.43
CA ILE B 454 -14.86 2.44 11.03
C ILE B 454 -14.13 1.32 10.32
N SER B 455 -13.29 0.60 11.07
CA SER B 455 -12.49 -0.46 10.50
C SER B 455 -12.07 -1.43 11.58
N TYR B 456 -11.70 -2.63 11.16
CA TYR B 456 -11.12 -3.65 12.01
C TYR B 456 -9.70 -3.91 11.53
N SER B 457 -8.71 -3.67 12.40
CA SER B 457 -7.31 -3.94 12.09
C SER B 457 -6.68 -4.76 13.21
N PRO B 458 -6.75 -6.09 13.12
CA PRO B 458 -6.36 -6.93 14.26
C PRO B 458 -4.88 -6.82 14.61
N LEU B 459 -4.61 -6.42 15.86
CA LEU B 459 -3.27 -6.10 16.35
C LEU B 459 -2.52 -5.09 15.50
N GLY B 460 -3.19 -4.37 14.61
CA GLY B 460 -2.53 -3.47 13.69
C GLY B 460 -1.81 -4.13 12.53
N MET B 461 -1.83 -5.45 12.44
CA MET B 461 -1.05 -6.14 11.40
C MET B 461 -1.62 -5.88 10.02
N CYS B 462 -2.94 -5.79 9.93
CA CYS B 462 -3.63 -5.77 8.65
C CYS B 462 -5.03 -5.21 8.88
N THR B 463 -5.69 -4.89 7.77
CA THR B 463 -7.08 -4.48 7.80
C THR B 463 -7.89 -5.61 7.19
N LEU B 464 -8.94 -6.03 7.89
CA LEU B 464 -9.87 -7.03 7.39
C LEU B 464 -10.76 -6.43 6.31
N ASP B 465 -10.48 -6.80 5.07
CA ASP B 465 -11.26 -6.36 3.92
C ASP B 465 -10.87 -7.29 2.78
N ARG B 466 -11.61 -7.22 1.67
CA ARG B 466 -11.36 -8.10 0.55
C ARG B 466 -9.97 -7.99 -0.09
N PRO B 467 -9.27 -6.86 -0.02
CA PRO B 467 -7.87 -6.86 -0.44
C PRO B 467 -6.96 -7.78 0.35
N LEU B 468 -7.35 -8.19 1.56
CA LEU B 468 -6.59 -9.20 2.29
C LEU B 468 -6.70 -10.58 1.66
N ILE B 469 -7.82 -10.89 1.02
CA ILE B 469 -7.94 -12.10 0.23
C ILE B 469 -6.90 -12.14 -0.89
N VAL B 470 -6.82 -11.06 -1.66
CA VAL B 470 -5.87 -11.00 -2.76
C VAL B 470 -4.44 -11.15 -2.27
N THR B 471 -4.13 -10.55 -1.13
CA THR B 471 -2.80 -10.67 -0.53
C THR B 471 -2.50 -12.09 -0.11
N VAL B 472 -3.42 -12.74 0.59
CA VAL B 472 -3.24 -14.12 1.03
C VAL B 472 -3.14 -15.07 -0.14
N LEU B 473 -4.07 -14.98 -1.09
CA LEU B 473 -4.06 -15.89 -2.24
C LEU B 473 -2.86 -15.69 -3.15
N GLY B 474 -2.36 -14.47 -3.29
CA GLY B 474 -1.12 -14.25 -4.02
C GLY B 474 0.10 -14.89 -3.39
N ALA B 475 0.18 -14.86 -2.06
CA ALA B 475 1.22 -15.59 -1.35
C ALA B 475 1.08 -17.09 -1.52
N VAL B 476 -0.11 -17.62 -1.25
CA VAL B 476 -0.38 -19.03 -1.42
C VAL B 476 0.07 -19.54 -2.79
N THR B 477 -0.32 -18.84 -3.86
CA THR B 477 0.07 -19.27 -5.19
C THR B 477 1.56 -19.06 -5.47
N THR B 478 2.18 -18.05 -4.87
CA THR B 478 3.62 -17.91 -4.96
C THR B 478 4.37 -19.09 -4.35
N TYR B 479 4.01 -19.47 -3.12
CA TYR B 479 4.64 -20.62 -2.48
C TYR B 479 4.35 -21.92 -3.22
N LEU B 480 3.10 -22.13 -3.64
CA LEU B 480 2.77 -23.34 -4.39
C LEU B 480 3.52 -23.42 -5.71
N VAL B 481 3.63 -22.31 -6.43
CA VAL B 481 4.42 -22.33 -7.65
C VAL B 481 5.88 -22.66 -7.37
N ILE B 482 6.42 -22.15 -6.26
CA ILE B 482 7.77 -22.55 -5.86
C ILE B 482 7.80 -24.01 -5.44
N LEU B 483 6.92 -24.41 -4.53
CA LEU B 483 6.97 -25.77 -4.00
C LEU B 483 6.61 -26.82 -5.04
N ILE B 484 5.57 -26.57 -5.83
CA ILE B 484 5.09 -27.61 -6.73
C ILE B 484 6.02 -27.79 -7.92
N GLN B 485 6.59 -26.70 -8.42
CA GLN B 485 7.31 -26.79 -9.69
C GLN B 485 8.54 -27.68 -9.58
N PHE B 486 8.99 -27.99 -8.37
CA PHE B 486 10.05 -28.96 -8.15
C PHE B 486 9.95 -29.62 -6.78
N CYS C 58 19.00 21.27 31.05
CA CYS C 58 18.18 20.14 30.65
C CYS C 58 18.20 19.06 31.72
N LEU C 59 17.07 18.39 31.92
CA LEU C 59 16.94 17.32 32.89
C LEU C 59 16.22 16.14 32.25
N VAL C 60 16.55 14.93 32.73
CA VAL C 60 15.93 13.72 32.23
C VAL C 60 15.83 12.73 33.39
N GLY C 61 14.81 11.87 33.32
CA GLY C 61 14.54 10.92 34.39
C GLY C 61 14.13 9.56 33.84
N GLY C 62 13.85 8.65 34.78
CA GLY C 62 13.31 7.33 34.54
C GLY C 62 14.19 6.39 33.73
N ALA C 63 13.54 5.46 33.03
CA ALA C 63 14.24 4.49 32.19
C ALA C 63 14.93 5.13 30.99
N HIS C 64 14.44 6.26 30.51
CA HIS C 64 15.19 7.03 29.52
C HIS C 64 16.52 7.52 30.08
N ALA C 65 16.51 8.15 31.26
CA ALA C 65 17.76 8.53 31.90
C ALA C 65 18.64 7.34 32.25
N PHE C 66 18.05 6.20 32.59
CA PHE C 66 18.83 5.02 32.92
C PHE C 66 19.56 4.42 31.71
N ILE C 67 18.86 4.28 30.58
CA ILE C 67 19.50 3.81 29.35
C ILE C 67 20.56 4.78 28.84
N LEU C 68 20.45 6.07 29.16
CA LEU C 68 21.51 7.01 28.79
C LEU C 68 22.78 6.79 29.61
N LYS C 69 22.64 6.41 30.88
CA LYS C 69 23.79 5.98 31.66
C LYS C 69 24.47 4.77 31.03
N ILE C 70 23.70 3.72 30.75
CA ILE C 70 24.23 2.53 30.08
C ILE C 70 24.86 2.89 28.74
N SER C 71 24.17 3.69 27.94
CA SER C 71 24.68 4.10 26.63
C SER C 71 25.95 4.93 26.72
N SER C 72 26.18 5.64 27.83
CA SER C 72 27.37 6.46 27.92
C SER C 72 28.65 5.63 27.83
N PHE C 73 28.68 4.47 28.48
CA PHE C 73 29.87 3.62 28.44
C PHE C 73 30.11 3.07 27.04
N CYS C 74 29.05 2.74 26.31
CA CYS C 74 29.13 2.37 24.90
C CYS C 74 29.55 3.51 23.99
N GLY C 75 29.58 4.74 24.48
CA GLY C 75 29.75 5.90 23.62
C GLY C 75 28.58 6.30 22.78
N LEU C 76 27.38 5.82 23.09
CA LEU C 76 26.16 6.19 22.41
C LEU C 76 25.52 7.44 23.00
N ALA C 77 25.96 7.88 24.17
CA ALA C 77 25.45 9.07 24.84
C ALA C 77 26.58 9.81 25.53
N PRO C 78 27.39 10.54 24.78
CA PRO C 78 28.53 11.25 25.37
C PRO C 78 28.13 12.42 26.25
N LEU C 79 27.59 12.11 27.43
CA LEU C 79 26.96 13.07 28.31
C LEU C 79 27.63 13.03 29.67
N ARG C 80 27.67 14.18 30.34
CA ARG C 80 27.79 14.22 31.79
C ARG C 80 26.41 14.17 32.45
N PHE C 81 26.38 13.63 33.66
CA PHE C 81 25.18 13.50 34.46
C PHE C 81 25.40 14.06 35.86
N GLU C 82 24.41 14.78 36.37
CA GLU C 82 24.50 15.50 37.63
C GLU C 82 23.25 15.22 38.45
N PRO C 83 23.32 14.36 39.47
CA PRO C 83 22.10 13.80 40.06
C PRO C 83 21.32 14.83 40.86
N ARG C 84 20.05 14.98 40.52
CA ARG C 84 19.09 15.73 41.31
C ARG C 84 18.20 14.76 42.09
N SER C 85 17.05 15.24 42.55
CA SER C 85 16.18 14.43 43.40
C SER C 85 15.60 13.25 42.64
N GLN C 86 15.07 13.49 41.44
CA GLN C 86 14.46 12.46 40.62
C GLN C 86 14.99 12.49 39.20
N GLU C 87 15.98 13.33 38.93
CA GLU C 87 16.42 13.63 37.58
C GLU C 87 17.92 13.87 37.60
N TYR C 88 18.53 13.81 36.42
CA TYR C 88 19.88 14.27 36.21
C TYR C 88 19.87 15.49 35.32
N ALA C 89 20.68 16.49 35.69
CA ALA C 89 21.09 17.51 34.75
C ALA C 89 22.14 16.97 33.80
N VAL C 90 22.06 17.41 32.53
CA VAL C 90 22.79 16.76 31.45
C VAL C 90 23.35 17.83 30.53
N THR C 91 24.59 17.62 30.08
CA THR C 91 25.21 18.44 29.06
C THR C 91 26.16 17.56 28.26
N ILE C 92 26.47 18.00 27.04
CA ILE C 92 27.41 17.27 26.21
C ILE C 92 28.79 17.34 26.85
N SER C 93 29.55 16.25 26.73
CA SER C 93 30.97 16.24 27.08
C SER C 93 31.77 15.86 25.86
N LYS C 94 32.64 16.77 25.42
CA LYS C 94 33.51 16.50 24.28
C LYS C 94 34.52 15.40 24.59
N GLY C 95 34.98 15.33 25.84
CA GLY C 95 35.83 14.22 26.24
C GLY C 95 35.21 12.84 26.10
N LYS C 96 33.91 12.71 26.41
CA LYS C 96 33.25 11.43 26.13
C LYS C 96 33.01 11.20 24.65
N CYS C 97 32.80 12.25 23.86
CA CYS C 97 32.78 12.09 22.42
C CYS C 97 34.11 11.56 21.91
N PHE C 98 35.21 12.13 22.38
CA PHE C 98 36.54 11.65 22.03
C PHE C 98 36.76 10.19 22.44
N TYR C 99 36.47 9.86 23.69
CA TYR C 99 36.49 8.47 24.13
C TYR C 99 35.61 7.57 23.28
N SER C 100 34.40 8.03 22.97
CA SER C 100 33.46 7.25 22.18
C SER C 100 33.97 6.98 20.77
N TYR C 101 34.54 8.00 20.12
CA TYR C 101 35.09 7.79 18.79
C TYR C 101 36.26 6.83 18.79
N ILE C 102 37.13 6.91 19.80
CA ILE C 102 38.22 5.94 19.93
C ILE C 102 37.68 4.52 20.12
N LEU C 103 36.81 4.34 21.11
CA LEU C 103 36.33 3.01 21.45
C LEU C 103 35.77 2.24 20.27
N VAL C 104 34.82 2.84 19.55
CA VAL C 104 34.23 2.14 18.41
C VAL C 104 35.24 1.96 17.28
N THR C 105 36.14 2.92 17.07
CA THR C 105 37.14 2.77 16.02
C THR C 105 38.12 1.64 16.32
N PHE C 106 38.58 1.56 17.57
CA PHE C 106 39.36 0.42 18.05
C PHE C 106 38.63 -0.90 17.86
N LEU C 107 37.38 -0.99 18.30
CA LEU C 107 36.63 -2.24 18.17
C LEU C 107 36.36 -2.62 16.72
N VAL C 108 36.16 -1.64 15.84
CA VAL C 108 36.00 -1.94 14.42
C VAL C 108 37.30 -2.42 13.79
N ILE C 109 38.43 -1.79 14.13
CA ILE C 109 39.72 -2.30 13.65
C ILE C 109 39.96 -3.73 14.12
N CYS C 110 39.79 -3.98 15.42
CA CYS C 110 39.96 -5.35 15.94
C CYS C 110 39.01 -6.33 15.29
N THR C 111 37.78 -5.90 14.99
CA THR C 111 36.81 -6.79 14.35
C THR C 111 37.16 -7.10 12.90
N ILE C 112 37.58 -6.09 12.13
CA ILE C 112 37.95 -6.33 10.74
C ILE C 112 39.21 -7.19 10.65
N TYR C 113 40.25 -6.85 11.41
CA TYR C 113 41.44 -7.67 11.41
C TYR C 113 41.20 -9.07 12.00
N GLY C 114 40.28 -9.20 12.95
CA GLY C 114 39.87 -10.52 13.38
C GLY C 114 39.15 -11.31 12.30
N LEU C 115 38.32 -10.63 11.52
CA LEU C 115 37.69 -11.24 10.34
C LEU C 115 38.71 -11.68 9.31
N VAL C 116 39.66 -10.79 8.99
CA VAL C 116 40.74 -11.14 8.06
C VAL C 116 41.53 -12.35 8.55
N ALA C 117 41.82 -12.42 9.84
CA ALA C 117 42.54 -13.56 10.39
C ALA C 117 41.78 -14.88 10.17
N GLU C 118 40.48 -14.89 10.48
CA GLU C 118 39.70 -16.13 10.34
C GLU C 118 39.45 -16.50 8.89
N ILE C 119 39.32 -15.54 7.99
CA ILE C 119 39.36 -15.85 6.56
C ILE C 119 40.72 -16.42 6.18
N GLY C 120 41.79 -15.88 6.77
CA GLY C 120 43.12 -16.39 6.49
C GLY C 120 43.35 -17.81 6.98
N VAL C 121 42.71 -18.18 8.09
CA VAL C 121 42.70 -19.58 8.49
C VAL C 121 41.85 -20.44 7.55
N GLY C 122 41.01 -19.82 6.73
CA GLY C 122 40.33 -20.53 5.65
C GLY C 122 38.94 -20.99 6.06
N VAL C 123 38.63 -22.26 5.79
CA VAL C 123 37.32 -22.83 6.07
C VAL C 123 37.38 -24.07 6.95
N GLU C 124 38.56 -24.63 7.20
CA GLU C 124 38.67 -25.84 8.01
C GLU C 124 38.52 -25.53 9.50
N LYS C 125 39.38 -24.67 10.03
CA LYS C 125 39.39 -24.37 11.46
C LYS C 125 38.55 -23.15 11.82
N SER C 126 38.17 -22.34 10.82
CA SER C 126 37.38 -21.14 11.03
C SER C 126 35.93 -21.50 11.31
N VAL C 127 35.60 -21.63 12.60
CA VAL C 127 34.38 -22.29 13.04
C VAL C 127 33.14 -21.57 12.51
N ARG C 128 33.23 -20.25 12.32
CA ARG C 128 32.14 -19.47 11.74
C ARG C 128 32.09 -19.56 10.23
N MET C 129 33.02 -20.29 9.61
CA MET C 129 33.34 -20.13 8.20
C MET C 129 33.59 -21.50 7.56
N SER C 130 32.68 -22.43 7.78
CA SER C 130 32.88 -23.82 7.38
C SER C 130 32.93 -23.99 5.87
N SER C 131 32.81 -22.90 5.10
CA SER C 131 32.82 -22.97 3.65
C SER C 131 33.14 -21.58 3.11
N ARG C 132 33.44 -21.52 1.81
CA ARG C 132 33.67 -20.25 1.14
C ARG C 132 32.47 -19.31 1.26
N MET C 133 31.28 -19.84 1.02
CA MET C 133 30.05 -19.09 1.19
C MET C 133 29.80 -18.70 2.66
N SER C 134 30.18 -19.57 3.61
CA SER C 134 30.09 -19.25 5.03
C SER C 134 31.02 -18.11 5.44
N GLN C 135 32.17 -18.00 4.79
CA GLN C 135 33.02 -16.81 4.93
C GLN C 135 32.30 -15.53 4.52
N VAL C 136 31.67 -15.54 3.34
CA VAL C 136 30.97 -14.34 2.86
C VAL C 136 29.81 -13.96 3.79
N VAL C 137 29.04 -14.94 4.24
CA VAL C 137 27.97 -14.68 5.19
C VAL C 137 28.50 -14.06 6.49
N SER C 138 29.53 -14.66 7.07
CA SER C 138 30.11 -14.12 8.30
C SER C 138 30.67 -12.71 8.11
N ALA C 139 31.30 -12.45 6.97
CA ALA C 139 31.80 -11.10 6.68
C ALA C 139 30.67 -10.07 6.60
N CYS C 140 29.55 -10.40 5.94
CA CYS C 140 28.44 -9.45 5.86
C CYS C 140 27.75 -9.26 7.21
N ASP C 141 27.56 -10.34 7.97
CA ASP C 141 27.07 -10.23 9.33
C ASP C 141 27.90 -9.27 10.17
N ILE C 142 29.21 -9.47 10.19
CA ILE C 142 30.12 -8.57 10.89
C ILE C 142 30.05 -7.16 10.31
N LEU C 143 29.99 -7.06 8.99
CA LEU C 143 29.98 -5.75 8.33
C LEU C 143 28.76 -4.90 8.72
N VAL C 144 27.56 -5.47 8.70
CA VAL C 144 26.38 -4.68 9.04
C VAL C 144 26.35 -4.28 10.52
N VAL C 145 26.87 -5.13 11.40
CA VAL C 145 27.00 -4.74 12.81
C VAL C 145 28.03 -3.65 13.00
N ALA C 146 29.18 -3.75 12.33
CA ALA C 146 30.19 -2.70 12.40
C ALA C 146 29.68 -1.38 11.83
N VAL C 147 28.89 -1.45 10.76
CA VAL C 147 28.27 -0.24 10.20
C VAL C 147 27.19 0.31 11.13
N THR C 148 26.36 -0.56 11.69
CA THR C 148 25.32 -0.09 12.61
C THR C 148 25.90 0.53 13.88
N ALA C 149 26.89 -0.14 14.48
CA ALA C 149 27.56 0.44 15.64
C ALA C 149 28.35 1.69 15.30
N GLY C 150 28.96 1.73 14.13
CA GLY C 150 29.63 2.93 13.65
C GLY C 150 28.75 4.14 13.50
N VAL C 151 27.67 4.01 12.74
CA VAL C 151 26.70 5.10 12.60
C VAL C 151 26.10 5.47 13.96
N GLY C 152 25.83 4.46 14.78
CA GLY C 152 25.36 4.69 16.13
C GLY C 152 26.27 5.59 16.96
N VAL C 153 27.55 5.26 17.00
CA VAL C 153 28.48 5.96 17.88
C VAL C 153 29.03 7.24 17.26
N TYR C 154 29.37 7.25 15.99
CA TYR C 154 29.83 8.48 15.37
C TYR C 154 28.73 9.54 15.26
N GLY C 155 27.48 9.14 15.06
CA GLY C 155 26.34 10.04 15.09
C GLY C 155 25.85 10.49 16.46
N ALA C 156 26.34 9.87 17.52
CA ALA C 156 25.76 10.09 18.85
C ALA C 156 25.88 11.51 19.38
N PRO C 157 26.96 12.25 19.15
CA PRO C 157 27.03 13.61 19.67
C PRO C 157 25.99 14.55 19.07
N ALA C 158 25.82 14.48 17.75
CA ALA C 158 24.78 15.27 17.10
C ALA C 158 23.38 14.87 17.56
N ARG C 159 23.18 13.58 17.80
CA ARG C 159 21.91 13.07 18.32
C ARG C 159 21.62 13.55 19.74
N MET C 160 22.64 13.61 20.60
CA MET C 160 22.45 14.18 21.93
C MET C 160 22.22 15.68 21.90
N ARG C 161 22.90 16.40 21.01
CA ARG C 161 22.61 17.82 20.83
C ARG C 161 21.15 18.04 20.44
N THR C 162 20.61 17.19 19.58
CA THR C 162 19.20 17.21 19.25
C THR C 162 18.30 16.90 20.45
N MET C 163 18.65 15.86 21.22
CA MET C 163 17.87 15.51 22.41
C MET C 163 17.82 16.64 23.41
N LEU C 164 18.97 17.23 23.74
CA LEU C 164 18.97 18.35 24.67
C LEU C 164 18.29 19.58 24.10
N SER C 165 18.24 19.72 22.78
CA SER C 165 17.47 20.80 22.18
C SER C 165 15.97 20.65 22.42
N TYR C 166 15.40 19.50 22.04
CA TYR C 166 13.95 19.34 22.22
C TYR C 166 13.51 19.07 23.65
N MET C 167 14.34 18.48 24.50
CA MET C 167 13.89 18.17 25.85
C MET C 167 13.52 19.42 26.65
N GLU C 168 14.08 20.57 26.29
CA GLU C 168 13.68 21.82 26.94
C GLU C 168 12.23 22.19 26.65
N ASN C 169 11.68 21.77 25.51
CA ASN C 169 10.27 21.99 25.21
C ASN C 169 9.37 20.95 25.86
N ILE C 170 9.81 19.70 25.92
CA ILE C 170 9.09 18.66 26.64
C ILE C 170 8.90 19.03 28.11
N VAL C 171 9.89 19.67 28.72
CA VAL C 171 9.75 20.15 30.09
C VAL C 171 8.59 21.14 30.22
N ALA C 172 8.36 21.95 29.19
CA ALA C 172 7.21 22.85 29.22
C ALA C 172 5.90 22.10 29.14
N VAL C 173 5.84 21.06 28.30
CA VAL C 173 4.67 20.19 28.24
C VAL C 173 4.44 19.48 29.57
N ASP C 174 5.51 18.99 30.20
CA ASP C 174 5.40 18.36 31.50
C ASP C 174 4.79 19.28 32.54
N ARG C 175 5.22 20.55 32.59
CA ARG C 175 4.60 21.48 33.53
C ARG C 175 3.11 21.63 33.28
N GLU C 176 2.70 21.80 32.01
CA GLU C 176 1.28 21.98 31.73
C GLU C 176 0.47 20.76 32.11
N LEU C 177 1.00 19.57 31.83
CA LEU C 177 0.35 18.32 32.18
C LEU C 177 0.54 17.93 33.63
N GLY C 178 1.42 18.61 34.36
CA GLY C 178 1.79 18.16 35.69
C GLY C 178 2.53 16.84 35.73
N ARG C 179 3.33 16.56 34.70
CA ARG C 179 4.01 15.28 34.62
C ARG C 179 4.91 15.04 35.82
N HIS C 180 4.71 13.89 36.47
CA HIS C 180 5.63 13.38 37.48
C HIS C 180 5.87 11.91 37.18
N HIS C 181 7.09 11.45 37.44
CA HIS C 181 7.49 10.10 37.06
C HIS C 181 6.91 9.10 38.05
N SER C 182 6.07 8.19 37.56
CA SER C 182 5.58 7.09 38.38
C SER C 182 6.73 6.13 38.69
N ALA C 183 7.05 6.01 39.97
CA ALA C 183 8.09 5.06 40.38
C ALA C 183 7.77 3.65 39.93
N ALA C 184 6.53 3.22 40.12
CA ALA C 184 6.09 1.90 39.67
C ALA C 184 6.22 1.74 38.15
N THR C 185 5.92 2.79 37.39
CA THR C 185 6.00 2.68 35.94
C THR C 185 7.45 2.67 35.46
N GLU C 186 8.29 3.56 36.00
CA GLU C 186 9.71 3.54 35.62
C GLU C 186 10.38 2.24 36.07
N ARG C 187 9.97 1.71 37.21
CA ARG C 187 10.47 0.41 37.64
C ARG C 187 10.07 -0.68 36.64
N LYS C 188 8.86 -0.62 36.10
CA LYS C 188 8.48 -1.53 35.02
C LYS C 188 9.41 -1.37 33.81
N LEU C 189 9.58 -0.14 33.33
CA LEU C 189 10.40 0.06 32.14
C LEU C 189 11.90 -0.13 32.39
N CYS C 190 12.37 0.24 33.58
CA CYS C 190 13.76 -0.08 33.95
C CYS C 190 13.99 -1.57 34.12
N ALA C 191 13.03 -2.29 34.69
CA ALA C 191 13.12 -3.75 34.72
C ALA C 191 13.08 -4.36 33.33
N LEU C 192 12.35 -3.75 32.41
CA LEU C 192 12.32 -4.21 31.02
C LEU C 192 13.64 -3.94 30.29
N LEU C 193 14.26 -2.80 30.54
CA LEU C 193 15.64 -2.60 30.09
C LEU C 193 16.57 -3.68 30.61
N LEU C 194 16.58 -3.91 31.91
CA LEU C 194 17.41 -4.97 32.47
C LEU C 194 17.05 -6.34 31.91
N LEU C 195 15.77 -6.66 31.81
CA LEU C 195 15.37 -7.95 31.27
C LEU C 195 15.89 -8.17 29.86
N ILE C 196 15.62 -7.24 28.96
CA ILE C 196 16.01 -7.41 27.56
C ILE C 196 17.53 -7.36 27.41
N LEU C 197 18.17 -6.37 28.02
CA LEU C 197 19.61 -6.17 27.84
C LEU C 197 20.44 -7.26 28.54
N LEU C 198 20.06 -7.63 29.76
CA LEU C 198 20.79 -8.67 30.48
C LEU C 198 20.63 -10.04 29.83
N SER C 199 19.42 -10.35 29.38
CA SER C 199 19.18 -11.58 28.62
C SER C 199 20.04 -11.67 27.36
N PHE C 200 20.16 -10.57 26.63
CA PHE C 200 21.03 -10.53 25.44
C PHE C 200 22.50 -10.66 25.81
N THR C 201 22.95 -9.93 26.83
CA THR C 201 24.32 -10.08 27.30
C THR C 201 24.65 -11.50 27.69
N ILE C 202 23.73 -12.19 28.36
CA ILE C 202 23.90 -13.59 28.71
C ILE C 202 24.01 -14.48 27.48
N LEU C 203 23.21 -14.19 26.44
CA LEU C 203 23.32 -14.92 25.18
C LEU C 203 24.65 -14.70 24.48
N LEU C 204 25.15 -13.47 24.47
CA LEU C 204 26.46 -13.21 23.88
C LEU C 204 27.57 -13.99 24.58
N VAL C 205 27.54 -14.05 25.91
CA VAL C 205 28.54 -14.80 26.64
C VAL C 205 28.47 -16.28 26.31
N ASP C 206 27.26 -16.86 26.29
CA ASP C 206 27.15 -18.27 25.94
C ASP C 206 27.65 -18.56 24.52
N ASP C 207 27.25 -17.74 23.55
CA ASP C 207 27.74 -17.90 22.18
C ASP C 207 29.25 -17.84 22.12
N PHE C 208 29.85 -16.84 22.78
CA PHE C 208 31.30 -16.70 22.78
C PHE C 208 31.99 -17.86 23.50
N CYS C 209 31.48 -18.23 24.68
CA CYS C 209 32.05 -19.36 25.41
C CYS C 209 31.94 -20.66 24.62
N PHE C 210 30.81 -20.87 23.95
CA PHE C 210 30.65 -22.07 23.12
C PHE C 210 31.68 -22.15 22.01
N TYR C 211 31.78 -21.12 21.18
CA TYR C 211 32.73 -21.19 20.07
C TYR C 211 34.18 -21.19 20.54
N ALA C 212 34.48 -20.51 21.64
CA ALA C 212 35.82 -20.59 22.21
C ALA C 212 36.14 -21.99 22.72
N MET C 213 35.18 -22.63 23.38
CA MET C 213 35.38 -24.02 23.81
C MET C 213 35.41 -24.98 22.64
N GLN C 214 34.59 -24.74 21.61
CA GLN C 214 34.66 -25.55 20.41
C GLN C 214 36.04 -25.49 19.79
N ALA C 215 36.66 -24.31 19.74
CA ALA C 215 38.05 -24.17 19.35
C ALA C 215 39.01 -24.57 20.47
N GLY C 216 38.60 -24.39 21.73
CA GLY C 216 39.43 -24.78 22.86
C GLY C 216 39.71 -26.28 22.89
N LYS C 217 38.80 -27.08 22.35
CA LYS C 217 39.06 -28.49 22.17
C LYS C 217 40.27 -28.75 21.26
N THR C 218 40.72 -27.76 20.50
CA THR C 218 41.96 -27.89 19.72
C THR C 218 42.96 -26.78 20.05
N GLY C 219 42.89 -26.23 21.26
CA GLY C 219 43.89 -25.30 21.77
C GLY C 219 43.89 -23.92 21.15
N ARG C 220 42.96 -23.60 20.25
CA ARG C 220 43.00 -22.38 19.46
C ARG C 220 42.12 -21.29 20.04
N GLN C 221 41.65 -21.47 21.27
CA GLN C 221 40.66 -20.57 21.87
C GLN C 221 41.18 -19.13 22.02
N TRP C 222 42.46 -18.96 22.37
CA TRP C 222 42.98 -17.61 22.55
C TRP C 222 42.98 -16.81 21.26
N GLU C 223 43.21 -17.47 20.12
CA GLU C 223 43.09 -16.81 18.82
C GLU C 223 41.64 -16.45 18.50
N ILE C 224 40.71 -17.35 18.76
CA ILE C 224 39.28 -17.05 18.64
C ILE C 224 38.88 -15.85 19.51
N VAL C 225 39.36 -15.81 20.75
CA VAL C 225 39.11 -14.64 21.60
C VAL C 225 39.63 -13.36 20.95
N THR C 226 40.87 -13.36 20.50
CA THR C 226 41.41 -12.16 19.86
C THR C 226 40.67 -11.80 18.58
N ASN C 227 40.11 -12.78 17.88
CA ASN C 227 39.48 -12.52 16.60
C ASN C 227 37.99 -12.19 16.67
N TYR C 228 37.30 -12.51 17.77
CA TYR C 228 35.86 -12.26 17.86
C TYR C 228 35.39 -11.44 19.05
N ALA C 229 36.23 -11.20 20.05
CA ALA C 229 35.80 -10.38 21.19
C ALA C 229 35.27 -9.02 20.77
N GLY C 230 35.92 -8.38 19.81
CA GLY C 230 35.43 -7.11 19.30
C GLY C 230 34.03 -7.16 18.72
N PHE C 231 33.72 -8.24 18.00
CA PHE C 231 32.40 -8.37 17.38
C PHE C 231 31.27 -8.48 18.40
N TYR C 232 31.48 -9.21 19.49
CA TYR C 232 30.48 -9.28 20.55
C TYR C 232 30.25 -7.95 21.26
N PHE C 233 31.28 -7.11 21.42
CA PHE C 233 31.04 -5.78 21.96
C PHE C 233 30.26 -4.89 21.01
N LEU C 234 30.52 -4.98 19.71
CA LEU C 234 29.69 -4.27 18.73
C LEU C 234 28.25 -4.77 18.71
N TRP C 235 28.02 -6.06 18.98
CA TRP C 235 26.65 -6.55 19.15
C TRP C 235 25.94 -5.87 20.30
N TYR C 236 26.62 -5.76 21.45
CA TYR C 236 26.06 -5.07 22.61
C TYR C 236 25.71 -3.62 22.33
N ILE C 237 26.59 -2.91 21.62
CA ILE C 237 26.32 -1.53 21.21
C ILE C 237 25.08 -1.40 20.33
N VAL C 238 24.86 -2.35 19.43
CA VAL C 238 23.67 -2.30 18.58
C VAL C 238 22.37 -2.49 19.36
N MET C 239 22.34 -3.41 20.32
CA MET C 239 21.15 -3.53 21.16
C MET C 239 20.92 -2.31 22.04
N VAL C 240 21.96 -1.76 22.64
CA VAL C 240 21.77 -0.57 23.47
C VAL C 240 21.26 0.61 22.64
N LEU C 241 21.68 0.72 21.40
CA LEU C 241 21.12 1.73 20.51
C LEU C 241 19.64 1.52 20.25
N GLU C 242 19.22 0.26 20.06
CA GLU C 242 17.81 -0.05 19.87
C GLU C 242 16.98 0.24 21.11
N LEU C 243 17.50 -0.08 22.28
CA LEU C 243 16.87 0.25 23.54
C LEU C 243 16.85 1.75 23.84
N GLN C 244 17.88 2.46 23.40
CA GLN C 244 17.93 3.91 23.54
C GLN C 244 16.84 4.61 22.74
N PHE C 245 16.56 4.14 21.53
CA PHE C 245 15.39 4.60 20.79
C PHE C 245 14.08 4.26 21.47
N ALA C 246 13.87 2.98 21.77
CA ALA C 246 12.57 2.54 22.28
C ALA C 246 12.15 3.31 23.52
N PHE C 247 13.05 3.44 24.48
CA PHE C 247 12.74 4.16 25.70
C PHE C 247 12.80 5.67 25.56
N THR C 248 13.34 6.19 24.46
CA THR C 248 13.10 7.57 24.07
C THR C 248 11.70 7.76 23.49
N ALA C 249 11.30 6.88 22.58
CA ALA C 249 9.96 6.90 22.00
C ALA C 249 8.84 6.62 23.01
N LEU C 250 9.03 5.64 23.88
CA LEU C 250 8.07 5.39 24.96
C LEU C 250 7.98 6.53 25.95
N SER C 251 9.08 7.26 26.17
CA SER C 251 9.04 8.46 26.98
C SER C 251 8.18 9.57 26.39
N LEU C 252 8.12 9.68 25.06
CA LEU C 252 7.16 10.59 24.43
C LEU C 252 5.75 10.06 24.46
N ARG C 253 5.56 8.77 24.15
CA ARG C 253 4.25 8.14 24.18
C ARG C 253 3.56 8.33 25.52
N ALA C 254 4.32 8.30 26.61
CA ALA C 254 3.77 8.57 27.92
C ALA C 254 3.20 9.97 28.04
N ARG C 255 3.74 10.93 27.29
CA ARG C 255 3.22 12.30 27.33
C ARG C 255 2.02 12.54 26.41
N LEU C 256 1.95 11.86 25.26
CA LEU C 256 0.70 11.82 24.51
C LEU C 256 -0.41 11.15 25.31
N LYS C 257 -0.10 10.03 25.94
CA LYS C 257 -1.06 9.34 26.80
C LYS C 257 -1.57 10.26 27.90
N LEU C 258 -0.68 11.02 28.51
CA LEU C 258 -1.04 12.00 29.53
C LEU C 258 -1.77 13.22 28.96
N PHE C 259 -1.40 13.67 27.76
CA PHE C 259 -2.14 14.73 27.06
C PHE C 259 -3.57 14.34 26.73
N ASN C 260 -3.80 13.11 26.28
CA ASN C 260 -5.14 12.57 26.06
C ASN C 260 -6.01 12.53 27.31
N GLU C 261 -5.42 12.28 28.48
CA GLU C 261 -6.21 12.31 29.71
C GLU C 261 -6.64 13.71 30.10
N ALA C 262 -5.81 14.71 29.87
CA ALA C 262 -6.23 16.09 30.07
C ALA C 262 -7.36 16.49 29.13
N LEU C 263 -7.38 15.93 27.93
CA LEU C 263 -8.45 16.18 26.96
C LEU C 263 -9.75 15.45 27.28
N ASN C 264 -9.68 14.25 27.86
CA ASN C 264 -10.88 13.61 28.41
C ASN C 264 -11.51 14.42 29.55
N VAL C 265 -10.70 14.89 30.50
CA VAL C 265 -11.26 15.67 31.60
C VAL C 265 -11.76 17.03 31.12
N THR C 266 -11.23 17.53 30.01
CA THR C 266 -11.86 18.64 29.34
C THR C 266 -13.28 18.29 28.90
N ALA C 267 -13.45 17.11 28.30
CA ALA C 267 -14.78 16.66 27.89
C ALA C 267 -15.72 16.46 29.07
N SER C 268 -15.25 15.84 30.16
CA SER C 268 -16.11 15.65 31.31
C SER C 268 -16.55 16.96 31.94
N GLN C 269 -15.67 17.97 31.96
CA GLN C 269 -16.10 19.26 32.49
C GLN C 269 -17.12 19.93 31.60
N VAL C 270 -16.96 19.86 30.28
CA VAL C 270 -18.00 20.38 29.39
C VAL C 270 -19.21 19.45 29.37
N CYS C 271 -18.98 18.15 29.51
CA CYS C 271 -20.08 17.19 29.57
C CYS C 271 -20.88 17.36 30.85
N LYS C 272 -20.19 17.56 31.97
CA LYS C 272 -20.81 17.51 33.30
C LYS C 272 -20.30 18.67 34.14
N PRO C 273 -20.54 19.92 33.70
CA PRO C 273 -20.07 21.11 34.41
C PRO C 273 -20.68 21.27 35.80
N ALA C 312 -2.78 29.55 35.54
CA ALA C 312 -2.39 28.24 36.03
C ALA C 312 -1.99 27.33 34.87
N PHE C 313 -1.27 26.26 35.18
CA PHE C 313 -1.09 25.17 34.24
C PHE C 313 -2.36 24.34 34.08
N VAL C 314 -2.51 23.74 32.90
CA VAL C 314 -3.78 23.23 32.41
C VAL C 314 -4.44 22.27 33.41
N MET C 315 -3.68 21.29 33.91
CA MET C 315 -4.26 20.18 34.67
C MET C 315 -3.52 19.97 35.98
N MET C 316 -4.27 19.58 37.01
CA MET C 316 -3.73 19.25 38.33
C MET C 316 -4.41 18.00 38.88
N LYS C 317 -3.79 17.42 39.90
CA LYS C 317 -4.43 16.41 40.72
C LYS C 317 -5.39 17.05 41.71
N THR C 318 -6.51 16.40 41.97
CA THR C 318 -7.37 16.78 43.08
C THR C 318 -6.71 16.42 44.41
N ALA C 319 -7.38 16.78 45.51
CA ALA C 319 -6.98 16.31 46.83
C ALA C 319 -7.01 14.79 46.93
N ASP C 320 -7.81 14.13 46.09
CA ASP C 320 -7.79 12.67 45.95
C ASP C 320 -6.78 12.19 44.93
N GLY C 321 -6.11 13.10 44.22
CA GLY C 321 -5.18 12.73 43.19
C GLY C 321 -5.77 12.43 41.82
N VAL C 322 -7.08 12.56 41.66
CA VAL C 322 -7.72 12.39 40.35
C VAL C 322 -7.35 13.59 39.48
N PRO C 323 -7.20 13.43 38.16
CA PRO C 323 -6.97 14.60 37.31
C PRO C 323 -8.16 15.55 37.32
N CYS C 324 -7.85 16.85 37.37
CA CYS C 324 -8.88 17.87 37.34
C CYS C 324 -8.32 19.11 36.66
N LEU C 325 -9.22 19.92 36.09
CA LEU C 325 -8.85 21.00 35.20
C LEU C 325 -8.93 22.34 35.93
N GLN C 326 -7.85 23.12 35.87
CA GLN C 326 -7.76 24.38 36.59
C GLN C 326 -8.20 25.58 35.76
N VAL C 327 -8.57 25.37 34.50
CA VAL C 327 -8.93 26.44 33.58
C VAL C 327 -10.18 26.04 32.81
N PRO C 328 -10.90 27.02 32.26
CA PRO C 328 -12.05 26.69 31.44
C PRO C 328 -11.67 25.82 30.26
N PRO C 329 -12.56 24.93 29.83
CA PRO C 329 -12.28 24.11 28.65
C PRO C 329 -11.91 24.88 27.39
N CYS C 330 -12.45 26.07 27.20
CA CYS C 330 -12.07 26.92 26.09
C CYS C 330 -10.57 27.22 26.06
N GLU C 331 -9.98 27.53 27.23
CA GLU C 331 -8.55 27.78 27.30
C GLU C 331 -7.73 26.51 27.22
N ALA C 332 -8.19 25.45 27.90
CA ALA C 332 -7.49 24.17 27.89
C ALA C 332 -7.32 23.60 26.49
N VAL C 333 -8.36 23.61 25.67
CA VAL C 333 -8.26 23.07 24.32
C VAL C 333 -7.27 23.87 23.48
N GLY C 334 -7.22 25.19 23.69
CA GLY C 334 -6.23 25.99 22.99
C GLY C 334 -4.81 25.70 23.42
N ARG C 335 -4.62 25.51 24.72
CA ARG C 335 -3.32 25.18 25.30
C ARG C 335 -2.86 23.80 24.87
N LEU C 336 -3.76 22.83 24.89
CA LEU C 336 -3.49 21.47 24.44
C LEU C 336 -3.19 21.39 22.94
N SER C 337 -3.85 22.19 22.11
CA SER C 337 -3.51 22.24 20.70
C SER C 337 -2.07 22.66 20.46
N ARG C 338 -1.58 23.65 21.20
CA ARG C 338 -0.17 24.02 21.12
C ARG C 338 0.75 22.89 21.56
N MET C 339 0.40 22.20 22.63
CA MET C 339 1.20 21.08 23.10
C MET C 339 1.20 19.90 22.12
N ARG C 340 0.07 19.66 21.47
CA ARG C 340 -0.02 18.66 20.40
C ARG C 340 0.95 18.95 19.26
N CYS C 341 1.11 20.21 18.87
CA CYS C 341 2.09 20.59 17.88
C CYS C 341 3.52 20.32 18.35
N THR C 342 3.83 20.68 19.58
CA THR C 342 5.16 20.45 20.15
C THR C 342 5.54 18.97 20.20
N LEU C 343 4.62 18.10 20.60
CA LEU C 343 4.89 16.67 20.62
C LEU C 343 5.16 16.09 19.23
N CYS C 344 4.44 16.56 18.21
CA CYS C 344 4.71 16.13 16.84
C CYS C 344 6.08 16.57 16.36
N GLU C 345 6.54 17.73 16.78
CA GLU C 345 7.87 18.20 16.41
C GLU C 345 8.96 17.34 17.04
N VAL C 346 8.80 17.00 18.31
CA VAL C 346 9.75 16.11 19.00
C VAL C 346 9.81 14.74 18.34
N THR C 347 8.68 14.22 17.88
CA THR C 347 8.67 12.97 17.14
C THR C 347 9.57 13.00 15.91
N ARG C 348 9.60 14.12 15.21
CA ARG C 348 10.39 14.23 13.99
C ARG C 348 11.89 14.35 14.25
N HIS C 349 12.28 14.97 15.36
CA HIS C 349 13.67 14.92 15.80
C HIS C 349 14.14 13.52 16.18
N ILE C 350 13.32 12.76 16.89
CA ILE C 350 13.68 11.39 17.22
C ILE C 350 13.82 10.53 15.98
N ALA C 351 12.85 10.62 15.08
CA ALA C 351 12.91 9.84 13.84
C ALA C 351 14.07 10.22 12.95
N ASP C 352 14.46 11.50 12.93
CA ASP C 352 15.64 11.90 12.18
C ASP C 352 16.93 11.40 12.82
N GLY C 353 17.07 11.55 14.12
CA GLY C 353 18.32 11.17 14.78
C GLY C 353 18.60 9.68 14.74
N TYR C 354 17.59 8.85 14.93
CA TYR C 354 17.72 7.41 14.89
C TYR C 354 17.36 6.80 13.55
N GLY C 355 17.00 7.63 12.56
CA GLY C 355 16.49 7.10 11.31
C GLY C 355 17.45 6.18 10.58
N LEU C 356 18.68 6.64 10.36
CA LEU C 356 19.67 5.81 9.68
C LEU C 356 20.08 4.57 10.45
N PRO C 357 20.38 4.63 11.75
CA PRO C 357 20.50 3.39 12.52
C PRO C 357 19.38 2.39 12.31
N LEU C 358 18.14 2.84 12.39
CA LEU C 358 16.99 1.95 12.32
C LEU C 358 16.86 1.23 10.98
N VAL C 359 17.24 1.90 9.89
CA VAL C 359 17.21 1.24 8.59
C VAL C 359 18.25 0.13 8.51
N ILE C 360 19.47 0.36 8.98
CA ILE C 360 20.48 -0.69 8.96
C ILE C 360 20.13 -1.81 9.92
N ILE C 361 19.51 -1.48 11.05
CA ILE C 361 18.97 -2.47 11.96
C ILE C 361 17.88 -3.32 11.31
N LEU C 362 17.00 -2.71 10.51
CA LEU C 362 15.97 -3.48 9.83
C LEU C 362 16.53 -4.41 8.76
N MET C 363 17.46 -3.94 7.92
CA MET C 363 18.07 -4.83 6.95
C MET C 363 18.80 -5.99 7.61
N SER C 364 19.64 -5.72 8.61
CA SER C 364 20.35 -6.79 9.29
C SER C 364 19.41 -7.74 10.02
N THR C 365 18.28 -7.24 10.53
CA THR C 365 17.27 -8.15 11.05
C THR C 365 16.77 -9.08 9.96
N LEU C 366 16.38 -8.51 8.82
CA LEU C 366 15.92 -9.30 7.68
C LEU C 366 16.99 -10.30 7.20
N LEU C 367 18.23 -9.85 7.06
CA LEU C 367 19.33 -10.74 6.72
C LEU C 367 19.47 -11.90 7.69
N HIS C 368 19.53 -11.59 8.98
CA HIS C 368 19.73 -12.61 10.00
C HIS C 368 18.55 -13.54 10.17
N LEU C 369 17.33 -13.06 9.92
CA LEU C 369 16.18 -13.95 9.95
C LEU C 369 16.10 -14.88 8.75
N ILE C 370 16.82 -14.59 7.67
CA ILE C 370 17.01 -15.57 6.61
C ILE C 370 18.18 -16.50 6.90
N VAL C 371 19.34 -15.91 7.17
CA VAL C 371 20.57 -16.66 7.33
C VAL C 371 20.50 -17.63 8.50
N THR C 372 19.96 -17.18 9.63
CA THR C 372 20.01 -18.01 10.84
C THR C 372 19.06 -19.20 10.79
N PRO C 373 17.79 -19.06 10.40
CA PRO C 373 16.96 -20.26 10.21
C PRO C 373 17.45 -21.21 9.13
N TYR C 374 18.04 -20.69 8.06
CA TYR C 374 18.57 -21.54 7.01
C TYR C 374 19.61 -22.51 7.54
N PHE C 375 20.67 -22.00 8.16
CA PHE C 375 21.73 -22.86 8.67
C PHE C 375 21.26 -23.69 9.85
N LEU C 376 20.27 -23.22 10.59
CA LEU C 376 19.60 -24.07 11.57
C LEU C 376 18.91 -25.26 10.91
N ILE C 377 18.17 -25.01 9.83
CA ILE C 377 17.47 -26.10 9.15
C ILE C 377 18.45 -27.08 8.50
N MET C 378 19.51 -26.58 7.89
CA MET C 378 20.54 -27.48 7.37
C MET C 378 21.16 -28.32 8.47
N GLU C 379 21.37 -27.74 9.65
CA GLU C 379 22.00 -28.44 10.76
C GLU C 379 21.04 -29.27 11.59
N ILE C 380 19.73 -29.06 11.46
CA ILE C 380 18.77 -29.97 12.08
C ILE C 380 18.44 -31.16 11.21
N ILE C 381 18.67 -31.07 9.90
CA ILE C 381 18.57 -32.23 9.02
C ILE C 381 19.83 -33.07 9.10
N VAL C 382 20.99 -32.44 9.06
CA VAL C 382 22.28 -33.11 9.04
C VAL C 382 23.05 -32.77 10.32
N SER C 383 23.55 -33.81 10.99
CA SER C 383 24.30 -33.68 12.25
C SER C 383 23.46 -33.04 13.36
N THR C 384 22.22 -33.48 13.48
CA THR C 384 21.31 -32.95 14.50
C THR C 384 21.78 -33.24 15.92
N HIS C 385 22.90 -33.94 16.07
CA HIS C 385 23.47 -34.19 17.40
C HIS C 385 24.14 -32.97 18.02
N ARG C 386 24.44 -31.93 17.24
CA ARG C 386 25.07 -30.71 17.76
C ARG C 386 24.07 -29.85 18.55
N LEU C 387 23.47 -30.48 19.56
CA LEU C 387 22.32 -29.89 20.25
C LEU C 387 22.61 -28.49 20.80
N HIS C 388 23.80 -28.27 21.33
CA HIS C 388 24.16 -26.96 21.87
C HIS C 388 24.20 -25.88 20.79
N PHE C 389 24.70 -26.22 19.59
CA PHE C 389 24.62 -25.30 18.46
C PHE C 389 23.18 -24.98 18.08
N LEU C 390 22.34 -25.99 17.97
CA LEU C 390 20.95 -25.78 17.59
C LEU C 390 20.20 -24.92 18.60
N VAL C 391 20.44 -25.15 19.89
CA VAL C 391 19.84 -24.31 20.93
C VAL C 391 20.25 -22.84 20.76
N LEU C 392 21.55 -22.58 20.60
CA LEU C 392 22.01 -21.21 20.43
C LEU C 392 21.41 -20.54 19.19
N GLN C 393 21.42 -21.25 18.05
CA GLN C 393 20.87 -20.66 16.83
C GLN C 393 19.37 -20.41 16.94
N PHE C 394 18.64 -21.21 17.70
CA PHE C 394 17.23 -20.90 17.94
C PHE C 394 17.07 -19.64 18.79
N LEU C 395 17.85 -19.53 19.86
CA LEU C 395 17.82 -18.33 20.69
C LEU C 395 18.25 -17.07 19.94
N TRP C 396 19.11 -17.21 18.93
CA TRP C 396 19.40 -16.09 18.03
C TRP C 396 18.22 -15.73 17.14
N CYS C 397 17.55 -16.71 16.53
CA CYS C 397 16.34 -16.43 15.75
C CYS C 397 15.31 -15.69 16.59
N THR C 398 15.06 -16.17 17.81
CA THR C 398 14.19 -15.47 18.74
C THR C 398 14.65 -14.04 19.00
N THR C 399 15.95 -13.84 19.20
CA THR C 399 16.49 -12.51 19.49
C THR C 399 16.35 -11.55 18.31
N HIS C 400 16.53 -12.02 17.09
CA HIS C 400 16.36 -11.16 15.93
C HIS C 400 14.91 -10.74 15.70
N LEU C 401 13.94 -11.54 16.14
CA LEU C 401 12.55 -11.09 16.17
C LEU C 401 12.31 -10.04 17.26
N ILE C 402 12.77 -10.31 18.47
CA ILE C 402 12.61 -9.35 19.58
C ILE C 402 13.24 -8.00 19.23
N ARG C 403 14.44 -8.01 18.67
CA ARG C 403 15.08 -6.77 18.25
C ARG C 403 14.23 -5.98 17.26
N MET C 404 13.45 -6.65 16.42
CA MET C 404 12.52 -5.95 15.56
C MET C 404 11.32 -5.40 16.32
N LEU C 405 10.74 -6.19 17.24
CA LEU C 405 9.63 -5.72 18.05
C LEU C 405 10.00 -4.55 18.96
N VAL C 406 11.20 -4.59 19.53
CA VAL C 406 11.70 -3.48 20.33
C VAL C 406 11.69 -2.17 19.56
N VAL C 407 11.87 -2.24 18.25
CA VAL C 407 11.85 -1.06 17.40
C VAL C 407 10.43 -0.69 16.95
N VAL C 408 9.65 -1.63 16.42
CA VAL C 408 8.36 -1.25 15.85
C VAL C 408 7.25 -1.10 16.88
N GLU C 409 7.33 -1.74 18.03
CA GLU C 409 6.23 -1.67 19.00
C GLU C 409 6.11 -0.33 19.71
N PRO C 410 7.19 0.29 20.17
CA PRO C 410 7.09 1.65 20.72
C PRO C 410 6.47 2.65 19.79
N CYS C 411 6.69 2.49 18.49
CA CYS C 411 6.08 3.37 17.49
C CYS C 411 4.60 3.10 17.30
N HIS C 412 4.22 1.83 17.18
CA HIS C 412 2.80 1.45 17.13
C HIS C 412 2.03 1.96 18.34
N TYR C 413 2.57 1.78 19.53
CA TYR C 413 1.87 2.27 20.71
C TYR C 413 1.72 3.79 20.69
N THR C 414 2.62 4.50 20.00
CA THR C 414 2.47 5.94 19.82
C THR C 414 1.38 6.29 18.79
N MET C 415 1.24 5.50 17.72
CA MET C 415 0.11 5.67 16.80
C MET C 415 -1.23 5.51 17.50
N ARG C 416 -1.37 4.50 18.35
CA ARG C 416 -2.62 4.25 19.05
C ARG C 416 -3.05 5.41 19.94
N GLU C 417 -2.11 6.10 20.58
CA GLU C 417 -2.47 7.29 21.34
C GLU C 417 -2.95 8.43 20.45
N GLY C 418 -2.43 8.55 19.24
CA GLY C 418 -2.97 9.53 18.30
C GLY C 418 -4.39 9.22 17.85
N LYS C 419 -4.66 7.97 17.51
CA LYS C 419 -6.01 7.52 17.20
C LYS C 419 -6.98 7.77 18.35
N ARG C 420 -6.53 7.54 19.58
CA ARG C 420 -7.35 7.84 20.75
C ARG C 420 -7.67 9.32 20.87
N THR C 421 -6.75 10.20 20.46
CA THR C 421 -7.05 11.62 20.42
C THR C 421 -8.18 11.94 19.45
N GLU C 422 -8.15 11.34 18.26
CA GLU C 422 -9.20 11.58 17.27
C GLU C 422 -10.56 11.11 17.77
N ASP C 423 -10.60 9.97 18.46
CA ASP C 423 -11.82 9.51 19.11
C ASP C 423 -12.33 10.48 20.16
N ILE C 424 -11.43 10.99 21.01
CA ILE C 424 -11.81 11.95 22.03
C ILE C 424 -12.30 13.27 21.44
N VAL C 425 -11.58 13.79 20.43
CA VAL C 425 -11.97 15.06 19.84
C VAL C 425 -13.31 14.98 19.14
N CYS C 426 -13.58 13.88 18.43
CA CYS C 426 -14.90 13.70 17.85
C CYS C 426 -15.99 13.73 18.90
N ARG C 427 -15.85 12.92 19.94
CA ARG C 427 -16.78 12.92 21.05
C ARG C 427 -16.95 14.31 21.64
N LEU C 428 -15.83 14.93 22.01
CA LEU C 428 -15.82 16.25 22.63
C LEU C 428 -16.49 17.33 21.78
N MET C 429 -16.31 17.31 20.46
CA MET C 429 -16.93 18.33 19.62
C MET C 429 -18.37 18.03 19.21
N THR C 430 -18.92 16.86 19.51
CA THR C 430 -20.37 16.71 19.50
C THR C 430 -20.99 17.24 20.79
N LEU C 431 -20.25 17.20 21.88
CA LEU C 431 -20.72 17.72 23.16
C LEU C 431 -20.67 19.25 23.19
N ALA C 432 -19.65 19.84 22.59
CA ALA C 432 -19.49 21.27 22.62
C ALA C 432 -20.67 21.98 21.96
N PRO C 433 -21.16 23.07 22.54
CA PRO C 433 -22.34 23.73 22.01
C PRO C 433 -22.09 24.45 20.69
N HIS C 434 -23.16 24.59 19.92
CA HIS C 434 -23.14 25.24 18.62
C HIS C 434 -22.69 26.70 18.72
N GLY C 435 -21.74 27.08 17.87
CA GLY C 435 -21.29 28.46 17.74
C GLY C 435 -20.47 29.01 18.89
N GLY C 436 -20.17 28.22 19.90
CA GLY C 436 -19.35 28.68 21.00
C GLY C 436 -17.89 28.84 20.63
N VAL C 437 -17.13 29.38 21.59
CA VAL C 437 -15.69 29.51 21.47
C VAL C 437 -15.03 28.13 21.50
N LEU C 438 -15.52 27.24 22.37
CA LEU C 438 -14.96 25.91 22.50
C LEU C 438 -15.00 25.15 21.19
N SER C 439 -16.14 25.19 20.49
CA SER C 439 -16.25 24.52 19.21
C SER C 439 -15.36 25.14 18.14
N SER C 440 -15.09 26.44 18.24
CA SER C 440 -14.12 27.07 17.34
C SER C 440 -12.68 26.63 17.64
N LYS C 441 -12.36 26.40 18.91
CA LYS C 441 -11.08 25.80 19.28
C LYS C 441 -10.95 24.35 18.84
N LEU C 442 -12.05 23.60 18.86
CA LEU C 442 -12.06 22.22 18.39
C LEU C 442 -12.06 22.08 16.88
N GLU C 443 -12.59 23.06 16.15
CA GLU C 443 -12.36 23.15 14.71
C GLU C 443 -10.87 23.22 14.37
N VAL C 444 -10.10 23.98 15.13
CA VAL C 444 -8.66 24.05 14.92
C VAL C 444 -7.99 22.72 15.24
N LEU C 445 -8.22 22.17 16.42
CA LEU C 445 -7.57 20.93 16.82
C LEU C 445 -7.86 19.79 15.84
N SER C 446 -9.10 19.67 15.38
CA SER C 446 -9.42 18.66 14.38
C SER C 446 -8.70 18.85 13.05
N ARG C 447 -8.41 20.09 12.65
CA ARG C 447 -7.52 20.29 11.51
C ARG C 447 -6.09 19.85 11.81
N LEU C 448 -5.60 20.12 13.01
CA LEU C 448 -4.27 19.63 13.39
C LEU C 448 -4.18 18.11 13.30
N LEU C 449 -5.23 17.40 13.72
CA LEU C 449 -5.21 15.94 13.63
C LEU C 449 -5.18 15.44 12.19
N MET C 450 -5.85 16.14 11.29
CA MET C 450 -5.83 15.78 9.88
C MET C 450 -4.52 16.15 9.22
N LEU C 451 -3.94 17.28 9.58
CA LEU C 451 -2.66 17.72 9.03
C LEU C 451 -1.46 17.02 9.65
N GLN C 452 -1.24 17.22 10.94
CA GLN C 452 -0.12 16.61 11.64
C GLN C 452 -0.49 15.26 12.22
N ASN C 453 -0.09 14.19 11.55
CA ASN C 453 -0.02 12.86 12.13
C ASN C 453 1.26 12.72 12.96
N ILE C 454 1.26 11.74 13.85
CA ILE C 454 2.45 11.37 14.61
C ILE C 454 2.90 10.00 14.13
N SER C 455 4.10 9.94 13.56
CA SER C 455 4.62 8.71 13.01
C SER C 455 6.14 8.78 12.94
N TYR C 456 6.75 7.60 12.86
CA TYR C 456 8.18 7.46 12.61
C TYR C 456 8.34 6.77 11.27
N SER C 457 9.02 7.43 10.33
CA SER C 457 9.32 6.87 9.02
C SER C 457 10.80 7.02 8.71
N PRO C 458 11.63 6.06 9.10
CA PRO C 458 13.07 6.26 9.02
C PRO C 458 13.59 6.41 7.59
N LEU C 459 14.24 7.55 7.34
CA LEU C 459 14.67 7.97 6.00
C LEU C 459 13.58 7.95 4.94
N GLY C 460 12.31 7.90 5.35
CA GLY C 460 11.22 7.76 4.41
C GLY C 460 11.04 6.40 3.80
N MET C 461 11.87 5.42 4.14
CA MET C 461 11.81 4.12 3.48
C MET C 461 10.55 3.36 3.85
N CYS C 462 10.11 3.51 5.09
CA CYS C 462 9.06 2.69 5.65
C CYS C 462 8.51 3.40 6.88
N THR C 463 7.37 2.91 7.36
CA THR C 463 6.78 3.37 8.60
C THR C 463 6.93 2.27 9.62
N LEU C 464 7.46 2.60 10.78
CA LEU C 464 7.59 1.67 11.90
C LEU C 464 6.23 1.40 12.52
N ASP C 465 5.69 0.23 12.25
CA ASP C 465 4.42 -0.21 12.79
C ASP C 465 4.36 -1.71 12.56
N ARG C 466 3.36 -2.36 13.16
CA ARG C 466 3.26 -3.81 13.06
C ARG C 466 3.07 -4.35 11.65
N PRO C 467 2.50 -3.62 10.69
CA PRO C 467 2.54 -4.09 9.31
C PRO C 467 3.93 -4.27 8.72
N LEU C 468 4.95 -3.62 9.29
CA LEU C 468 6.32 -3.87 8.87
C LEU C 468 6.81 -5.25 9.28
N ILE C 469 6.32 -5.79 10.39
CA ILE C 469 6.58 -7.18 10.74
C ILE C 469 6.07 -8.13 9.67
N VAL C 470 4.82 -7.97 9.26
CA VAL C 470 4.24 -8.83 8.24
C VAL C 470 5.02 -8.75 6.93
N THR C 471 5.46 -7.55 6.58
CA THR C 471 6.26 -7.36 5.37
C THR C 471 7.62 -8.08 5.47
N VAL C 472 8.32 -7.90 6.58
CA VAL C 472 9.61 -8.54 6.78
C VAL C 472 9.48 -10.06 6.84
N LEU C 473 8.54 -10.57 7.62
CA LEU C 473 8.37 -12.01 7.76
C LEU C 473 7.89 -12.67 6.48
N GLY C 474 7.07 -12.00 5.68
CA GLY C 474 6.71 -12.53 4.37
C GLY C 474 7.86 -12.65 3.40
N ALA C 475 8.78 -11.69 3.42
CA ALA C 475 10.02 -11.80 2.65
C ALA C 475 10.90 -12.93 3.16
N VAL C 476 11.16 -12.95 4.45
CA VAL C 476 11.96 -14.02 5.06
C VAL C 476 11.45 -15.39 4.64
N THR C 477 10.15 -15.65 4.77
CA THR C 477 9.62 -16.95 4.39
C THR C 477 9.63 -17.18 2.88
N THR C 478 9.50 -16.13 2.07
CA THR C 478 9.67 -16.27 0.64
C THR C 478 11.08 -16.73 0.26
N TYR C 479 12.10 -16.05 0.80
CA TYR C 479 13.47 -16.47 0.53
C TYR C 479 13.80 -17.84 1.08
N LEU C 480 13.35 -18.14 2.30
CA LEU C 480 13.59 -19.47 2.87
C LEU C 480 12.91 -20.57 2.06
N VAL C 481 11.68 -20.34 1.62
CA VAL C 481 11.03 -21.33 0.76
C VAL C 481 11.79 -21.52 -0.54
N ILE C 482 12.33 -20.44 -1.10
CA ILE C 482 13.20 -20.59 -2.26
C ILE C 482 14.50 -21.29 -1.91
N LEU C 483 15.19 -20.80 -0.87
CA LEU C 483 16.51 -21.35 -0.55
C LEU C 483 16.43 -22.78 -0.02
N ILE C 484 15.46 -23.05 0.87
CA ILE C 484 15.44 -24.36 1.53
C ILE C 484 14.96 -25.45 0.58
N GLN C 485 14.01 -25.13 -0.29
CA GLN C 485 13.36 -26.19 -1.06
C GLN C 485 14.32 -26.87 -2.01
N PHE C 486 15.48 -26.26 -2.27
CA PHE C 486 16.55 -26.90 -3.04
C PHE C 486 17.92 -26.35 -2.67
N CYS D 58 11.34 34.64 -21.18
CA CYS D 58 11.65 33.67 -20.14
C CYS D 58 13.14 33.70 -19.80
N LEU D 59 13.46 33.53 -18.52
CA LEU D 59 14.83 33.50 -18.05
C LEU D 59 15.03 32.33 -17.11
N VAL D 60 16.26 31.81 -17.08
CA VAL D 60 16.61 30.68 -16.23
C VAL D 60 18.05 30.86 -15.78
N GLY D 61 18.36 30.33 -14.59
CA GLY D 61 19.68 30.48 -14.01
C GLY D 61 20.14 29.21 -13.31
N GLY D 62 21.33 29.29 -12.74
CA GLY D 62 21.95 28.27 -11.90
C GLY D 62 22.24 26.96 -12.59
N ALA D 63 22.24 25.89 -11.78
CA ALA D 63 22.49 24.54 -12.28
C ALA D 63 21.39 24.03 -13.21
N HIS D 64 20.17 24.52 -13.06
CA HIS D 64 19.14 24.24 -14.05
C HIS D 64 19.51 24.82 -15.41
N ALA D 65 19.88 26.10 -15.46
CA ALA D 65 20.36 26.68 -16.72
C ALA D 65 21.62 26.00 -17.24
N PHE D 66 22.49 25.54 -16.35
CA PHE D 66 23.71 24.87 -16.78
C PHE D 66 23.46 23.51 -17.43
N ILE D 67 22.61 22.69 -16.81
CA ILE D 67 22.23 21.41 -17.40
C ILE D 67 21.47 21.58 -18.71
N LEU D 68 20.78 22.71 -18.90
CA LEU D 68 20.14 22.96 -20.20
C LEU D 68 21.16 23.25 -21.30
N LYS D 69 22.25 23.91 -20.97
CA LYS D 69 23.36 24.04 -21.91
C LYS D 69 23.92 22.68 -22.31
N ILE D 70 24.26 21.85 -21.33
CA ILE D 70 24.73 20.50 -21.60
C ILE D 70 23.72 19.71 -22.40
N SER D 71 22.45 19.76 -21.99
CA SER D 71 21.40 19.03 -22.70
C SER D 71 21.18 19.52 -24.12
N SER D 72 21.51 20.77 -24.43
CA SER D 72 21.30 21.27 -25.79
C SER D 72 22.10 20.46 -26.81
N PHE D 73 23.35 20.15 -26.50
CA PHE D 73 24.18 19.39 -27.43
C PHE D 73 23.66 17.97 -27.64
N CYS D 74 23.12 17.36 -26.59
CA CYS D 74 22.42 16.08 -26.69
C CYS D 74 21.11 16.15 -27.47
N GLY D 75 20.62 17.34 -27.76
CA GLY D 75 19.27 17.51 -28.29
C GLY D 75 18.13 17.31 -27.32
N LEU D 76 18.41 17.34 -26.03
CA LEU D 76 17.38 17.26 -25.00
C LEU D 76 16.79 18.61 -24.63
N ALA D 77 17.41 19.70 -25.09
CA ALA D 77 16.92 21.05 -24.83
C ALA D 77 17.17 21.93 -26.05
N PRO D 78 16.33 21.79 -27.08
CA PRO D 78 16.53 22.57 -28.31
C PRO D 78 16.25 24.05 -28.14
N LEU D 79 17.15 24.74 -27.45
CA LEU D 79 16.94 26.11 -27.01
C LEU D 79 18.06 26.98 -27.55
N ARG D 80 17.75 28.25 -27.82
CA ARG D 80 18.75 29.30 -27.82
C ARG D 80 18.92 29.91 -26.43
N PHE D 81 20.12 30.42 -26.17
CA PHE D 81 20.48 31.05 -24.91
C PHE D 81 21.12 32.40 -25.16
N GLU D 82 20.73 33.38 -24.34
CA GLU D 82 21.13 34.78 -24.51
C GLU D 82 21.60 35.31 -23.15
N PRO D 83 22.91 35.45 -22.93
CA PRO D 83 23.41 35.64 -21.56
C PRO D 83 23.07 37.02 -21.01
N ARG D 84 22.43 37.02 -19.85
CA ARG D 84 22.24 38.22 -19.05
C ARG D 84 23.23 38.22 -17.88
N SER D 85 22.95 39.01 -16.85
CA SER D 85 23.89 39.17 -15.74
C SER D 85 24.04 37.89 -14.94
N GLN D 86 22.91 37.25 -14.61
CA GLN D 86 22.91 36.03 -13.81
C GLN D 86 22.04 34.96 -14.45
N GLU D 87 21.51 35.23 -15.64
CA GLU D 87 20.48 34.40 -16.24
C GLU D 87 20.68 34.41 -17.75
N TYR D 88 20.05 33.45 -18.41
CA TYR D 88 19.91 33.45 -19.86
C TYR D 88 18.45 33.66 -20.22
N ALA D 89 18.22 34.50 -21.23
CA ALA D 89 16.96 34.49 -21.95
C ALA D 89 16.92 33.30 -22.91
N VAL D 90 15.74 32.70 -23.04
CA VAL D 90 15.59 31.39 -23.67
C VAL D 90 14.37 31.40 -24.55
N THR D 91 14.49 30.79 -25.74
CA THR D 91 13.37 30.53 -26.61
C THR D 91 13.65 29.25 -27.37
N ILE D 92 12.57 28.63 -27.88
CA ILE D 92 12.73 27.43 -28.68
C ILE D 92 13.45 27.76 -29.98
N SER D 93 14.28 26.84 -30.45
CA SER D 93 14.87 26.92 -31.77
C SER D 93 14.49 25.69 -32.56
N LYS D 94 13.75 25.90 -33.66
CA LYS D 94 13.36 24.79 -34.52
C LYS D 94 14.56 24.14 -35.20
N GLY D 95 15.59 24.93 -35.52
CA GLY D 95 16.82 24.36 -36.02
C GLY D 95 17.51 23.38 -35.09
N LYS D 96 17.52 23.67 -33.78
CA LYS D 96 18.04 22.69 -32.85
C LYS D 96 17.13 21.49 -32.67
N CYS D 97 15.81 21.66 -32.80
CA CYS D 97 14.92 20.51 -32.85
C CYS D 97 15.24 19.62 -34.05
N PHE D 98 15.44 20.23 -35.22
CA PHE D 98 15.84 19.49 -36.40
C PHE D 98 17.16 18.75 -36.21
N TYR D 99 18.19 19.46 -35.76
CA TYR D 99 19.46 18.83 -35.38
C TYR D 99 19.26 17.70 -34.38
N SER D 100 18.46 17.94 -33.35
CA SER D 100 18.23 16.96 -32.31
C SER D 100 17.56 15.69 -32.85
N TYR D 101 16.55 15.85 -33.71
CA TYR D 101 15.89 14.69 -34.30
C TYR D 101 16.84 13.89 -35.18
N ILE D 102 17.68 14.57 -35.96
CA ILE D 102 18.69 13.88 -36.76
C ILE D 102 19.66 13.10 -35.87
N LEU D 103 20.26 13.78 -34.89
CA LEU D 103 21.31 13.19 -34.08
C LEU D 103 20.88 11.87 -33.45
N VAL D 104 19.75 11.87 -32.74
CA VAL D 104 19.30 10.65 -32.08
C VAL D 104 18.88 9.59 -33.10
N THR D 105 18.29 10.00 -34.23
CA THR D 105 17.91 9.01 -35.23
C THR D 105 19.12 8.34 -35.87
N PHE D 106 20.14 9.13 -36.20
CA PHE D 106 21.43 8.61 -36.62
C PHE D 106 22.04 7.65 -35.61
N LEU D 107 22.11 8.06 -34.34
CA LEU D 107 22.69 7.20 -33.31
C LEU D 107 21.89 5.92 -33.08
N VAL D 108 20.57 5.99 -33.19
CA VAL D 108 19.75 4.78 -33.08
C VAL D 108 19.95 3.84 -34.27
N ILE D 109 20.02 4.38 -35.48
CA ILE D 109 20.35 3.54 -36.64
C ILE D 109 21.71 2.87 -36.47
N CYS D 110 22.74 3.65 -36.14
CA CYS D 110 24.06 3.07 -35.92
C CYS D 110 24.07 2.04 -34.80
N THR D 111 23.28 2.25 -33.76
CA THR D 111 23.21 1.31 -32.65
C THR D 111 22.50 0.02 -33.03
N ILE D 112 21.39 0.10 -33.74
CA ILE D 112 20.68 -1.10 -34.16
C ILE D 112 21.49 -1.91 -35.16
N TYR D 113 22.04 -1.26 -36.19
CA TYR D 113 22.89 -1.95 -37.14
C TYR D 113 24.18 -2.47 -36.50
N GLY D 114 24.71 -1.76 -35.50
CA GLY D 114 25.82 -2.30 -34.73
C GLY D 114 25.44 -3.54 -33.93
N LEU D 115 24.24 -3.54 -33.36
CA LEU D 115 23.71 -4.72 -32.69
C LEU D 115 23.53 -5.90 -33.67
N VAL D 116 22.92 -5.63 -34.82
CA VAL D 116 22.77 -6.65 -35.86
C VAL D 116 24.13 -7.23 -36.26
N ALA D 117 25.13 -6.38 -36.43
CA ALA D 117 26.46 -6.87 -36.79
C ALA D 117 27.03 -7.82 -35.74
N GLU D 118 26.95 -7.45 -34.46
CA GLU D 118 27.52 -8.31 -33.42
C GLU D 118 26.72 -9.59 -33.20
N ILE D 119 25.40 -9.56 -33.38
CA ILE D 119 24.63 -10.80 -33.45
C ILE D 119 25.09 -11.62 -34.66
N GLY D 120 25.38 -10.96 -35.78
CA GLY D 120 25.84 -11.66 -36.95
C GLY D 120 27.21 -12.31 -36.78
N VAL D 121 28.08 -11.71 -35.98
CA VAL D 121 29.32 -12.37 -35.58
C VAL D 121 29.05 -13.52 -34.62
N GLY D 122 27.87 -13.60 -34.03
CA GLY D 122 27.45 -14.77 -33.29
C GLY D 122 27.71 -14.63 -31.79
N VAL D 123 28.32 -15.65 -31.21
CA VAL D 123 28.59 -15.69 -29.78
C VAL D 123 30.06 -15.90 -29.46
N GLU D 124 30.90 -16.25 -30.43
CA GLU D 124 32.31 -16.52 -30.17
C GLU D 124 33.09 -15.22 -29.97
N LYS D 125 33.08 -14.35 -30.98
CA LYS D 125 33.85 -13.11 -30.96
C LYS D 125 33.06 -11.92 -30.43
N SER D 126 31.75 -12.04 -30.33
CA SER D 126 30.88 -10.96 -29.86
C SER D 126 30.97 -10.84 -28.35
N VAL D 127 31.87 -9.96 -27.89
CA VAL D 127 32.33 -9.96 -26.51
C VAL D 127 31.18 -9.69 -25.55
N ARG D 128 30.18 -8.94 -25.98
CA ARG D 128 28.99 -8.69 -25.16
C ARG D 128 27.99 -9.85 -25.23
N MET D 129 28.28 -10.90 -25.98
CA MET D 129 27.27 -11.84 -26.45
C MET D 129 27.82 -13.26 -26.40
N SER D 130 28.40 -13.64 -25.25
CA SER D 130 29.12 -14.90 -25.14
C SER D 130 28.20 -16.11 -25.26
N SER D 131 26.91 -15.91 -25.48
CA SER D 131 25.95 -16.99 -25.59
C SER D 131 24.71 -16.46 -26.29
N ARG D 132 23.84 -17.39 -26.70
CA ARG D 132 22.57 -17.03 -27.29
C ARG D 132 21.71 -16.17 -26.36
N MET D 133 21.64 -16.56 -25.10
CA MET D 133 20.95 -15.77 -24.09
C MET D 133 21.64 -14.42 -23.84
N SER D 134 22.97 -14.38 -23.91
CA SER D 134 23.73 -13.12 -23.78
C SER D 134 23.45 -12.16 -24.93
N GLN D 135 23.19 -12.69 -26.13
CA GLN D 135 22.67 -11.89 -27.24
C GLN D 135 21.35 -11.22 -26.89
N VAL D 136 20.39 -11.99 -26.37
CA VAL D 136 19.07 -11.43 -26.04
C VAL D 136 19.18 -10.37 -24.96
N VAL D 137 19.98 -10.63 -23.92
CA VAL D 137 20.21 -9.63 -22.87
C VAL D 137 20.80 -8.34 -23.44
N SER D 138 21.86 -8.46 -24.23
CA SER D 138 22.47 -7.27 -24.83
C SER D 138 21.51 -6.50 -25.74
N ALA D 139 20.69 -7.22 -26.50
CA ALA D 139 19.69 -6.57 -27.34
C ALA D 139 18.66 -5.78 -26.52
N CYS D 140 18.17 -6.35 -25.42
CA CYS D 140 17.21 -5.63 -24.59
C CYS D 140 17.84 -4.44 -23.86
N ASP D 141 19.06 -4.61 -23.34
CA ASP D 141 19.81 -3.49 -22.79
C ASP D 141 19.92 -2.34 -23.76
N ILE D 142 20.39 -2.61 -24.97
CA ILE D 142 20.47 -1.60 -26.02
C ILE D 142 19.09 -1.05 -26.37
N LEU D 143 18.08 -1.92 -26.43
CA LEU D 143 16.74 -1.49 -26.80
C LEU D 143 16.14 -0.49 -25.82
N VAL D 144 16.23 -0.75 -24.51
CA VAL D 144 15.65 0.17 -23.54
C VAL D 144 16.38 1.51 -23.50
N VAL D 145 17.70 1.51 -23.71
CA VAL D 145 18.44 2.75 -23.83
C VAL D 145 18.07 3.52 -25.08
N ALA D 146 17.95 2.84 -26.21
CA ALA D 146 17.51 3.49 -27.44
C ALA D 146 16.09 4.04 -27.34
N VAL D 147 15.22 3.32 -26.64
CA VAL D 147 13.87 3.82 -26.39
C VAL D 147 13.87 4.99 -25.41
N THR D 148 14.66 4.90 -24.34
CA THR D 148 14.73 6.01 -23.38
C THR D 148 15.32 7.27 -24.00
N ALA D 149 16.41 7.13 -24.74
CA ALA D 149 16.99 8.28 -25.44
C ALA D 149 16.07 8.80 -26.55
N GLY D 150 15.38 7.92 -27.24
CA GLY D 150 14.39 8.31 -28.22
C GLY D 150 13.25 9.14 -27.69
N VAL D 151 12.56 8.63 -26.67
CA VAL D 151 11.49 9.39 -26.02
C VAL D 151 12.04 10.69 -25.43
N GLY D 152 13.22 10.62 -24.85
CA GLY D 152 13.89 11.81 -24.35
C GLY D 152 14.06 12.91 -25.37
N VAL D 153 14.62 12.57 -26.53
CA VAL D 153 14.97 13.57 -27.54
C VAL D 153 13.80 13.94 -28.44
N TYR D 154 12.99 12.98 -28.87
CA TYR D 154 11.83 13.32 -29.67
C TYR D 154 10.77 14.10 -28.89
N GLY D 155 10.61 13.83 -27.60
CA GLY D 155 9.74 14.61 -26.72
C GLY D 155 10.27 15.94 -26.25
N ALA D 156 11.54 16.24 -26.49
CA ALA D 156 12.17 17.41 -25.88
C ALA D 156 11.60 18.75 -26.31
N PRO D 157 11.19 18.97 -27.55
CA PRO D 157 10.63 20.26 -27.92
C PRO D 157 9.33 20.59 -27.19
N ALA D 158 8.42 19.63 -27.12
CA ALA D 158 7.18 19.82 -26.38
C ALA D 158 7.44 20.04 -24.89
N ARG D 159 8.44 19.35 -24.35
CA ARG D 159 8.85 19.53 -22.96
C ARG D 159 9.43 20.92 -22.68
N MET D 160 10.23 21.45 -23.61
CA MET D 160 10.72 22.82 -23.46
C MET D 160 9.61 23.84 -23.62
N ARG D 161 8.66 23.62 -24.53
CA ARG D 161 7.51 24.50 -24.61
C ARG D 161 6.74 24.55 -23.29
N THR D 162 6.60 23.41 -22.64
CA THR D 162 6.02 23.35 -21.29
C THR D 162 6.86 24.11 -20.26
N MET D 163 8.18 23.91 -20.28
CA MET D 163 9.06 24.61 -19.35
C MET D 163 8.96 26.13 -19.49
N LEU D 164 9.05 26.62 -20.72
CA LEU D 164 8.93 28.05 -20.93
C LEU D 164 7.54 28.57 -20.64
N SER D 165 6.52 27.72 -20.72
CA SER D 165 5.18 28.12 -20.30
C SER D 165 5.10 28.36 -18.79
N TYR D 166 5.49 27.38 -17.99
CA TYR D 166 5.38 27.56 -16.54
C TYR D 166 6.45 28.47 -15.92
N MET D 167 7.63 28.57 -16.52
CA MET D 167 8.67 29.39 -15.90
C MET D 167 8.29 30.86 -15.79
N GLU D 168 7.38 31.33 -16.64
CA GLU D 168 6.87 32.69 -16.52
C GLU D 168 6.08 32.91 -15.24
N ASN D 169 5.46 31.86 -14.69
CA ASN D 169 4.76 31.95 -13.41
C ASN D 169 5.71 31.84 -12.22
N ILE D 170 6.71 30.97 -12.34
CA ILE D 170 7.75 30.86 -11.31
C ILE D 170 8.47 32.19 -11.11
N VAL D 171 8.69 32.94 -12.18
CA VAL D 171 9.27 34.28 -12.05
C VAL D 171 8.41 35.18 -11.17
N ALA D 172 7.09 35.03 -11.24
CA ALA D 172 6.23 35.81 -10.36
C ALA D 172 6.37 35.38 -8.91
N VAL D 173 6.49 34.09 -8.66
CA VAL D 173 6.77 33.57 -7.32
C VAL D 173 8.11 34.08 -6.81
N ASP D 174 9.13 34.06 -7.66
CA ASP D 174 10.44 34.58 -7.29
C ASP D 174 10.39 36.04 -6.86
N ARG D 175 9.66 36.88 -7.59
CA ARG D 175 9.52 38.27 -7.15
C ARG D 175 8.89 38.38 -5.76
N GLU D 176 7.81 37.63 -5.51
CA GLU D 176 7.15 37.72 -4.21
C GLU D 176 8.06 37.25 -3.09
N LEU D 177 8.80 36.17 -3.33
CA LEU D 177 9.74 35.64 -2.35
C LEU D 177 11.07 36.40 -2.33
N GLY D 178 11.32 37.28 -3.29
CA GLY D 178 12.62 37.89 -3.42
C GLY D 178 13.72 36.93 -3.81
N ARG D 179 13.40 35.90 -4.59
CA ARG D 179 14.38 34.88 -4.93
C ARG D 179 15.59 35.48 -5.64
N HIS D 180 16.76 35.18 -5.11
CA HIS D 180 18.03 35.45 -5.78
C HIS D 180 18.88 34.19 -5.67
N HIS D 181 19.66 33.92 -6.71
CA HIS D 181 20.42 32.67 -6.78
C HIS D 181 21.65 32.77 -5.90
N SER D 182 21.74 31.90 -4.90
CA SER D 182 22.94 31.79 -4.09
C SER D 182 24.08 31.22 -4.92
N ALA D 183 25.13 32.01 -5.10
CA ALA D 183 26.30 31.55 -5.84
C ALA D 183 26.89 30.29 -5.21
N ALA D 184 27.02 30.28 -3.89
CA ALA D 184 27.51 29.11 -3.17
C ALA D 184 26.60 27.89 -3.37
N THR D 185 25.28 28.10 -3.40
CA THR D 185 24.37 26.97 -3.58
C THR D 185 24.40 26.44 -5.02
N GLU D 186 24.35 27.33 -6.01
CA GLU D 186 24.44 26.89 -7.39
C GLU D 186 25.79 26.24 -7.68
N ARG D 187 26.85 26.75 -7.06
CA ARG D 187 28.15 26.10 -7.17
C ARG D 187 28.12 24.69 -6.60
N LYS D 188 27.42 24.49 -5.48
CA LYS D 188 27.21 23.13 -4.99
C LYS D 188 26.48 22.26 -6.02
N LEU D 189 25.35 22.74 -6.53
CA LEU D 189 24.57 21.92 -7.47
C LEU D 189 25.24 21.80 -8.85
N CYS D 190 25.92 22.85 -9.30
CA CYS D 190 26.72 22.74 -10.53
C CYS D 190 27.92 21.81 -10.36
N ALA D 191 28.56 21.83 -9.20
CA ALA D 191 29.61 20.85 -8.92
C ALA D 191 29.05 19.43 -8.85
N LEU D 192 27.82 19.27 -8.37
CA LEU D 192 27.18 17.97 -8.34
C LEU D 192 26.81 17.47 -9.73
N LEU D 193 26.35 18.36 -10.60
CA LEU D 193 26.22 18.02 -12.02
C LEU D 193 27.53 17.52 -12.60
N LEU D 194 28.60 18.30 -12.44
CA LEU D 194 29.91 17.89 -12.93
C LEU D 194 30.38 16.59 -12.29
N LEU D 195 30.21 16.44 -10.98
CA LEU D 195 30.64 15.23 -10.31
C LEU D 195 29.94 14.00 -10.87
N ILE D 196 28.61 14.02 -10.92
CA ILE D 196 27.86 12.85 -11.37
C ILE D 196 28.07 12.59 -12.86
N LEU D 197 27.96 13.64 -13.67
CA LEU D 197 28.06 13.47 -15.12
C LEU D 197 29.46 13.14 -15.60
N LEU D 198 30.47 13.80 -15.05
CA LEU D 198 31.86 13.52 -15.43
C LEU D 198 32.30 12.13 -14.98
N SER D 199 31.92 11.73 -13.77
CA SER D 199 32.19 10.38 -13.30
C SER D 199 31.58 9.31 -14.20
N PHE D 200 30.35 9.52 -14.65
CA PHE D 200 29.71 8.61 -15.59
C PHE D 200 30.40 8.60 -16.95
N THR D 201 30.71 9.77 -17.49
CA THR D 201 31.45 9.86 -18.74
C THR D 201 32.78 9.11 -18.66
N ILE D 202 33.49 9.23 -17.54
CA ILE D 202 34.74 8.50 -17.33
C ILE D 202 34.52 7.00 -17.31
N LEU D 203 33.43 6.55 -16.69
CA LEU D 203 33.07 5.13 -16.72
C LEU D 203 32.75 4.62 -18.12
N LEU D 204 32.02 5.39 -18.91
CA LEU D 204 31.75 4.99 -20.29
C LEU D 204 33.02 4.83 -21.10
N VAL D 205 33.96 5.76 -20.96
CA VAL D 205 35.23 5.65 -21.66
C VAL D 205 36.00 4.40 -21.25
N ASP D 206 36.09 4.13 -19.96
CA ASP D 206 36.78 2.93 -19.50
C ASP D 206 36.12 1.66 -20.03
N ASP D 207 34.80 1.56 -19.93
CA ASP D 207 34.09 0.40 -20.47
C ASP D 207 34.36 0.23 -21.96
N PHE D 208 34.27 1.31 -22.73
CA PHE D 208 34.52 1.24 -24.17
C PHE D 208 35.97 0.88 -24.47
N CYS D 209 36.91 1.54 -23.81
CA CYS D 209 38.32 1.21 -24.01
C CYS D 209 38.64 -0.23 -23.64
N PHE D 210 38.06 -0.72 -22.55
CA PHE D 210 38.27 -2.11 -22.15
C PHE D 210 37.81 -3.09 -23.23
N TYR D 211 36.55 -3.00 -23.64
CA TYR D 211 36.05 -3.95 -24.63
C TYR D 211 36.72 -3.79 -26.00
N ALA D 212 37.08 -2.57 -26.37
CA ALA D 212 37.85 -2.37 -27.60
C ALA D 212 39.23 -3.00 -27.51
N MET D 213 39.90 -2.86 -26.36
CA MET D 213 41.20 -3.51 -26.19
C MET D 213 41.04 -5.02 -26.07
N GLN D 214 39.98 -5.49 -25.41
CA GLN D 214 39.73 -6.93 -25.37
C GLN D 214 39.58 -7.50 -26.77
N ALA D 215 38.87 -6.79 -27.66
CA ALA D 215 38.85 -7.14 -29.07
C ALA D 215 40.12 -6.73 -29.81
N GLY D 216 40.78 -5.65 -29.35
CA GLY D 216 42.02 -5.21 -29.96
C GLY D 216 43.12 -6.23 -29.86
N LYS D 217 43.08 -7.07 -28.83
CA LYS D 217 43.98 -8.20 -28.73
C LYS D 217 43.83 -9.16 -29.90
N THR D 218 42.73 -9.09 -30.66
CA THR D 218 42.57 -9.88 -31.87
C THR D 218 42.28 -9.01 -33.10
N GLY D 219 42.72 -7.76 -33.08
CA GLY D 219 42.66 -6.87 -34.22
C GLY D 219 41.30 -6.37 -34.63
N ARG D 220 40.24 -6.69 -33.88
CA ARG D 220 38.87 -6.43 -34.29
C ARG D 220 38.31 -5.15 -33.67
N GLN D 221 39.17 -4.33 -33.07
CA GLN D 221 38.73 -3.17 -32.30
C GLN D 221 37.98 -2.15 -33.14
N TRP D 222 38.41 -1.92 -34.39
CA TRP D 222 37.74 -0.93 -35.22
C TRP D 222 36.29 -1.32 -35.52
N GLU D 223 36.02 -2.61 -35.67
CA GLU D 223 34.64 -3.07 -35.83
C GLU D 223 33.82 -2.89 -34.55
N ILE D 224 34.40 -3.22 -33.40
CA ILE D 224 33.77 -2.92 -32.11
C ILE D 224 33.47 -1.44 -31.96
N VAL D 225 34.40 -0.57 -32.33
CA VAL D 225 34.14 0.87 -32.32
C VAL D 225 32.94 1.22 -33.18
N THR D 226 32.91 0.75 -34.42
CA THR D 226 31.77 1.04 -35.30
C THR D 226 30.48 0.45 -34.77
N ASN D 227 30.53 -0.64 -34.04
CA ASN D 227 29.31 -1.32 -33.60
C ASN D 227 28.79 -0.87 -32.24
N TYR D 228 29.60 -0.21 -31.41
CA TYR D 228 29.15 0.19 -30.08
C TYR D 228 29.30 1.67 -29.73
N ALA D 229 30.03 2.46 -30.52
CA ALA D 229 30.16 3.89 -30.22
C ALA D 229 28.80 4.58 -30.08
N GLY D 230 27.85 4.24 -30.95
CA GLY D 230 26.52 4.82 -30.84
C GLY D 230 25.83 4.53 -29.52
N PHE D 231 26.00 3.31 -29.00
CA PHE D 231 25.34 2.93 -27.75
C PHE D 231 25.86 3.71 -26.55
N TYR D 232 27.16 3.98 -26.49
CA TYR D 232 27.71 4.81 -25.42
C TYR D 232 27.24 6.27 -25.47
N PHE D 233 27.01 6.83 -26.65
CA PHE D 233 26.41 8.16 -26.73
C PHE D 233 24.95 8.17 -26.26
N LEU D 234 24.18 7.15 -26.60
CA LEU D 234 22.84 7.03 -26.06
C LEU D 234 22.82 6.83 -24.55
N TRP D 235 23.84 6.18 -23.98
CA TRP D 235 23.97 6.12 -22.53
C TRP D 235 24.13 7.51 -21.92
N TYR D 236 25.01 8.32 -22.50
CA TYR D 236 25.21 9.70 -22.04
C TYR D 236 23.93 10.54 -22.10
N ILE D 237 23.17 10.41 -23.18
CA ILE D 237 21.88 11.09 -23.31
C ILE D 237 20.89 10.69 -22.21
N VAL D 238 20.87 9.42 -21.83
CA VAL D 238 19.96 8.98 -20.76
C VAL D 238 20.33 9.58 -19.40
N MET D 239 21.61 9.63 -19.06
CA MET D 239 22.00 10.30 -17.82
C MET D 239 21.71 11.80 -17.83
N VAL D 240 21.99 12.48 -18.92
CA VAL D 240 21.71 13.92 -18.98
C VAL D 240 20.21 14.19 -18.83
N LEU D 241 19.38 13.31 -19.37
CA LEU D 241 17.94 13.43 -19.17
C LEU D 241 17.55 13.26 -17.70
N GLU D 242 18.18 12.33 -17.00
CA GLU D 242 17.94 12.15 -15.57
C GLU D 242 18.40 13.33 -14.74
N LEU D 243 19.54 13.90 -15.08
CA LEU D 243 20.04 15.11 -14.44
C LEU D 243 19.21 16.34 -14.78
N GLN D 244 18.68 16.40 -15.99
CA GLN D 244 17.79 17.48 -16.40
C GLN D 244 16.50 17.52 -15.57
N PHE D 245 15.92 16.36 -15.29
CA PHE D 245 14.82 16.27 -14.34
C PHE D 245 15.22 16.69 -12.93
N ALA D 246 16.25 16.06 -12.38
CA ALA D 246 16.60 16.27 -10.98
C ALA D 246 16.81 17.74 -10.67
N PHE D 247 17.60 18.41 -11.49
CA PHE D 247 17.89 19.82 -11.27
C PHE D 247 16.76 20.75 -11.71
N THR D 248 15.78 20.24 -12.46
CA THR D 248 14.51 20.95 -12.61
C THR D 248 13.65 20.82 -11.35
N ALA D 249 13.53 19.60 -10.81
CA ALA D 249 12.80 19.36 -9.57
C ALA D 249 13.42 20.04 -8.34
N LEU D 250 14.74 19.96 -8.21
CA LEU D 250 15.43 20.68 -7.14
C LEU D 250 15.31 22.19 -7.26
N SER D 251 15.22 22.71 -8.48
CA SER D 251 14.95 24.12 -8.68
C SER D 251 13.58 24.56 -8.18
N LEU D 252 12.58 23.69 -8.25
CA LEU D 252 11.30 23.97 -7.62
C LEU D 252 11.34 23.79 -6.11
N ARG D 253 11.97 22.72 -5.64
CA ARG D 253 12.10 22.46 -4.20
C ARG D 253 12.75 23.63 -3.48
N ALA D 254 13.69 24.31 -4.13
CA ALA D 254 14.29 25.51 -3.56
C ALA D 254 13.27 26.62 -3.34
N ARG D 255 12.22 26.67 -4.16
CA ARG D 255 11.20 27.69 -4.01
C ARG D 255 10.11 27.34 -2.99
N LEU D 256 9.77 26.06 -2.83
CA LEU D 256 8.99 25.63 -1.67
C LEU D 256 9.73 25.89 -0.37
N LYS D 257 11.00 25.54 -0.34
CA LYS D 257 11.84 25.79 0.81
C LYS D 257 11.85 27.27 1.17
N LEU D 258 11.96 28.13 0.17
CA LEU D 258 11.91 29.58 0.36
C LEU D 258 10.52 30.09 0.71
N PHE D 259 9.47 29.49 0.14
CA PHE D 259 8.09 29.80 0.53
C PHE D 259 7.79 29.47 1.99
N ASN D 260 8.27 28.32 2.48
CA ASN D 260 8.16 27.96 3.89
C ASN D 260 8.85 28.93 4.84
N GLU D 261 9.97 29.54 4.43
CA GLU D 261 10.61 30.53 5.29
C GLU D 261 9.82 31.82 5.38
N ALA D 262 9.17 32.24 4.30
CA ALA D 262 8.26 33.38 4.37
C ALA D 262 7.09 33.11 5.29
N LEU D 263 6.63 31.87 5.36
CA LEU D 263 5.54 31.47 6.24
C LEU D 263 5.95 31.35 7.71
N ASN D 264 7.19 30.93 8.00
CA ASN D 264 7.72 31.04 9.36
C ASN D 264 7.81 32.49 9.84
N VAL D 265 8.33 33.40 9.03
CA VAL D 265 8.42 34.79 9.46
C VAL D 265 7.05 35.44 9.56
N THR D 266 6.06 34.91 8.84
CA THR D 266 4.68 35.27 9.11
C THR D 266 4.29 34.88 10.53
N ALA D 267 4.65 33.66 10.95
CA ALA D 267 4.36 33.21 12.31
C ALA D 267 5.09 34.04 13.36
N SER D 268 6.37 34.34 13.15
CA SER D 268 7.10 35.14 14.12
C SER D 268 6.52 36.55 14.26
N GLN D 269 6.07 37.15 13.17
CA GLN D 269 5.44 38.47 13.29
C GLN D 269 4.12 38.40 14.05
N VAL D 270 3.30 37.38 13.80
CA VAL D 270 2.09 37.23 14.60
C VAL D 270 2.42 36.71 16.00
N CYS D 271 3.47 35.88 16.12
CA CYS D 271 3.90 35.41 17.42
C CYS D 271 4.49 36.55 18.25
N LYS D 272 5.28 37.41 17.62
CA LYS D 272 6.09 38.40 18.34
C LYS D 272 5.99 39.75 17.62
N PRO D 273 4.77 40.31 17.51
CA PRO D 273 4.57 41.58 16.81
C PRO D 273 5.27 42.75 17.48
N ALA D 312 3.65 46.13 -1.90
CA ALA D 312 4.98 45.53 -1.91
C ALA D 312 4.89 44.02 -2.14
N PHE D 313 6.01 43.43 -2.56
CA PHE D 313 6.15 41.98 -2.53
C PHE D 313 6.31 41.45 -1.10
N VAL D 314 5.86 40.21 -0.91
CA VAL D 314 5.58 39.66 0.42
C VAL D 314 6.76 39.80 1.36
N MET D 315 7.96 39.40 0.92
CA MET D 315 9.10 39.26 1.81
C MET D 315 10.33 39.97 1.26
N MET D 316 11.14 40.53 2.17
CA MET D 316 12.39 41.19 1.84
C MET D 316 13.46 40.81 2.85
N LYS D 317 14.71 41.07 2.48
CA LYS D 317 15.82 41.04 3.42
C LYS D 317 15.84 42.31 4.26
N THR D 318 16.21 42.18 5.53
CA THR D 318 16.50 43.34 6.35
C THR D 318 17.83 43.97 5.91
N ALA D 319 18.18 45.10 6.55
CA ALA D 319 19.50 45.67 6.38
C ALA D 319 20.60 44.71 6.81
N ASP D 320 20.29 43.73 7.68
CA ASP D 320 21.19 42.64 8.02
C ASP D 320 21.06 41.46 7.08
N GLY D 321 20.10 41.50 6.16
CA GLY D 321 19.87 40.38 5.27
C GLY D 321 19.00 39.27 5.81
N VAL D 322 18.47 39.40 7.02
CA VAL D 322 17.54 38.42 7.57
C VAL D 322 16.20 38.58 6.84
N PRO D 323 15.44 37.50 6.63
CA PRO D 323 14.11 37.65 6.05
C PRO D 323 13.19 38.46 6.95
N CYS D 324 12.40 39.34 6.34
CA CYS D 324 11.44 40.15 7.07
C CYS D 324 10.26 40.44 6.16
N LEU D 325 9.11 40.69 6.79
CA LEU D 325 7.84 40.74 6.09
C LEU D 325 7.40 42.19 5.89
N GLN D 326 7.07 42.55 4.64
CA GLN D 326 6.73 43.93 4.29
C GLN D 326 5.24 44.20 4.36
N VAL D 327 4.43 43.20 4.67
CA VAL D 327 2.97 43.31 4.66
C VAL D 327 2.41 42.64 5.91
N PRO D 328 1.19 42.99 6.30
CA PRO D 328 0.58 42.31 7.44
C PRO D 328 0.46 40.82 7.19
N PRO D 329 0.55 40.01 8.24
CA PRO D 329 0.37 38.56 8.08
C PRO D 329 -0.93 38.14 7.43
N CYS D 330 -2.01 38.90 7.64
CA CYS D 330 -3.27 38.62 6.96
C CYS D 330 -3.14 38.64 5.45
N GLU D 331 -2.41 39.61 4.90
CA GLU D 331 -2.19 39.67 3.46
C GLU D 331 -1.19 38.63 2.98
N ALA D 332 -0.10 38.45 3.74
CA ALA D 332 0.93 37.49 3.38
C ALA D 332 0.39 36.07 3.25
N VAL D 333 -0.42 35.62 4.20
CA VAL D 333 -0.96 34.27 4.12
C VAL D 333 -1.85 34.09 2.89
N GLY D 334 -2.59 35.13 2.53
CA GLY D 334 -3.40 35.08 1.32
C GLY D 334 -2.55 35.01 0.06
N ARG D 335 -1.49 35.79 0.03
CA ARG D 335 -0.56 35.83 -1.10
C ARG D 335 0.20 34.52 -1.22
N LEU D 336 0.65 33.98 -0.11
CA LEU D 336 1.34 32.69 -0.08
C LEU D 336 0.44 31.52 -0.45
N SER D 337 -0.83 31.55 -0.08
CA SER D 337 -1.78 30.53 -0.54
C SER D 337 -1.89 30.48 -2.06
N ARG D 338 -1.93 31.63 -2.72
CA ARG D 338 -1.91 31.66 -4.17
C ARG D 338 -0.62 31.09 -4.75
N MET D 339 0.52 31.43 -4.15
CA MET D 339 1.80 30.90 -4.60
C MET D 339 1.92 29.40 -4.38
N ARG D 340 1.37 28.89 -3.28
CA ARG D 340 1.30 27.45 -3.05
C ARG D 340 0.55 26.71 -4.14
N CYS D 341 -0.55 27.29 -4.63
CA CYS D 341 -1.26 26.70 -5.77
C CYS D 341 -0.42 26.68 -7.03
N THR D 342 0.26 27.79 -7.33
CA THR D 342 1.12 27.88 -8.50
C THR D 342 2.26 26.86 -8.49
N LEU D 343 2.90 26.66 -7.35
CA LEU D 343 3.96 25.66 -7.25
C LEU D 343 3.46 24.24 -7.48
N CYS D 344 2.27 23.92 -6.98
CA CYS D 344 1.69 22.60 -7.24
C CYS D 344 1.38 22.38 -8.71
N GLU D 345 0.98 23.43 -9.42
CA GLU D 345 0.72 23.34 -10.85
C GLU D 345 2.00 23.06 -11.64
N VAL D 346 3.07 23.76 -11.30
CA VAL D 346 4.38 23.54 -11.92
C VAL D 346 4.87 22.13 -11.70
N THR D 347 4.64 21.57 -10.52
CA THR D 347 4.99 20.17 -10.24
C THR D 347 4.33 19.21 -11.22
N ARG D 348 3.09 19.47 -11.59
CA ARG D 348 2.36 18.57 -12.48
C ARG D 348 2.82 18.67 -13.93
N HIS D 349 3.24 19.85 -14.38
CA HIS D 349 3.91 19.97 -15.67
C HIS D 349 5.23 19.22 -15.74
N ILE D 350 6.06 19.31 -14.69
CA ILE D 350 7.31 18.57 -14.68
C ILE D 350 7.07 17.06 -14.70
N ALA D 351 6.16 16.59 -13.85
CA ALA D 351 5.85 15.16 -13.81
C ALA D 351 5.25 14.65 -15.11
N ASP D 352 4.46 15.46 -15.80
CA ASP D 352 3.94 15.06 -17.10
C ASP D 352 5.03 15.01 -18.17
N GLY D 353 5.86 16.04 -18.24
CA GLY D 353 6.86 16.11 -19.29
C GLY D 353 7.92 15.03 -19.20
N TYR D 354 8.38 14.72 -18.00
CA TYR D 354 9.37 13.68 -17.76
C TYR D 354 8.77 12.34 -17.36
N GLY D 355 7.45 12.23 -17.31
CA GLY D 355 6.81 11.04 -16.78
C GLY D 355 7.18 9.78 -17.53
N LEU D 356 7.00 9.79 -18.86
CA LEU D 356 7.32 8.61 -19.66
C LEU D 356 8.81 8.27 -19.68
N PRO D 357 9.73 9.20 -19.88
CA PRO D 357 11.14 8.89 -19.62
C PRO D 357 11.42 8.19 -18.31
N LEU D 358 10.87 8.71 -17.21
CA LEU D 358 11.17 8.18 -15.89
C LEU D 358 10.70 6.74 -15.69
N VAL D 359 9.58 6.37 -16.31
CA VAL D 359 9.13 4.98 -16.23
C VAL D 359 10.07 4.04 -16.96
N ILE D 360 10.53 4.41 -18.15
CA ILE D 360 11.46 3.54 -18.87
C ILE D 360 12.83 3.51 -18.17
N ILE D 361 13.22 4.62 -17.56
CA ILE D 361 14.40 4.66 -16.72
C ILE D 361 14.28 3.74 -15.51
N LEU D 362 13.11 3.69 -14.89
CA LEU D 362 12.92 2.79 -13.74
C LEU D 362 12.95 1.32 -14.13
N MET D 363 12.26 0.93 -15.21
CA MET D 363 12.34 -0.46 -15.66
C MET D 363 13.77 -0.87 -16.02
N SER D 364 14.47 -0.05 -16.81
CA SER D 364 15.85 -0.39 -17.18
C SER D 364 16.77 -0.39 -15.97
N THR D 365 16.52 0.44 -14.97
CA THR D 365 17.26 0.33 -13.72
C THR D 365 17.03 -1.04 -13.09
N LEU D 366 15.76 -1.43 -12.95
CA LEU D 366 15.41 -2.74 -12.41
C LEU D 366 16.01 -3.88 -13.22
N LEU D 367 15.90 -3.82 -14.55
CA LEU D 367 16.53 -4.81 -15.41
C LEU D 367 18.02 -4.92 -15.17
N HIS D 368 18.72 -3.80 -15.22
CA HIS D 368 20.17 -3.78 -15.06
C HIS D 368 20.63 -4.15 -13.68
N LEU D 369 19.86 -3.86 -12.64
CA LEU D 369 20.21 -4.31 -11.30
C LEU D 369 19.99 -5.80 -11.09
N ILE D 370 19.23 -6.47 -11.94
CA ILE D 370 19.20 -7.92 -11.96
C ILE D 370 20.32 -8.48 -12.84
N VAL D 371 20.37 -8.03 -14.08
CA VAL D 371 21.30 -8.58 -15.07
C VAL D 371 22.75 -8.38 -14.66
N THR D 372 23.10 -7.20 -14.16
CA THR D 372 24.50 -6.91 -13.90
C THR D 372 25.07 -7.64 -12.69
N PRO D 373 24.40 -7.68 -11.54
CA PRO D 373 24.89 -8.54 -10.45
C PRO D 373 24.92 -10.02 -10.77
N TYR D 374 23.96 -10.51 -11.55
CA TYR D 374 23.94 -11.91 -11.94
C TYR D 374 25.21 -12.32 -12.66
N PHE D 375 25.54 -11.63 -13.75
CA PHE D 375 26.73 -11.99 -14.52
C PHE D 375 28.01 -11.65 -13.77
N LEU D 376 27.95 -10.68 -12.86
CA LEU D 376 29.05 -10.48 -11.93
C LEU D 376 29.25 -11.68 -11.02
N ILE D 377 28.17 -12.21 -10.45
CA ILE D 377 28.27 -13.36 -9.56
C ILE D 377 28.73 -14.61 -10.30
N MET D 378 28.22 -14.84 -11.52
CA MET D 378 28.71 -15.94 -12.32
C MET D 378 30.20 -15.81 -12.61
N GLU D 379 30.66 -14.59 -12.87
CA GLU D 379 32.05 -14.34 -13.22
C GLU D 379 32.98 -14.20 -12.01
N ILE D 380 32.43 -14.00 -10.81
CA ILE D 380 33.26 -14.06 -9.61
C ILE D 380 33.39 -15.46 -9.05
N ILE D 381 32.47 -16.37 -9.41
CA ILE D 381 32.64 -17.78 -9.08
C ILE D 381 33.57 -18.45 -10.08
N VAL D 382 33.38 -18.18 -11.37
CA VAL D 382 34.14 -18.81 -12.45
C VAL D 382 34.96 -17.75 -13.17
N SER D 383 36.25 -18.04 -13.34
CA SER D 383 37.21 -17.13 -13.99
C SER D 383 37.34 -15.79 -13.26
N THR D 384 37.43 -15.86 -11.94
CA THR D 384 37.56 -14.66 -11.11
C THR D 384 38.85 -13.89 -11.37
N HIS D 385 39.70 -14.41 -12.27
CA HIS D 385 40.92 -13.68 -12.65
C HIS D 385 40.67 -12.48 -13.56
N ARG D 386 39.49 -12.36 -14.17
CA ARG D 386 39.17 -11.22 -15.03
C ARG D 386 38.88 -9.95 -14.23
N LEU D 387 39.86 -9.58 -13.41
CA LEU D 387 39.68 -8.55 -12.40
C LEU D 387 39.16 -7.24 -12.98
N HIS D 388 39.66 -6.85 -14.15
CA HIS D 388 39.22 -5.60 -14.78
C HIS D 388 37.74 -5.64 -15.18
N PHE D 389 37.27 -6.79 -15.66
CA PHE D 389 35.84 -6.97 -15.91
C PHE D 389 35.01 -6.84 -14.63
N LEU D 390 35.44 -7.51 -13.57
CA LEU D 390 34.70 -7.49 -12.32
C LEU D 390 34.64 -6.08 -11.73
N VAL D 391 35.74 -5.34 -11.80
CA VAL D 391 35.73 -3.94 -11.36
C VAL D 391 34.72 -3.12 -12.12
N LEU D 392 34.74 -3.20 -13.45
CA LEU D 392 33.78 -2.44 -14.26
C LEU D 392 32.33 -2.80 -13.95
N GLN D 393 32.02 -4.10 -13.88
CA GLN D 393 30.66 -4.51 -13.58
C GLN D 393 30.21 -4.08 -12.19
N PHE D 394 31.10 -4.01 -11.22
CA PHE D 394 30.74 -3.45 -9.93
C PHE D 394 30.42 -1.96 -10.02
N LEU D 395 31.26 -1.20 -10.72
CA LEU D 395 31.01 0.22 -10.93
C LEU D 395 29.73 0.49 -11.71
N TRP D 396 29.32 -0.44 -12.59
CA TRP D 396 28.02 -0.35 -13.22
C TRP D 396 26.86 -0.60 -12.25
N CYS D 397 26.96 -1.64 -11.41
CA CYS D 397 25.95 -1.85 -10.37
C CYS D 397 25.78 -0.62 -9.48
N THR D 398 26.89 -0.05 -9.04
CA THR D 398 26.85 1.21 -8.30
C THR D 398 26.16 2.31 -9.08
N THR D 399 26.47 2.45 -10.36
CA THR D 399 25.87 3.49 -11.19
C THR D 399 24.38 3.33 -11.40
N HIS D 400 23.90 2.10 -11.55
CA HIS D 400 22.46 1.88 -11.70
C HIS D 400 21.69 2.17 -10.43
N LEU D 401 22.30 2.05 -9.26
CA LEU D 401 21.69 2.55 -8.03
C LEU D 401 21.67 4.07 -7.96
N ILE D 402 22.80 4.71 -8.25
CA ILE D 402 22.87 6.18 -8.25
C ILE D 402 21.86 6.79 -9.21
N ARG D 403 21.76 6.23 -10.42
CA ARG D 403 20.76 6.71 -11.38
C ARG D 403 19.35 6.64 -10.84
N MET D 404 19.04 5.67 -9.99
CA MET D 404 17.75 5.64 -9.33
C MET D 404 17.61 6.70 -8.26
N LEU D 405 18.65 6.88 -7.43
CA LEU D 405 18.63 7.92 -6.40
C LEU D 405 18.55 9.33 -6.98
N VAL D 406 19.25 9.57 -8.09
CA VAL D 406 19.15 10.86 -8.78
C VAL D 406 17.72 11.19 -9.15
N VAL D 407 16.92 10.19 -9.43
CA VAL D 407 15.52 10.39 -9.77
C VAL D 407 14.63 10.48 -8.53
N VAL D 408 14.71 9.55 -7.59
CA VAL D 408 13.75 9.55 -6.48
C VAL D 408 14.10 10.53 -5.36
N GLU D 409 15.35 10.90 -5.18
CA GLU D 409 15.71 11.78 -4.07
C GLU D 409 15.26 13.23 -4.23
N PRO D 410 15.40 13.85 -5.40
CA PRO D 410 14.83 15.18 -5.59
C PRO D 410 13.35 15.27 -5.32
N CYS D 411 12.62 14.21 -5.59
CA CYS D 411 11.18 14.17 -5.31
C CYS D 411 10.90 14.02 -3.82
N HIS D 412 11.58 13.10 -3.15
CA HIS D 412 11.48 12.98 -1.70
C HIS D 412 11.78 14.29 -0.98
N TYR D 413 12.85 14.97 -1.35
CA TYR D 413 13.16 16.23 -0.71
C TYR D 413 12.07 17.27 -0.94
N THR D 414 11.34 17.15 -2.05
CA THR D 414 10.18 18.02 -2.28
C THR D 414 8.98 17.65 -1.40
N MET D 415 8.75 16.37 -1.16
CA MET D 415 7.74 15.96 -0.19
C MET D 415 8.00 16.50 1.20
N ARG D 416 9.25 16.44 1.66
CA ARG D 416 9.60 16.93 2.98
C ARG D 416 9.33 18.41 3.18
N GLU D 417 9.52 19.22 2.15
CA GLU D 417 9.14 20.63 2.26
C GLU D 417 7.64 20.83 2.37
N GLY D 418 6.84 19.98 1.74
CA GLY D 418 5.40 20.04 1.95
C GLY D 418 4.96 19.68 3.35
N LYS D 419 5.52 18.60 3.89
CA LYS D 419 5.29 18.23 5.29
C LYS D 419 5.70 19.35 6.24
N ARG D 420 6.81 20.02 5.97
CA ARG D 420 7.21 21.16 6.78
C ARG D 420 6.20 22.30 6.72
N THR D 421 5.54 22.49 5.59
CA THR D 421 4.47 23.48 5.51
C THR D 421 3.31 23.13 6.45
N GLU D 422 2.91 21.85 6.47
CA GLU D 422 1.82 21.44 7.35
C GLU D 422 2.17 21.65 8.81
N ASP D 423 3.41 21.37 9.19
CA ASP D 423 3.89 21.65 10.54
C ASP D 423 3.82 23.15 10.88
N ILE D 424 4.27 23.99 9.95
CA ILE D 424 4.23 25.43 10.16
C ILE D 424 2.80 25.96 10.24
N VAL D 425 1.93 25.51 9.35
CA VAL D 425 0.55 26.00 9.34
C VAL D 425 -0.20 25.59 10.61
N CYS D 426 0.01 24.38 11.10
CA CYS D 426 -0.58 23.97 12.36
C CYS D 426 -0.13 24.89 13.49
N ARG D 427 1.17 25.06 13.64
CA ARG D 427 1.72 25.97 14.63
C ARG D 427 1.14 27.37 14.49
N LEU D 428 1.23 27.92 13.28
CA LEU D 428 0.76 29.27 12.98
C LEU D 428 -0.72 29.48 13.30
N MET D 429 -1.58 28.51 13.01
CA MET D 429 -3.00 28.66 13.30
C MET D 429 -3.42 28.35 14.73
N THR D 430 -2.55 27.81 15.58
CA THR D 430 -2.80 27.89 17.01
C THR D 430 -2.41 29.24 17.58
N LEU D 431 -1.45 29.92 16.97
CA LEU D 431 -1.04 31.24 17.39
C LEU D 431 -2.05 32.31 16.96
N ALA D 432 -2.62 32.16 15.78
CA ALA D 432 -3.55 33.14 15.27
C ALA D 432 -4.76 33.29 16.17
N PRO D 433 -5.22 34.51 16.42
CA PRO D 433 -6.33 34.71 17.35
C PRO D 433 -7.67 34.23 16.82
N HIS D 434 -8.54 33.91 17.76
CA HIS D 434 -9.88 33.41 17.46
C HIS D 434 -10.70 34.43 16.68
N GLY D 435 -11.33 33.97 15.59
CA GLY D 435 -12.25 34.77 14.81
C GLY D 435 -11.65 35.87 13.97
N GLY D 436 -10.33 36.03 13.96
CA GLY D 436 -9.70 37.03 13.14
C GLY D 436 -9.73 36.70 11.66
N VAL D 437 -9.26 37.68 10.88
CA VAL D 437 -9.07 37.50 9.44
C VAL D 437 -7.96 36.51 9.15
N LEU D 438 -6.88 36.58 9.92
CA LEU D 438 -5.73 35.69 9.72
C LEU D 438 -6.13 34.23 9.85
N SER D 439 -6.91 33.90 10.89
CA SER D 439 -7.36 32.53 11.05
C SER D 439 -8.32 32.09 9.95
N SER D 440 -9.07 33.01 9.36
CA SER D 440 -9.88 32.68 8.21
C SER D 440 -9.05 32.43 6.96
N LYS D 441 -7.94 33.15 6.80
CA LYS D 441 -6.98 32.85 5.74
C LYS D 441 -6.25 31.52 5.95
N LEU D 442 -5.98 31.15 7.20
CA LEU D 442 -5.36 29.87 7.52
C LEU D 442 -6.31 28.68 7.44
N GLU D 443 -7.61 28.90 7.63
CA GLU D 443 -8.61 27.89 7.28
C GLU D 443 -8.54 27.51 5.81
N VAL D 444 -8.36 28.50 4.93
CA VAL D 444 -8.21 28.23 3.51
C VAL D 444 -6.92 27.46 3.22
N LEU D 445 -5.79 27.97 3.67
CA LEU D 445 -4.51 27.33 3.40
C LEU D 445 -4.47 25.88 3.87
N SER D 446 -5.00 25.60 5.06
CA SER D 446 -5.08 24.23 5.55
C SER D 446 -5.95 23.32 4.69
N ARG D 447 -7.01 23.85 4.07
CA ARG D 447 -7.72 23.05 3.08
C ARG D 447 -6.88 22.81 1.83
N LEU D 448 -6.12 23.80 1.38
CA LEU D 448 -5.21 23.57 0.26
C LEU D 448 -4.20 22.46 0.55
N LEU D 449 -3.68 22.39 1.76
CA LEU D 449 -2.74 21.34 2.12
C LEU D 449 -3.38 19.96 2.09
N MET D 450 -4.65 19.87 2.49
CA MET D 450 -5.36 18.61 2.45
C MET D 450 -5.76 18.22 1.03
N LEU D 451 -6.15 19.19 0.23
CA LEU D 451 -6.54 18.93 -1.16
C LEU D 451 -5.34 18.76 -2.10
N GLN D 452 -4.53 19.81 -2.26
CA GLN D 452 -3.36 19.75 -3.13
C GLN D 452 -2.14 19.30 -2.37
N ASN D 453 -1.78 18.03 -2.56
CA ASN D 453 -0.45 17.52 -2.24
C ASN D 453 0.52 17.88 -3.36
N ILE D 454 1.81 17.86 -3.05
CA ILE D 454 2.88 18.00 -4.05
C ILE D 454 3.58 16.67 -4.18
N SER D 455 3.51 16.08 -5.37
CA SER D 455 4.10 14.77 -5.60
C SER D 455 4.35 14.59 -7.09
N TYR D 456 5.25 13.65 -7.39
CA TYR D 456 5.52 13.21 -8.75
C TYR D 456 5.10 11.75 -8.85
N SER D 457 4.16 11.45 -9.74
CA SER D 457 3.72 10.08 -9.99
C SER D 457 3.74 9.80 -11.49
N PRO D 458 4.87 9.32 -12.01
CA PRO D 458 5.01 9.22 -13.46
C PRO D 458 4.04 8.24 -14.12
N LEU D 459 3.24 8.76 -15.05
CA LEU D 459 2.14 8.04 -15.68
C LEU D 459 1.16 7.40 -14.70
N GLY D 460 1.18 7.79 -13.43
CA GLY D 460 0.37 7.16 -12.41
C GLY D 460 0.84 5.80 -11.95
N MET D 461 1.93 5.28 -12.48
CA MET D 461 2.35 3.92 -12.15
C MET D 461 2.83 3.82 -10.71
N CYS D 462 3.48 4.87 -10.23
CA CYS D 462 4.18 4.84 -8.96
C CYS D 462 4.41 6.27 -8.52
N THR D 463 4.81 6.41 -7.25
CA THR D 463 5.21 7.69 -6.70
C THR D 463 6.71 7.64 -6.49
N LEU D 464 7.40 8.65 -6.99
CA LEU D 464 8.84 8.80 -6.78
C LEU D 464 9.13 9.23 -5.36
N ASP D 465 9.62 8.29 -4.57
CA ASP D 465 9.99 8.54 -3.19
C ASP D 465 10.85 7.35 -2.77
N ARG D 466 11.48 7.45 -1.60
CA ARG D 466 12.37 6.40 -1.14
C ARG D 466 11.72 5.04 -0.93
N PRO D 467 10.43 4.91 -0.64
CA PRO D 467 9.80 3.59 -0.68
C PRO D 467 9.85 2.89 -2.02
N LEU D 468 10.05 3.61 -3.12
CA LEU D 468 10.25 2.98 -4.41
C LEU D 468 11.59 2.26 -4.51
N ILE D 469 12.61 2.75 -3.81
CA ILE D 469 13.87 2.03 -3.68
C ILE D 469 13.65 0.66 -3.04
N VAL D 470 12.96 0.63 -1.91
CA VAL D 470 12.72 -0.63 -1.21
C VAL D 470 11.94 -1.60 -2.09
N THR D 471 10.97 -1.09 -2.84
CA THR D 471 10.21 -1.91 -3.77
C THR D 471 11.07 -2.50 -4.88
N VAL D 472 11.89 -1.66 -5.51
CA VAL D 472 12.78 -2.11 -6.58
C VAL D 472 13.82 -3.09 -6.07
N LEU D 473 14.49 -2.76 -4.97
CA LEU D 473 15.53 -3.64 -4.44
C LEU D 473 14.98 -4.96 -3.91
N GLY D 474 13.78 -4.97 -3.35
CA GLY D 474 13.15 -6.23 -2.98
C GLY D 474 12.84 -7.15 -4.14
N ALA D 475 12.41 -6.59 -5.26
CA ALA D 475 12.25 -7.35 -6.48
C ALA D 475 13.58 -7.88 -7.01
N VAL D 476 14.56 -6.99 -7.15
CA VAL D 476 15.89 -7.37 -7.61
C VAL D 476 16.43 -8.56 -6.81
N THR D 477 16.37 -8.48 -5.48
CA THR D 477 16.87 -9.59 -4.66
C THR D 477 16.00 -10.83 -4.74
N THR D 478 14.70 -10.68 -4.94
CA THR D 478 13.84 -11.83 -5.19
C THR D 478 14.23 -12.57 -6.46
N TYR D 479 14.37 -11.85 -7.57
CA TYR D 479 14.79 -12.48 -8.82
C TYR D 479 16.19 -13.08 -8.74
N LEU D 480 17.14 -12.35 -8.15
CA LEU D 480 18.49 -12.88 -7.99
C LEU D 480 18.52 -14.12 -7.13
N VAL D 481 17.78 -14.15 -6.03
CA VAL D 481 17.70 -15.36 -5.21
C VAL D 481 17.12 -16.53 -6.01
N ILE D 482 16.12 -16.25 -6.86
CA ILE D 482 15.62 -17.30 -7.73
C ILE D 482 16.66 -17.67 -8.80
N LEU D 483 17.20 -16.68 -9.50
CA LEU D 483 18.11 -16.98 -10.60
C LEU D 483 19.43 -17.55 -10.12
N ILE D 484 20.00 -17.00 -9.05
CA ILE D 484 21.34 -17.41 -8.65
C ILE D 484 21.31 -18.79 -8.00
N GLN D 485 20.28 -19.08 -7.22
CA GLN D 485 20.32 -20.27 -6.39
C GLN D 485 20.36 -21.55 -7.23
N PHE D 486 20.02 -21.45 -8.51
CA PHE D 486 20.19 -22.57 -9.44
C PHE D 486 20.40 -22.09 -10.88
#